data_4GS8
#
_entry.id   4GS8
#
_cell.length_a   263.553
_cell.length_b   263.553
_cell.length_c   91.095
_cell.angle_alpha   90.00
_cell.angle_beta   90.00
_cell.angle_gamma   120.00
#
_symmetry.space_group_name_H-M   'P 65'
#
loop_
_entity.id
_entity.type
_entity.pdbx_description
1 polymer 'Insulin-degrading enzyme'
2 non-polymer N-(carboxymethyl)-N-(3-phenylpropyl)glycyl-N-methyl-L-histidinamide
3 non-polymer 'ZINC ION'
4 water water
#
_entity_poly.entity_id   1
_entity_poly.type   'polypeptide(L)'
_entity_poly.pdbx_seq_one_letter_code
;MHHHHHHAAGIPMNNPAIKRIGNHITKSPEDKREYRGLELANGIKVLLISDPTTDKSSAALDVHIGSLSDPPNIAGLSHF
LQHMLFLGTKKYPKENEYSQFLSEHAGSSNAFTSGEHTNYYFDVSHEHLEGALDRFAQFFLSPLFDESAKDREVNAVDSE
HEKNVMNDAWRLFQLEKATGNPKHPFSKFGTGNKYTLETRPNQEGIDVRQELLKFHSAYYSSNLMAVVVLGRESLDDLTN
LVVKLFSEVENKNVPLPEFPEHPFQEEHLKQLYKIVPIKDIRNLYVTFPIPDLQKYYKSNPGHYLGHLIGHEGPGSLLSE
LKSKGWVNTLVGGQKEGARGFMFFIINVDLTEEGLLHVEDIILHMFQYIQKLRAEGPQEWVFQELKDLNAVAFRFKDKER
PRGYTSKIAGILHYYPLEEVLTAEYLLEEFRPDLIEMVLDKLRPENVRVAIVSKSFEGKTDRTEEWYGTQYKQEAIPDEV
IKKWQNADLNGKFKLPTKNEFIPTNFEILPLEKEATPYPALIKDTAMSKLWFKQDDKFFLPKANLNFEFFSPFAYVDPLH
SNMAYLYLELLKDSLNEYAYAAELAGLSYDLQNTIYGMYLSVKGYNDKQPILLKKIIEKMATFEIDEKRFEIIKEAYMRS
LNNFRAEQPHQHAMYYLRLLMTEVAWTKDELKEALDDVTLPRLKAFIPQLLSRLHIEALLHGNITKQAALGIMQMVEDTL
IEHAHTKPLLPSQLVRYREVQLPDRGWFVYQQRNEVHNNSGIEIYYQTDMQSTSENMFLELFAQIISEPAFNTLRTKEQL
GYIVFSGPRRANGIQGLRFIIQSEKPPHYLESRVEAFLITMEKSIEDMTEEAFQKHIQALAIRRLDKPKKLSAESAKYWG
EIISQQYNFDRDNTEVAYLKTLTKEDIIKFYKEMLAVDAPRRHKVSVHVLAREMDSNPVVGEFPAQNDINLSQAPALPQP
EVIQNMTEFKRGLPLFPLVKPHINFMAAKL
;
_entity_poly.pdbx_strand_id   A,B
#
# COMPACT_ATOMS: atom_id res chain seq x y z
N ASN A 14 -30.88 19.44 -19.26
CA ASN A 14 -30.51 17.99 -19.42
C ASN A 14 -29.00 17.68 -19.24
N ASN A 15 -28.65 16.37 -19.15
CA ASN A 15 -27.29 15.77 -18.96
C ASN A 15 -26.95 14.68 -20.02
N PRO A 16 -25.90 14.93 -20.84
CA PRO A 16 -25.41 14.01 -21.88
C PRO A 16 -25.06 12.58 -21.40
N ALA A 17 -24.57 12.45 -20.16
CA ALA A 17 -24.10 11.15 -19.63
C ALA A 17 -25.21 10.17 -19.25
N ILE A 18 -26.38 10.71 -18.90
CA ILE A 18 -27.52 9.95 -18.48
C ILE A 18 -28.54 9.82 -19.62
N LYS A 19 -29.06 8.62 -19.88
CA LYS A 19 -30.11 8.44 -20.91
C LYS A 19 -31.50 8.73 -20.36
N ARG A 20 -31.80 8.34 -19.13
CA ARG A 20 -33.01 8.74 -18.42
C ARG A 20 -32.96 8.41 -16.93
N ILE A 21 -33.83 9.07 -16.20
CA ILE A 21 -34.03 8.85 -14.79
C ILE A 21 -35.41 8.23 -14.76
N GLY A 22 -35.55 7.13 -14.04
CA GLY A 22 -36.85 6.51 -13.99
C GLY A 22 -37.71 7.35 -13.07
N ASN A 23 -39.02 7.07 -13.09
CA ASN A 23 -39.93 7.67 -12.12
C ASN A 23 -39.76 7.03 -10.72
N HIS A 24 -40.52 7.51 -9.73
CA HIS A 24 -40.53 7.00 -8.36
C HIS A 24 -40.26 5.47 -8.26
N ILE A 25 -39.26 5.04 -7.49
CA ILE A 25 -39.05 3.61 -7.30
C ILE A 25 -39.91 3.10 -6.14
N THR A 26 -40.84 2.17 -6.41
CA THR A 26 -41.82 1.72 -5.42
C THR A 26 -41.17 0.91 -4.36
N LYS A 27 -41.24 1.38 -3.13
CA LYS A 27 -40.67 0.68 -1.97
C LYS A 27 -41.76 0.37 -0.95
N SER A 28 -41.45 -0.50 0.01
CA SER A 28 -42.38 -0.69 1.11
C SER A 28 -42.49 0.59 1.93
N PRO A 29 -43.69 0.90 2.45
CA PRO A 29 -43.83 2.17 3.20
C PRO A 29 -43.07 2.19 4.54
N GLU A 30 -42.60 1.03 5.00
CA GLU A 30 -41.70 0.93 6.15
C GLU A 30 -40.22 1.15 5.79
N ASP A 31 -39.89 1.18 4.49
CA ASP A 31 -38.50 1.35 4.05
C ASP A 31 -38.14 2.81 4.05
N LYS A 32 -37.31 3.19 5.01
CA LYS A 32 -36.91 4.59 5.18
C LYS A 32 -35.82 5.00 4.17
N ARG A 33 -35.16 4.03 3.54
CA ARG A 33 -34.10 4.28 2.56
C ARG A 33 -34.66 4.99 1.33
N GLU A 34 -33.81 5.74 0.64
CA GLU A 34 -34.22 6.45 -0.57
C GLU A 34 -33.58 5.87 -1.81
N TYR A 35 -34.29 5.98 -2.91
CA TYR A 35 -33.92 5.31 -4.14
C TYR A 35 -34.06 6.14 -5.41
N ARG A 36 -33.07 6.03 -6.29
CA ARG A 36 -33.18 6.57 -7.63
C ARG A 36 -32.66 5.54 -8.65
N GLY A 37 -33.49 5.24 -9.66
CA GLY A 37 -33.09 4.43 -10.81
C GLY A 37 -32.76 5.32 -12.00
N LEU A 38 -31.91 4.82 -12.88
CA LEU A 38 -31.52 5.58 -14.04
C LEU A 38 -30.78 4.71 -15.01
N GLU A 39 -30.60 5.17 -16.24
CA GLU A 39 -29.86 4.41 -17.26
C GLU A 39 -28.78 5.35 -17.79
N LEU A 40 -27.55 4.88 -17.80
CA LEU A 40 -26.50 5.72 -18.35
C LEU A 40 -26.62 5.87 -19.90
N ALA A 41 -25.77 6.72 -20.48
CA ALA A 41 -25.73 6.83 -21.94
C ALA A 41 -25.16 5.56 -22.58
N ASN A 42 -24.20 4.91 -21.92
CA ASN A 42 -23.69 3.65 -22.46
C ASN A 42 -24.60 2.45 -22.22
N GLY A 43 -25.73 2.65 -21.56
CA GLY A 43 -26.76 1.62 -21.53
C GLY A 43 -26.89 0.81 -20.24
N ILE A 44 -26.03 1.17 -19.28
CA ILE A 44 -25.89 0.47 -18.02
C ILE A 44 -27.05 0.92 -17.20
N LYS A 45 -27.73 -0.06 -16.63
CA LYS A 45 -28.87 0.16 -15.77
C LYS A 45 -28.38 0.37 -14.34
N VAL A 46 -28.93 1.35 -13.63
CA VAL A 46 -28.36 1.71 -12.33
C VAL A 46 -29.38 2.01 -11.24
N LEU A 47 -29.29 1.33 -10.09
CA LEU A 47 -30.08 1.73 -8.87
C LEU A 47 -29.22 2.45 -7.84
N LEU A 48 -29.71 3.55 -7.27
CA LEU A 48 -28.96 4.25 -6.20
C LEU A 48 -29.74 4.17 -4.92
N ILE A 49 -29.08 3.72 -3.88
CA ILE A 49 -29.72 3.61 -2.59
C ILE A 49 -28.99 4.52 -1.61
N SER A 50 -29.74 5.43 -0.99
CA SER A 50 -29.20 6.38 -0.02
C SER A 50 -29.77 6.02 1.34
N ASP A 51 -28.88 5.70 2.27
CA ASP A 51 -29.24 5.33 3.65
C ASP A 51 -28.29 6.06 4.58
N PRO A 52 -28.68 7.29 5.01
CA PRO A 52 -27.83 8.11 5.89
C PRO A 52 -27.52 7.44 7.21
N THR A 53 -28.33 6.50 7.68
CA THR A 53 -27.93 5.68 8.83
C THR A 53 -26.82 4.62 8.58
N THR A 54 -26.60 4.15 7.36
CA THR A 54 -25.85 2.89 7.17
C THR A 54 -24.42 2.92 7.72
N ASP A 55 -23.97 1.83 8.34
CA ASP A 55 -22.57 1.78 8.79
C ASP A 55 -21.66 1.30 7.71
N LYS A 56 -22.09 0.33 6.92
CA LYS A 56 -21.28 -0.12 5.77
C LYS A 56 -21.89 0.36 4.46
N SER A 57 -21.08 0.69 3.46
CA SER A 57 -21.63 1.01 2.16
C SER A 57 -21.32 -0.14 1.21
N SER A 58 -21.87 -0.11 0.00
CA SER A 58 -21.81 -1.25 -0.86
C SER A 58 -22.07 -0.92 -2.32
N ALA A 59 -21.54 -1.73 -3.22
CA ALA A 59 -21.90 -1.60 -4.65
C ALA A 59 -21.80 -2.97 -5.23
N ALA A 60 -22.52 -3.19 -6.33
CA ALA A 60 -22.42 -4.47 -7.02
C ALA A 60 -22.60 -4.15 -8.46
N LEU A 61 -22.06 -5.02 -9.31
CA LEU A 61 -22.28 -4.96 -10.73
C LEU A 61 -22.55 -6.38 -11.17
N ASP A 62 -23.56 -6.51 -12.01
CA ASP A 62 -23.90 -7.78 -12.60
C ASP A 62 -23.77 -7.58 -14.10
N VAL A 63 -23.16 -8.54 -14.78
CA VAL A 63 -23.01 -8.49 -16.21
C VAL A 63 -23.80 -9.64 -16.69
N HIS A 64 -24.64 -9.41 -17.69
CA HIS A 64 -25.45 -10.50 -18.21
C HIS A 64 -24.70 -11.48 -19.07
N ILE A 65 -23.51 -11.90 -18.64
CA ILE A 65 -22.83 -12.96 -19.36
C ILE A 65 -22.36 -14.02 -18.38
N GLY A 66 -22.37 -15.28 -18.79
CA GLY A 66 -21.86 -16.31 -17.89
C GLY A 66 -21.42 -17.58 -18.58
N SER A 67 -21.21 -18.65 -17.81
CA SER A 67 -20.51 -19.81 -18.34
C SER A 67 -21.15 -20.43 -19.57
N LEU A 68 -22.45 -20.15 -19.76
CA LEU A 68 -23.18 -20.61 -20.96
C LEU A 68 -22.62 -20.00 -22.24
N SER A 69 -21.85 -18.93 -22.11
CA SER A 69 -21.19 -18.24 -23.20
C SER A 69 -19.67 -18.52 -23.25
N ASP A 70 -19.22 -19.65 -22.72
CA ASP A 70 -17.81 -19.97 -22.76
C ASP A 70 -17.46 -20.41 -24.17
N PRO A 71 -16.23 -20.11 -24.64
CA PRO A 71 -15.81 -20.73 -25.90
C PRO A 71 -15.94 -22.24 -25.69
N PRO A 72 -16.43 -22.99 -26.71
CA PRO A 72 -16.65 -24.45 -26.55
C PRO A 72 -15.35 -25.14 -26.23
N ASN A 73 -14.27 -24.54 -26.68
CA ASN A 73 -12.98 -25.14 -26.54
C ASN A 73 -12.19 -24.73 -25.31
N ILE A 74 -12.75 -23.89 -24.44
CA ILE A 74 -12.06 -23.46 -23.17
C ILE A 74 -13.01 -23.37 -21.96
N ALA A 75 -13.36 -24.51 -21.37
CA ALA A 75 -14.45 -24.59 -20.41
C ALA A 75 -14.11 -23.85 -19.14
N GLY A 76 -15.08 -23.06 -18.67
CA GLY A 76 -14.94 -22.24 -17.48
C GLY A 76 -14.12 -20.98 -17.67
N LEU A 77 -14.06 -20.44 -18.89
CA LEU A 77 -13.28 -19.25 -19.10
C LEU A 77 -13.91 -18.09 -18.41
N SER A 78 -15.23 -17.96 -18.38
CA SER A 78 -15.79 -16.83 -17.64
C SER A 78 -15.67 -16.95 -16.12
N HIS A 79 -15.80 -18.16 -15.58
CA HIS A 79 -15.55 -18.33 -14.16
C HIS A 79 -14.09 -17.99 -13.88
N PHE A 80 -13.17 -18.36 -14.77
CA PHE A 80 -11.76 -17.98 -14.56
C PHE A 80 -11.58 -16.48 -14.62
N LEU A 81 -12.23 -15.84 -15.59
CA LEU A 81 -12.13 -14.41 -15.75
C LEU A 81 -12.63 -13.73 -14.49
N GLN A 82 -13.62 -14.32 -13.82
CA GLN A 82 -14.18 -13.73 -12.61
C GLN A 82 -13.10 -13.72 -11.51
N HIS A 83 -12.38 -14.82 -11.38
CA HIS A 83 -11.26 -14.85 -10.49
C HIS A 83 -10.22 -13.78 -10.82
N MET A 84 -9.90 -13.59 -12.09
CA MET A 84 -8.76 -12.73 -12.48
C MET A 84 -8.98 -11.25 -12.30
N LEU A 85 -10.21 -10.76 -12.42
CA LEU A 85 -10.43 -9.32 -12.24
C LEU A 85 -9.97 -8.74 -10.87
N PHE A 86 -9.99 -9.57 -9.85
CA PHE A 86 -9.56 -9.18 -8.52
C PHE A 86 -8.04 -9.00 -8.41
N LEU A 87 -7.31 -9.30 -9.47
CA LEU A 87 -5.89 -9.48 -9.32
C LEU A 87 -5.04 -8.43 -10.05
N GLY A 88 -5.61 -7.25 -10.29
CA GLY A 88 -4.85 -6.11 -10.83
C GLY A 88 -5.46 -5.42 -12.04
N THR A 89 -5.56 -4.11 -11.98
CA THR A 89 -5.98 -3.36 -13.16
C THR A 89 -4.85 -2.40 -13.52
N LYS A 90 -4.98 -1.71 -14.67
CA LYS A 90 -4.04 -0.71 -15.20
C LYS A 90 -3.83 0.41 -14.18
N LYS A 91 -4.93 0.95 -13.65
CA LYS A 91 -4.89 2.02 -12.62
C LYS A 91 -4.35 1.59 -11.22
N TYR A 92 -4.67 0.39 -10.73
CA TYR A 92 -4.20 -0.05 -9.42
C TYR A 92 -3.64 -1.40 -9.61
N PRO A 93 -2.34 -1.44 -9.94
CA PRO A 93 -1.77 -2.63 -10.54
C PRO A 93 -1.28 -3.61 -9.50
N LYS A 94 -1.34 -3.25 -8.22
CA LYS A 94 -0.78 -4.16 -7.21
C LYS A 94 -1.68 -5.38 -7.16
N GLU A 95 -1.11 -6.57 -7.20
CA GLU A 95 -1.97 -7.75 -7.27
C GLU A 95 -3.16 -7.64 -6.32
N ASN A 96 -2.93 -7.22 -5.08
CA ASN A 96 -4.02 -7.20 -4.15
C ASN A 96 -4.45 -5.85 -3.64
N GLU A 97 -4.26 -4.80 -4.45
CA GLU A 97 -4.74 -3.45 -4.07
C GLU A 97 -6.18 -3.55 -3.60
N TYR A 98 -6.97 -4.33 -4.33
CA TYR A 98 -8.36 -4.29 -4.10
C TYR A 98 -8.72 -4.93 -2.77
N SER A 99 -8.30 -6.18 -2.59
CA SER A 99 -8.68 -6.86 -1.38
C SER A 99 -8.04 -6.24 -0.13
N GLN A 100 -6.87 -5.63 -0.27
CA GLN A 100 -6.25 -4.94 0.86
C GLN A 100 -6.91 -3.58 1.20
N PHE A 101 -7.20 -2.80 0.19
CA PHE A 101 -7.98 -1.63 0.44
C PHE A 101 -9.26 -1.95 1.18
N LEU A 102 -9.93 -3.06 0.83
CA LEU A 102 -11.16 -3.43 1.51
C LEU A 102 -10.89 -3.86 2.95
N SER A 103 -9.91 -4.72 3.15
CA SER A 103 -9.54 -5.20 4.46
C SER A 103 -9.30 -4.10 5.45
N GLU A 104 -8.51 -3.11 5.02
CA GLU A 104 -8.12 -1.97 5.85
C GLU A 104 -9.20 -0.95 6.04
N HIS A 105 -10.35 -1.12 5.40
CA HIS A 105 -11.44 -0.18 5.62
C HIS A 105 -12.73 -0.89 5.92
N ALA A 106 -12.57 -2.06 6.53
CA ALA A 106 -13.65 -2.84 7.06
C ALA A 106 -14.60 -3.39 6.02
N GLY A 107 -14.10 -3.78 4.86
CA GLY A 107 -14.92 -4.37 3.82
C GLY A 107 -14.61 -5.83 3.53
N SER A 108 -15.37 -6.39 2.61
CA SER A 108 -15.24 -7.76 2.19
C SER A 108 -15.79 -7.75 0.80
N SER A 109 -15.57 -8.84 0.08
CA SER A 109 -15.97 -8.90 -1.30
C SER A 109 -16.14 -10.34 -1.82
N ASN A 110 -16.94 -10.50 -2.87
CA ASN A 110 -16.96 -11.78 -3.58
C ASN A 110 -17.62 -11.61 -4.92
N ALA A 111 -17.69 -12.72 -5.64
CA ALA A 111 -18.25 -12.78 -6.95
C ALA A 111 -18.78 -14.21 -7.16
N PHE A 112 -19.63 -14.42 -8.15
CA PHE A 112 -20.03 -15.76 -8.56
C PHE A 112 -20.37 -15.68 -10.05
N THR A 113 -20.39 -16.83 -10.75
CA THR A 113 -20.76 -16.88 -12.17
C THR A 113 -21.83 -17.93 -12.31
N SER A 114 -23.05 -17.59 -12.73
CA SER A 114 -24.12 -18.55 -13.06
C SER A 114 -24.02 -18.74 -14.56
N GLY A 115 -24.93 -19.41 -15.23
CA GLY A 115 -24.72 -19.60 -16.68
C GLY A 115 -24.90 -18.31 -17.47
N GLU A 116 -25.59 -17.31 -16.92
CA GLU A 116 -25.87 -16.10 -17.68
C GLU A 116 -25.46 -14.85 -16.97
N HIS A 117 -24.91 -14.95 -15.77
CA HIS A 117 -24.53 -13.73 -15.07
C HIS A 117 -23.21 -13.89 -14.48
N THR A 118 -22.50 -12.78 -14.41
CA THR A 118 -21.38 -12.68 -13.54
C THR A 118 -21.61 -11.51 -12.60
N ASN A 119 -21.53 -11.78 -11.29
CA ASN A 119 -21.98 -10.84 -10.26
C ASN A 119 -20.84 -10.52 -9.28
N TYR A 120 -20.52 -9.23 -9.14
CA TYR A 120 -19.37 -8.76 -8.33
C TYR A 120 -19.83 -7.74 -7.28
N TYR A 121 -19.57 -7.99 -6.02
CA TYR A 121 -20.06 -7.08 -5.02
C TYR A 121 -19.02 -6.92 -3.92
N PHE A 122 -19.11 -5.80 -3.18
CA PHE A 122 -18.28 -5.57 -2.02
C PHE A 122 -19.01 -4.69 -1.05
N ASP A 123 -18.61 -4.78 0.23
CA ASP A 123 -18.92 -3.73 1.19
C ASP A 123 -17.67 -3.04 1.79
N VAL A 124 -17.85 -1.84 2.34
CA VAL A 124 -16.74 -1.07 2.90
C VAL A 124 -17.33 -0.14 3.97
N SER A 125 -16.49 0.41 4.84
CA SER A 125 -16.90 1.46 5.81
C SER A 125 -17.49 2.65 5.07
N HIS A 126 -18.44 3.35 5.67
CA HIS A 126 -19.20 4.30 4.86
C HIS A 126 -18.40 5.49 4.36
N GLU A 127 -17.40 5.86 5.15
CA GLU A 127 -16.42 6.87 4.78
C GLU A 127 -15.57 6.56 3.55
N HIS A 128 -15.54 5.31 3.07
CA HIS A 128 -14.59 4.96 2.03
C HIS A 128 -15.21 4.35 0.84
N LEU A 129 -16.40 4.79 0.51
CA LEU A 129 -17.17 4.20 -0.57
C LEU A 129 -16.52 4.56 -1.88
N GLU A 130 -16.30 5.85 -2.09
CA GLU A 130 -15.62 6.37 -3.27
C GLU A 130 -14.28 5.67 -3.59
N GLY A 131 -13.46 5.43 -2.58
CA GLY A 131 -12.18 4.75 -2.73
C GLY A 131 -12.36 3.32 -3.14
N ALA A 132 -13.21 2.62 -2.39
CA ALA A 132 -13.63 1.24 -2.75
C ALA A 132 -14.11 1.18 -4.20
N LEU A 133 -15.04 2.06 -4.54
CA LEU A 133 -15.73 1.96 -5.78
C LEU A 133 -14.83 2.26 -6.97
N ASP A 134 -13.90 3.18 -6.79
CA ASP A 134 -13.04 3.57 -7.87
C ASP A 134 -12.16 2.37 -8.25
N ARG A 135 -11.47 1.81 -7.25
CA ARG A 135 -10.73 0.58 -7.43
C ARG A 135 -11.56 -0.46 -8.10
N PHE A 136 -12.83 -0.54 -7.75
CA PHE A 136 -13.74 -1.53 -8.26
C PHE A 136 -14.07 -1.29 -9.73
N ALA A 137 -14.43 -0.08 -10.10
CA ALA A 137 -14.78 0.13 -11.50
C ALA A 137 -13.67 -0.44 -12.42
N GLN A 138 -12.41 -0.36 -11.98
CA GLN A 138 -11.33 -0.67 -12.89
C GLN A 138 -11.38 -2.11 -13.39
N PHE A 139 -12.00 -2.99 -12.61
CA PHE A 139 -12.30 -4.33 -13.09
C PHE A 139 -12.90 -4.33 -14.51
N PHE A 140 -13.71 -3.32 -14.81
CA PHE A 140 -14.54 -3.37 -16.00
C PHE A 140 -14.04 -2.50 -17.12
N LEU A 141 -12.88 -1.92 -16.88
CA LEU A 141 -12.20 -1.09 -17.84
C LEU A 141 -10.84 -1.62 -18.24
N SER A 142 -9.95 -1.87 -17.29
CA SER A 142 -8.57 -2.20 -17.64
C SER A 142 -7.98 -3.29 -16.79
N PRO A 143 -8.59 -4.48 -16.78
CA PRO A 143 -7.91 -5.52 -16.00
C PRO A 143 -6.54 -5.91 -16.61
N LEU A 144 -5.56 -6.24 -15.79
CA LEU A 144 -4.26 -6.61 -16.33
C LEU A 144 -4.14 -8.02 -16.87
N PHE A 145 -4.95 -8.95 -16.34
CA PHE A 145 -4.67 -10.39 -16.40
C PHE A 145 -3.17 -10.74 -16.37
N ASP A 146 -2.45 -10.35 -15.31
CA ASP A 146 -1.00 -10.58 -15.24
C ASP A 146 -0.66 -12.03 -15.55
N GLU A 147 0.38 -12.26 -16.35
CA GLU A 147 0.74 -13.61 -16.78
C GLU A 147 1.07 -14.48 -15.60
N SER A 148 1.74 -13.90 -14.63
CA SER A 148 2.17 -14.61 -13.43
C SER A 148 0.98 -14.87 -12.47
N ALA A 149 0.00 -13.94 -12.44
CA ALA A 149 -1.26 -14.15 -11.71
C ALA A 149 -2.06 -15.28 -12.28
N LYS A 150 -2.21 -15.30 -13.62
CA LYS A 150 -2.90 -16.40 -14.30
C LYS A 150 -2.33 -17.78 -13.98
N ASP A 151 -1.02 -17.96 -14.13
CA ASP A 151 -0.36 -19.24 -13.78
C ASP A 151 -0.75 -19.74 -12.43
N ARG A 152 -0.81 -18.82 -11.48
CA ARG A 152 -1.07 -19.17 -10.11
C ARG A 152 -2.55 -19.41 -9.88
N GLU A 153 -3.36 -18.44 -10.24
CA GLU A 153 -4.79 -18.51 -9.93
C GLU A 153 -5.53 -19.70 -10.54
N VAL A 154 -5.03 -20.23 -11.64
CA VAL A 154 -5.64 -21.42 -12.25
C VAL A 154 -5.76 -22.57 -11.22
N ASN A 155 -4.78 -22.69 -10.31
CA ASN A 155 -4.82 -23.69 -9.23
C ASN A 155 -5.95 -23.44 -8.26
N ALA A 156 -6.22 -22.19 -7.95
CA ALA A 156 -7.35 -21.89 -7.09
C ALA A 156 -8.63 -22.45 -7.75
N VAL A 157 -8.84 -22.22 -9.03
CA VAL A 157 -9.98 -22.81 -9.71
C VAL A 157 -9.98 -24.39 -9.72
N ASP A 158 -8.82 -25.00 -9.97
CA ASP A 158 -8.72 -26.45 -9.81
C ASP A 158 -9.15 -26.98 -8.42
N SER A 159 -8.72 -26.30 -7.36
CA SER A 159 -9.24 -26.56 -6.01
C SER A 159 -10.77 -26.38 -5.86
N GLU A 160 -11.28 -25.25 -6.35
CA GLU A 160 -12.71 -25.00 -6.34
C GLU A 160 -13.43 -26.21 -6.90
N HIS A 161 -13.00 -26.72 -8.05
CA HIS A 161 -13.65 -27.89 -8.60
C HIS A 161 -13.32 -29.11 -7.78
N GLU A 162 -12.11 -29.28 -7.27
CA GLU A 162 -11.80 -30.52 -6.55
C GLU A 162 -12.73 -30.76 -5.40
N LYS A 163 -12.88 -29.74 -4.58
CA LYS A 163 -13.89 -29.63 -3.55
C LYS A 163 -15.21 -30.26 -3.94
N ASN A 164 -15.72 -29.81 -5.09
CA ASN A 164 -17.02 -30.17 -5.67
C ASN A 164 -17.14 -31.51 -6.29
N VAL A 165 -16.02 -32.08 -6.69
CA VAL A 165 -15.99 -33.36 -7.37
C VAL A 165 -16.76 -34.46 -6.65
N MET A 166 -16.57 -34.59 -5.34
CA MET A 166 -17.17 -35.70 -4.57
C MET A 166 -18.49 -35.29 -3.90
N ASN A 167 -18.97 -34.12 -4.25
CA ASN A 167 -20.23 -33.64 -3.73
C ASN A 167 -21.45 -34.06 -4.56
N ASP A 168 -22.38 -34.77 -3.91
CA ASP A 168 -23.51 -35.39 -4.60
C ASP A 168 -24.45 -34.43 -5.30
N ALA A 169 -24.61 -33.23 -4.76
CA ALA A 169 -25.38 -32.19 -5.43
C ALA A 169 -24.70 -31.65 -6.70
N TRP A 170 -23.38 -31.49 -6.70
CA TRP A 170 -22.69 -30.97 -7.89
C TRP A 170 -22.68 -31.98 -9.06
N ARG A 171 -22.49 -33.27 -8.72
CA ARG A 171 -22.51 -34.33 -9.69
C ARG A 171 -23.89 -34.43 -10.34
N LEU A 172 -24.95 -34.39 -9.53
CA LEU A 172 -26.30 -34.45 -10.10
C LEU A 172 -26.54 -33.28 -11.01
N PHE A 173 -26.06 -32.11 -10.61
CA PHE A 173 -26.24 -30.90 -11.39
C PHE A 173 -25.59 -30.99 -12.79
N GLN A 174 -24.32 -31.46 -12.87
CA GLN A 174 -23.65 -31.65 -14.18
C GLN A 174 -24.19 -32.84 -14.97
N LEU A 175 -24.57 -33.90 -14.25
CA LEU A 175 -25.15 -35.04 -14.93
C LEU A 175 -26.42 -34.65 -15.70
N GLU A 176 -27.30 -33.87 -15.10
CA GLU A 176 -28.41 -33.34 -15.85
C GLU A 176 -27.90 -32.67 -17.12
N LYS A 177 -26.85 -31.87 -17.05
CA LYS A 177 -26.38 -31.14 -18.25
C LYS A 177 -25.83 -32.07 -19.32
N ALA A 178 -25.34 -33.24 -18.91
CA ALA A 178 -24.72 -34.17 -19.85
C ALA A 178 -25.70 -35.15 -20.48
N THR A 179 -26.99 -35.00 -20.24
CA THR A 179 -27.95 -35.96 -20.74
C THR A 179 -29.03 -35.31 -21.61
N GLY A 180 -29.06 -33.98 -21.64
CA GLY A 180 -29.76 -33.25 -22.67
C GLY A 180 -28.88 -33.14 -23.92
N ASN A 181 -29.35 -32.33 -24.86
CA ASN A 181 -28.68 -32.22 -26.13
C ASN A 181 -27.20 -31.78 -26.01
N PRO A 182 -26.23 -32.69 -26.25
CA PRO A 182 -24.83 -32.25 -26.10
C PRO A 182 -24.47 -31.08 -27.02
N LYS A 183 -25.12 -30.96 -28.18
CA LYS A 183 -24.99 -29.76 -29.04
C LYS A 183 -25.29 -28.42 -28.34
N HIS A 184 -26.28 -28.39 -27.43
CA HIS A 184 -26.71 -27.21 -26.61
C HIS A 184 -25.65 -26.64 -25.62
N PRO A 185 -25.62 -25.31 -25.45
CA PRO A 185 -24.74 -24.71 -24.44
C PRO A 185 -25.01 -25.20 -23.01
N PHE A 186 -26.24 -25.60 -22.71
CA PHE A 186 -26.59 -26.21 -21.43
C PHE A 186 -25.63 -27.33 -21.03
N SER A 187 -25.05 -28.06 -21.97
CA SER A 187 -24.22 -29.22 -21.60
C SER A 187 -22.80 -28.86 -21.12
N LYS A 188 -22.46 -27.57 -21.11
CA LYS A 188 -21.08 -27.11 -20.80
C LYS A 188 -20.73 -27.22 -19.33
N PHE A 189 -19.44 -27.28 -19.08
CA PHE A 189 -18.85 -27.35 -17.76
C PHE A 189 -18.48 -25.91 -17.36
N GLY A 190 -19.26 -25.37 -16.41
CA GLY A 190 -19.11 -23.99 -15.94
C GLY A 190 -17.87 -23.68 -15.13
N THR A 191 -17.43 -24.65 -14.34
CA THR A 191 -16.41 -24.40 -13.37
C THR A 191 -15.02 -24.32 -14.00
N GLY A 192 -14.67 -25.27 -14.85
CA GLY A 192 -13.31 -25.35 -15.39
C GLY A 192 -12.40 -26.00 -14.38
N ASN A 193 -11.26 -26.50 -14.84
CA ASN A 193 -10.22 -26.95 -13.91
C ASN A 193 -8.82 -26.68 -14.45
N LYS A 194 -7.80 -27.25 -13.83
CA LYS A 194 -6.40 -27.02 -14.26
C LYS A 194 -6.29 -27.51 -15.69
N TYR A 195 -6.96 -28.64 -15.94
CA TYR A 195 -6.89 -29.27 -17.21
C TYR A 195 -7.44 -28.36 -18.30
N THR A 196 -8.69 -27.91 -18.16
CA THR A 196 -9.39 -27.17 -19.22
C THR A 196 -8.91 -25.71 -19.39
N LEU A 197 -8.20 -25.23 -18.37
CA LEU A 197 -7.79 -23.85 -18.35
C LEU A 197 -6.28 -23.67 -18.63
N GLU A 198 -5.48 -24.70 -18.41
CA GLU A 198 -4.03 -24.60 -18.69
C GLU A 198 -3.54 -25.79 -19.54
N THR A 199 -3.40 -26.96 -18.92
CA THR A 199 -2.94 -28.15 -19.61
C THR A 199 -3.43 -28.18 -21.05
N ARG A 200 -4.74 -28.17 -21.24
CA ARG A 200 -5.22 -28.39 -22.56
C ARG A 200 -5.07 -27.16 -23.47
N PRO A 201 -5.38 -25.95 -22.97
CA PRO A 201 -5.12 -24.82 -23.87
C PRO A 201 -3.65 -24.69 -24.27
N ASN A 202 -2.75 -25.27 -23.48
CA ASN A 202 -1.34 -25.14 -23.84
C ASN A 202 -1.01 -26.10 -24.95
N GLN A 203 -1.46 -27.35 -24.80
CA GLN A 203 -1.39 -28.35 -25.83
C GLN A 203 -1.87 -27.83 -27.18
N GLU A 204 -2.89 -26.99 -27.17
CA GLU A 204 -3.50 -26.56 -28.42
C GLU A 204 -3.05 -25.15 -28.79
N GLY A 205 -1.91 -24.74 -28.23
CA GLY A 205 -1.29 -23.44 -28.58
C GLY A 205 -2.11 -22.18 -28.35
N ILE A 206 -3.04 -22.23 -27.40
CA ILE A 206 -3.79 -21.07 -26.94
C ILE A 206 -3.01 -20.22 -25.92
N ASP A 207 -3.06 -18.93 -26.14
CA ASP A 207 -2.56 -17.97 -25.19
C ASP A 207 -3.75 -17.45 -24.37
N VAL A 208 -3.84 -17.95 -23.15
CA VAL A 208 -5.01 -17.67 -22.36
C VAL A 208 -5.10 -16.20 -21.98
N ARG A 209 -3.97 -15.53 -21.76
CA ARG A 209 -4.10 -14.10 -21.56
C ARG A 209 -4.81 -13.44 -22.74
N GLN A 210 -4.53 -13.83 -23.99
CA GLN A 210 -5.27 -13.19 -25.09
C GLN A 210 -6.77 -13.44 -24.93
N GLU A 211 -7.11 -14.73 -24.72
CA GLU A 211 -8.48 -15.24 -24.67
C GLU A 211 -9.29 -14.61 -23.54
N LEU A 212 -8.67 -14.37 -22.39
CA LEU A 212 -9.24 -13.50 -21.39
C LEU A 212 -9.40 -12.02 -21.87
N LEU A 213 -8.33 -11.37 -22.37
CA LEU A 213 -8.54 -10.05 -22.98
C LEU A 213 -9.62 -10.10 -24.07
N LYS A 214 -9.69 -11.17 -24.88
CA LYS A 214 -10.68 -11.24 -25.97
C LYS A 214 -12.13 -11.32 -25.42
N PHE A 215 -12.39 -12.33 -24.59
CA PHE A 215 -13.68 -12.48 -23.88
C PHE A 215 -14.12 -11.25 -23.05
N HIS A 216 -13.17 -10.58 -22.42
CA HIS A 216 -13.50 -9.45 -21.59
C HIS A 216 -14.03 -8.35 -22.49
N SER A 217 -13.36 -8.22 -23.64
CA SER A 217 -13.51 -7.10 -24.54
C SER A 217 -14.74 -7.29 -25.42
N ALA A 218 -14.99 -8.53 -25.81
CA ALA A 218 -16.21 -8.93 -26.53
C ALA A 218 -17.44 -8.74 -25.65
N TYR A 219 -17.43 -9.28 -24.41
CA TYR A 219 -18.67 -9.36 -23.62
C TYR A 219 -18.84 -8.44 -22.43
N TYR A 220 -17.76 -7.94 -21.87
CA TYR A 220 -17.97 -7.02 -20.77
C TYR A 220 -18.37 -5.68 -21.37
N SER A 221 -19.53 -5.63 -22.00
CA SER A 221 -19.97 -4.45 -22.69
C SER A 221 -20.92 -3.67 -21.80
N SER A 222 -20.87 -2.36 -21.84
CA SER A 222 -21.82 -1.59 -21.02
C SER A 222 -23.32 -1.94 -21.23
N ASN A 223 -23.74 -2.24 -22.45
CA ASN A 223 -25.20 -2.48 -22.67
C ASN A 223 -25.73 -3.67 -21.87
N LEU A 224 -24.80 -4.47 -21.34
CA LEU A 224 -25.13 -5.70 -20.65
C LEU A 224 -24.85 -5.68 -19.15
N MET A 225 -24.87 -4.49 -18.53
CA MET A 225 -24.46 -4.31 -17.13
C MET A 225 -25.43 -3.56 -16.29
N ALA A 226 -25.56 -4.00 -15.05
CA ALA A 226 -26.39 -3.33 -14.07
C ALA A 226 -25.50 -3.06 -12.87
N VAL A 227 -25.52 -1.84 -12.36
CA VAL A 227 -24.83 -1.45 -11.13
C VAL A 227 -25.82 -0.99 -10.09
N VAL A 228 -25.57 -1.33 -8.82
CA VAL A 228 -26.29 -0.75 -7.71
C VAL A 228 -25.32 -0.18 -6.66
N VAL A 229 -25.61 1.04 -6.18
CA VAL A 229 -24.79 1.58 -5.14
C VAL A 229 -25.62 2.09 -3.97
N LEU A 230 -25.12 1.79 -2.76
CA LEU A 230 -25.77 2.13 -1.51
C LEU A 230 -24.75 2.83 -0.60
N GLY A 231 -25.09 4.00 -0.04
CA GLY A 231 -24.14 4.84 0.71
C GLY A 231 -24.84 5.92 1.52
N ARG A 232 -24.10 6.65 2.35
CA ARG A 232 -24.75 7.74 3.12
C ARG A 232 -25.10 8.97 2.25
N GLU A 233 -24.35 9.21 1.19
CA GLU A 233 -24.52 10.37 0.31
C GLU A 233 -25.93 10.52 -0.16
N SER A 234 -26.32 11.74 -0.50
CA SER A 234 -27.61 12.00 -1.16
C SER A 234 -27.72 11.26 -2.51
N LEU A 235 -28.94 11.17 -3.03
CA LEU A 235 -29.15 10.61 -4.37
C LEU A 235 -28.40 11.40 -5.47
N ASP A 236 -28.44 12.74 -5.39
CA ASP A 236 -27.62 13.58 -6.31
C ASP A 236 -26.11 13.25 -6.21
N ASP A 237 -25.61 13.11 -4.98
CA ASP A 237 -24.20 12.75 -4.80
C ASP A 237 -23.84 11.39 -5.38
N LEU A 238 -24.59 10.37 -5.06
CA LEU A 238 -24.40 9.07 -5.70
C LEU A 238 -24.49 9.14 -7.24
N THR A 239 -25.50 9.79 -7.79
CA THR A 239 -25.59 9.97 -9.25
C THR A 239 -24.25 10.46 -9.87
N ASN A 240 -23.79 11.66 -9.46
CA ASN A 240 -22.53 12.24 -9.94
C ASN A 240 -21.36 11.27 -9.91
N LEU A 241 -21.23 10.63 -8.75
CA LEU A 241 -20.31 9.53 -8.51
C LEU A 241 -20.42 8.39 -9.49
N VAL A 242 -21.63 7.89 -9.74
CA VAL A 242 -21.75 6.72 -10.62
C VAL A 242 -21.38 7.10 -12.03
N VAL A 243 -22.01 8.18 -12.52
CA VAL A 243 -21.71 8.80 -13.82
C VAL A 243 -20.21 8.97 -14.04
N LYS A 244 -19.53 9.63 -13.09
CA LYS A 244 -18.08 9.79 -13.08
C LYS A 244 -17.44 8.45 -13.33
N LEU A 245 -17.48 7.53 -12.37
CA LEU A 245 -16.72 6.24 -12.49
C LEU A 245 -17.12 5.26 -13.56
N PHE A 246 -18.32 5.38 -14.14
CA PHE A 246 -18.87 4.32 -15.02
C PHE A 246 -19.24 4.69 -16.47
N SER A 247 -19.24 5.98 -16.81
CA SER A 247 -19.55 6.42 -18.16
C SER A 247 -18.51 6.00 -19.15
N GLU A 248 -17.28 5.78 -18.69
CA GLU A 248 -16.25 5.38 -19.60
C GLU A 248 -16.22 3.90 -19.91
N VAL A 249 -17.15 3.11 -19.37
CA VAL A 249 -17.24 1.72 -19.80
C VAL A 249 -17.78 1.75 -21.19
N GLU A 250 -17.10 1.06 -22.10
CA GLU A 250 -17.40 1.17 -23.53
C GLU A 250 -18.61 0.33 -23.91
N ASN A 251 -19.48 0.89 -24.76
CA ASN A 251 -20.64 0.15 -25.28
C ASN A 251 -20.34 -0.59 -26.55
N LYS A 252 -20.33 -1.93 -26.51
CA LYS A 252 -20.08 -2.71 -27.73
C LYS A 252 -21.35 -3.28 -28.34
N ASN A 253 -22.49 -2.81 -27.86
CA ASN A 253 -23.79 -3.19 -28.39
C ASN A 253 -24.05 -4.65 -28.62
N VAL A 254 -23.59 -5.48 -27.68
CA VAL A 254 -23.65 -6.92 -27.81
C VAL A 254 -25.06 -7.44 -27.72
N PRO A 255 -25.47 -8.28 -28.70
CA PRO A 255 -26.79 -8.84 -28.56
C PRO A 255 -26.79 -9.86 -27.41
N LEU A 256 -27.74 -9.69 -26.48
CA LEU A 256 -27.91 -10.55 -25.29
C LEU A 256 -28.28 -11.99 -25.66
N PRO A 257 -27.47 -12.99 -25.23
CA PRO A 257 -27.71 -14.39 -25.64
C PRO A 257 -29.11 -14.93 -25.33
N GLU A 258 -29.72 -15.67 -26.28
CA GLU A 258 -31.01 -16.39 -26.12
C GLU A 258 -30.86 -17.88 -26.35
N PHE A 259 -31.78 -18.65 -25.81
CA PHE A 259 -31.72 -20.09 -25.93
C PHE A 259 -33.12 -20.58 -26.14
N PRO A 260 -33.70 -20.32 -27.36
CA PRO A 260 -35.10 -20.64 -27.57
C PRO A 260 -35.35 -22.17 -27.52
N GLU A 261 -34.37 -22.95 -27.97
CA GLU A 261 -34.53 -24.40 -27.99
C GLU A 261 -34.17 -25.17 -26.72
N HIS A 262 -35.15 -25.88 -26.17
CA HIS A 262 -34.96 -26.57 -24.92
C HIS A 262 -33.91 -27.66 -25.02
N PRO A 263 -33.02 -27.81 -24.02
CA PRO A 263 -31.97 -28.83 -24.17
C PRO A 263 -32.51 -30.24 -24.07
N PHE A 264 -33.74 -30.40 -23.62
CA PHE A 264 -34.35 -31.69 -23.67
C PHE A 264 -35.29 -31.71 -24.83
N GLN A 265 -34.80 -32.30 -25.91
CA GLN A 265 -35.61 -32.51 -27.08
C GLN A 265 -36.37 -33.84 -26.91
N GLU A 266 -37.09 -34.25 -27.95
CA GLU A 266 -37.98 -35.41 -27.84
C GLU A 266 -37.24 -36.63 -27.37
N GLU A 267 -36.05 -36.89 -27.91
CA GLU A 267 -35.37 -38.12 -27.56
C GLU A 267 -34.75 -38.14 -26.17
N HIS A 268 -34.74 -36.98 -25.53
CA HIS A 268 -34.34 -36.87 -24.15
C HIS A 268 -35.53 -37.07 -23.21
N LEU A 269 -36.74 -36.98 -23.72
CA LEU A 269 -37.91 -37.21 -22.88
C LEU A 269 -38.21 -38.71 -22.81
N LYS A 270 -39.01 -39.09 -21.81
CA LYS A 270 -39.23 -40.48 -21.40
C LYS A 270 -38.00 -41.33 -21.09
N GLN A 271 -36.95 -40.68 -20.62
CA GLN A 271 -35.77 -41.39 -20.19
C GLN A 271 -35.79 -41.65 -18.67
N LEU A 272 -35.14 -42.73 -18.25
CA LEU A 272 -34.98 -43.06 -16.86
C LEU A 272 -33.48 -43.19 -16.61
N TYR A 273 -32.96 -42.64 -15.51
CA TYR A 273 -31.52 -42.78 -15.25
C TYR A 273 -31.34 -43.43 -13.91
N LYS A 274 -30.40 -44.37 -13.78
CA LYS A 274 -30.07 -44.93 -12.47
C LYS A 274 -28.68 -44.46 -12.15
N ILE A 275 -28.51 -43.90 -10.95
CA ILE A 275 -27.28 -43.22 -10.57
C ILE A 275 -26.75 -43.70 -9.22
N VAL A 276 -25.43 -43.85 -9.14
CA VAL A 276 -24.74 -44.19 -7.89
C VAL A 276 -24.30 -42.92 -7.17
N PRO A 277 -24.67 -42.77 -5.90
CA PRO A 277 -24.24 -41.59 -5.15
C PRO A 277 -22.93 -41.82 -4.40
N ILE A 278 -22.40 -40.76 -3.79
CA ILE A 278 -21.25 -40.87 -2.91
C ILE A 278 -21.73 -41.19 -1.49
N LYS A 279 -22.64 -40.35 -0.99
CA LYS A 279 -23.23 -40.58 0.31
C LYS A 279 -24.24 -41.72 0.14
N ASP A 280 -24.59 -42.42 1.21
CA ASP A 280 -25.66 -43.40 1.12
C ASP A 280 -27.02 -42.71 1.20
N ILE A 281 -27.51 -42.25 0.06
CA ILE A 281 -28.80 -41.55 -0.01
C ILE A 281 -29.70 -42.21 -1.05
N ARG A 282 -31.02 -42.12 -0.87
CA ARG A 282 -32.01 -42.55 -1.88
C ARG A 282 -32.86 -41.38 -2.39
N ASN A 283 -32.86 -41.12 -3.68
CA ASN A 283 -33.68 -40.03 -4.16
C ASN A 283 -34.22 -40.26 -5.54
N LEU A 284 -35.42 -39.77 -5.74
CA LEU A 284 -36.09 -39.70 -7.02
C LEU A 284 -36.23 -38.27 -7.50
N TYR A 285 -35.75 -37.99 -8.71
CA TYR A 285 -35.90 -36.64 -9.33
C TYR A 285 -36.78 -36.74 -10.52
N VAL A 286 -38.03 -36.35 -10.40
CA VAL A 286 -38.92 -36.28 -11.55
C VAL A 286 -38.87 -34.85 -12.11
N THR A 287 -38.74 -34.74 -13.44
CA THR A 287 -38.55 -33.43 -14.11
C THR A 287 -39.21 -33.34 -15.52
N PHE A 288 -40.01 -32.30 -15.74
CA PHE A 288 -40.58 -31.95 -17.05
C PHE A 288 -39.99 -30.65 -17.63
N PRO A 289 -39.74 -30.57 -18.95
CA PRO A 289 -39.36 -29.30 -19.58
C PRO A 289 -40.56 -28.41 -19.74
N ILE A 290 -40.32 -27.13 -19.57
CA ILE A 290 -41.35 -26.12 -19.74
C ILE A 290 -40.71 -24.90 -20.44
N PRO A 291 -41.54 -24.04 -21.01
CA PRO A 291 -40.96 -22.82 -21.57
C PRO A 291 -40.54 -21.74 -20.53
N ASP A 292 -39.89 -20.67 -20.99
CA ASP A 292 -39.51 -19.56 -20.13
C ASP A 292 -40.77 -18.87 -19.61
N LEU A 293 -40.97 -18.90 -18.29
CA LEU A 293 -42.13 -18.36 -17.62
C LEU A 293 -41.87 -16.99 -17.02
N GLN A 294 -40.60 -16.59 -17.08
CA GLN A 294 -40.14 -15.34 -16.48
C GLN A 294 -40.98 -14.14 -16.91
N LYS A 295 -41.38 -14.09 -18.18
CA LYS A 295 -42.16 -12.91 -18.63
C LYS A 295 -43.54 -12.82 -17.96
N TYR A 296 -44.04 -13.95 -17.50
CA TYR A 296 -45.31 -13.98 -16.77
C TYR A 296 -45.21 -13.61 -15.29
N TYR A 297 -44.22 -12.82 -14.92
CA TYR A 297 -43.96 -12.61 -13.54
C TYR A 297 -45.12 -11.91 -12.80
N LYS A 298 -45.96 -11.17 -13.51
CA LYS A 298 -47.10 -10.50 -12.85
C LYS A 298 -48.16 -11.49 -12.39
N SER A 299 -48.21 -12.69 -12.95
CA SER A 299 -49.25 -13.67 -12.58
C SER A 299 -48.64 -14.95 -12.00
N ASN A 300 -47.50 -15.32 -12.58
CA ASN A 300 -46.66 -16.35 -12.05
C ASN A 300 -47.31 -17.70 -11.95
N PRO A 301 -47.59 -18.28 -13.11
CA PRO A 301 -48.25 -19.56 -13.25
C PRO A 301 -47.51 -20.65 -12.52
N GLY A 302 -46.19 -20.72 -12.70
CA GLY A 302 -45.39 -21.79 -12.04
C GLY A 302 -45.31 -21.74 -10.52
N HIS A 303 -45.37 -20.55 -9.93
CA HIS A 303 -45.37 -20.45 -8.48
C HIS A 303 -46.67 -21.09 -7.98
N TYR A 304 -47.81 -20.68 -8.56
CA TYR A 304 -49.11 -21.23 -8.19
C TYR A 304 -49.09 -22.76 -8.17
N LEU A 305 -48.52 -23.37 -9.22
CA LEU A 305 -48.52 -24.84 -9.30
C LEU A 305 -47.49 -25.43 -8.37
N GLY A 306 -46.43 -24.68 -8.12
CA GLY A 306 -45.45 -25.08 -7.13
C GLY A 306 -46.06 -25.11 -5.73
N HIS A 307 -46.77 -24.04 -5.39
CA HIS A 307 -47.40 -23.94 -4.09
C HIS A 307 -48.21 -25.16 -3.84
N LEU A 308 -48.89 -25.63 -4.89
CA LEU A 308 -49.84 -26.72 -4.79
C LEU A 308 -49.14 -28.06 -4.74
N ILE A 309 -48.45 -28.42 -5.82
CA ILE A 309 -47.75 -29.68 -5.85
C ILE A 309 -46.80 -29.81 -4.66
N GLY A 310 -46.05 -28.76 -4.34
CA GLY A 310 -45.19 -28.82 -3.15
C GLY A 310 -45.85 -28.77 -1.76
N HIS A 311 -47.15 -28.46 -1.67
CA HIS A 311 -47.84 -28.37 -0.37
C HIS A 311 -47.57 -29.59 0.50
N GLU A 312 -47.59 -29.36 1.81
CA GLU A 312 -47.29 -30.40 2.79
C GLU A 312 -48.40 -30.54 3.84
N GLY A 313 -49.47 -29.76 3.70
CA GLY A 313 -50.60 -29.85 4.63
C GLY A 313 -51.50 -31.07 4.42
N PRO A 314 -52.62 -31.15 5.19
CA PRO A 314 -53.52 -32.28 5.00
C PRO A 314 -54.03 -32.22 3.59
N GLY A 315 -54.14 -33.39 2.96
CA GLY A 315 -54.67 -33.46 1.62
C GLY A 315 -53.59 -33.53 0.60
N SER A 316 -52.44 -32.97 0.89
CA SER A 316 -51.37 -32.82 -0.09
C SER A 316 -50.76 -34.14 -0.58
N LEU A 317 -50.22 -34.09 -1.79
CA LEU A 317 -49.41 -35.16 -2.31
C LEU A 317 -48.39 -35.78 -1.32
N LEU A 318 -47.51 -34.95 -0.72
CA LEU A 318 -46.48 -35.42 0.21
C LEU A 318 -47.15 -36.25 1.27
N SER A 319 -48.31 -35.81 1.78
CA SER A 319 -49.01 -36.53 2.85
C SER A 319 -49.26 -37.99 2.54
N GLU A 320 -49.93 -38.28 1.43
CA GLU A 320 -50.17 -39.68 1.14
C GLU A 320 -48.87 -40.42 0.88
N LEU A 321 -47.89 -39.82 0.23
CA LEU A 321 -46.56 -40.47 0.04
C LEU A 321 -45.85 -40.81 1.35
N LYS A 322 -46.16 -40.04 2.37
CA LYS A 322 -45.54 -40.18 3.65
C LYS A 322 -46.28 -41.21 4.49
N SER A 323 -47.61 -41.31 4.30
CA SER A 323 -48.45 -42.32 5.00
C SER A 323 -48.29 -43.70 4.40
N LYS A 324 -48.11 -43.79 3.10
CA LYS A 324 -47.72 -45.05 2.52
C LYS A 324 -46.29 -45.39 2.92
N GLY A 325 -45.64 -44.47 3.64
CA GLY A 325 -44.29 -44.65 4.15
C GLY A 325 -43.28 -44.91 3.06
N TRP A 326 -43.48 -44.25 1.93
CA TRP A 326 -42.59 -44.35 0.77
C TRP A 326 -41.61 -43.17 0.67
N VAL A 327 -42.06 -41.98 1.02
CA VAL A 327 -41.16 -40.84 1.07
C VAL A 327 -41.19 -40.05 2.39
N ASN A 328 -40.13 -39.24 2.58
CA ASN A 328 -40.01 -38.36 3.73
C ASN A 328 -40.16 -36.88 3.53
N THR A 329 -39.65 -36.35 2.43
CA THR A 329 -39.80 -34.94 2.14
C THR A 329 -40.00 -34.80 0.66
N LEU A 330 -40.50 -33.64 0.23
CA LEU A 330 -40.74 -33.36 -1.18
C LEU A 330 -40.44 -31.90 -1.55
N VAL A 331 -39.78 -31.67 -2.66
CA VAL A 331 -39.84 -30.35 -3.26
C VAL A 331 -40.35 -30.41 -4.71
N GLY A 332 -41.18 -29.44 -5.07
CA GLY A 332 -41.68 -29.32 -6.47
C GLY A 332 -41.99 -27.87 -6.80
N GLY A 333 -41.85 -27.52 -8.07
CA GLY A 333 -42.13 -26.15 -8.45
C GLY A 333 -41.29 -25.90 -9.66
N GLN A 334 -41.24 -24.63 -10.07
CA GLN A 334 -40.48 -24.26 -11.25
C GLN A 334 -39.05 -24.01 -10.88
N LYS A 335 -38.14 -24.45 -11.76
CA LYS A 335 -36.69 -24.41 -11.57
C LYS A 335 -36.15 -23.54 -12.69
N GLU A 336 -35.21 -22.64 -12.39
CA GLU A 336 -34.64 -21.77 -13.44
C GLU A 336 -33.84 -22.55 -14.44
N GLY A 337 -33.86 -22.07 -15.67
CA GLY A 337 -33.13 -22.70 -16.75
C GLY A 337 -32.16 -21.68 -17.26
N ALA A 338 -32.53 -20.96 -18.30
CA ALA A 338 -31.83 -19.76 -18.76
C ALA A 338 -32.86 -19.07 -19.68
N ARG A 339 -32.56 -17.88 -20.24
CA ARG A 339 -33.53 -17.21 -21.18
C ARG A 339 -33.94 -18.11 -22.33
N GLY A 340 -35.19 -18.55 -22.34
CA GLY A 340 -35.64 -19.53 -23.34
C GLY A 340 -36.17 -20.85 -22.80
N PHE A 341 -35.59 -21.40 -21.73
CA PHE A 341 -36.12 -22.64 -21.14
C PHE A 341 -36.16 -22.68 -19.60
N MET A 342 -37.12 -23.44 -19.05
CA MET A 342 -37.17 -23.73 -17.65
C MET A 342 -37.53 -25.18 -17.41
N PHE A 343 -37.59 -25.57 -16.16
CA PHE A 343 -38.00 -26.91 -15.84
C PHE A 343 -39.05 -26.82 -14.81
N PHE A 344 -39.75 -27.92 -14.63
CA PHE A 344 -40.64 -28.04 -13.52
C PHE A 344 -40.24 -29.31 -12.82
N ILE A 345 -39.89 -29.23 -11.54
CA ILE A 345 -39.45 -30.45 -10.90
C ILE A 345 -40.39 -30.92 -9.80
N ILE A 346 -40.27 -32.21 -9.49
CA ILE A 346 -40.81 -32.81 -8.26
C ILE A 346 -39.83 -33.86 -7.76
N ASN A 347 -39.11 -33.61 -6.66
CA ASN A 347 -38.14 -34.58 -6.18
C ASN A 347 -38.41 -34.91 -4.75
N VAL A 348 -38.18 -36.18 -4.37
CA VAL A 348 -38.48 -36.67 -3.06
C VAL A 348 -37.35 -37.55 -2.66
N ASP A 349 -37.21 -37.83 -1.37
CA ASP A 349 -36.23 -38.86 -0.95
C ASP A 349 -36.97 -40.20 -0.77
N LEU A 350 -36.26 -41.29 -0.52
CA LEU A 350 -36.98 -42.55 -0.58
C LEU A 350 -36.70 -43.38 0.61
N THR A 351 -37.72 -43.85 1.29
CA THR A 351 -37.52 -44.92 2.27
C THR A 351 -37.03 -46.19 1.53
N GLU A 352 -36.50 -47.20 2.23
CA GLU A 352 -36.10 -48.45 1.55
C GLU A 352 -37.29 -49.09 0.84
N GLU A 353 -38.48 -48.90 1.43
CA GLU A 353 -39.68 -49.43 0.83
C GLU A 353 -39.94 -48.60 -0.40
N GLY A 354 -39.86 -47.28 -0.23
CA GLY A 354 -40.12 -46.35 -1.34
C GLY A 354 -39.31 -46.60 -2.58
N LEU A 355 -38.12 -47.15 -2.39
CA LEU A 355 -37.21 -47.39 -3.50
C LEU A 355 -37.81 -48.47 -4.43
N LEU A 356 -38.61 -49.38 -3.85
CA LEU A 356 -39.16 -50.47 -4.64
C LEU A 356 -40.54 -50.11 -5.12
N HIS A 357 -40.94 -48.86 -4.89
CA HIS A 357 -42.25 -48.40 -5.32
C HIS A 357 -42.24 -47.13 -6.14
N VAL A 358 -41.05 -46.79 -6.64
CA VAL A 358 -40.86 -45.70 -7.58
C VAL A 358 -41.94 -45.62 -8.69
N GLU A 359 -42.35 -46.76 -9.26
CA GLU A 359 -43.43 -46.72 -10.26
C GLU A 359 -44.70 -46.10 -9.64
N ASP A 360 -45.05 -46.62 -8.46
CA ASP A 360 -46.31 -46.22 -7.83
C ASP A 360 -46.24 -44.77 -7.36
N ILE A 361 -45.05 -44.34 -6.93
CA ILE A 361 -44.86 -42.99 -6.46
C ILE A 361 -45.22 -41.98 -7.56
N ILE A 362 -44.61 -42.15 -8.74
CA ILE A 362 -44.89 -41.30 -9.89
C ILE A 362 -46.37 -41.30 -10.29
N LEU A 363 -47.00 -42.47 -10.23
CA LEU A 363 -48.44 -42.57 -10.49
C LEU A 363 -49.22 -41.75 -9.49
N HIS A 364 -48.91 -41.84 -8.22
CA HIS A 364 -49.54 -40.91 -7.29
C HIS A 364 -49.31 -39.46 -7.74
N MET A 365 -48.06 -39.12 -8.08
CA MET A 365 -47.75 -37.80 -8.62
C MET A 365 -48.73 -37.36 -9.68
N PHE A 366 -48.99 -38.23 -10.64
CA PHE A 366 -49.85 -37.89 -11.78
C PHE A 366 -51.32 -37.87 -11.44
N GLN A 367 -51.70 -38.69 -10.47
CA GLN A 367 -53.05 -38.64 -9.91
C GLN A 367 -53.34 -37.28 -9.30
N TYR A 368 -52.35 -36.74 -8.58
CA TYR A 368 -52.44 -35.41 -8.01
C TYR A 368 -52.53 -34.35 -9.13
N ILE A 369 -51.59 -34.36 -10.08
CA ILE A 369 -51.64 -33.41 -11.20
C ILE A 369 -53.06 -33.47 -11.82
N GLN A 370 -53.54 -34.69 -12.04
CA GLN A 370 -54.87 -34.88 -12.58
C GLN A 370 -55.96 -34.19 -11.75
N LYS A 371 -55.89 -34.30 -10.42
CA LYS A 371 -56.83 -33.66 -9.53
C LYS A 371 -56.85 -32.16 -9.80
N LEU A 372 -55.67 -31.60 -10.05
CA LEU A 372 -55.61 -30.18 -10.31
C LEU A 372 -56.30 -29.86 -11.61
N ARG A 373 -56.06 -30.66 -12.66
CA ARG A 373 -56.77 -30.48 -13.94
C ARG A 373 -58.30 -30.53 -13.73
N ALA A 374 -58.76 -31.52 -12.97
CA ALA A 374 -60.15 -31.72 -12.66
C ALA A 374 -60.80 -30.54 -11.96
N GLU A 375 -60.08 -29.83 -11.08
CA GLU A 375 -60.72 -28.72 -10.35
C GLU A 375 -60.61 -27.33 -11.03
N GLY A 376 -59.77 -27.21 -12.07
CA GLY A 376 -59.43 -25.92 -12.72
C GLY A 376 -58.66 -25.00 -11.80
N PRO A 377 -58.17 -23.87 -12.33
CA PRO A 377 -57.57 -22.77 -11.54
C PRO A 377 -58.45 -22.30 -10.38
N GLN A 378 -57.87 -21.73 -9.34
CA GLN A 378 -58.61 -21.26 -8.18
C GLN A 378 -58.21 -19.84 -7.76
N GLU A 379 -58.99 -18.85 -8.13
CA GLU A 379 -58.71 -17.51 -7.70
C GLU A 379 -58.48 -17.37 -6.20
N TRP A 380 -59.27 -18.05 -5.36
CA TRP A 380 -59.05 -17.92 -3.90
C TRP A 380 -57.60 -18.31 -3.48
N VAL A 381 -57.00 -19.32 -4.15
CA VAL A 381 -55.56 -19.65 -3.91
C VAL A 381 -54.60 -18.53 -4.38
N PHE A 382 -54.77 -18.08 -5.62
CA PHE A 382 -54.11 -16.85 -6.07
C PHE A 382 -54.27 -15.64 -5.09
N GLN A 383 -55.50 -15.31 -4.67
CA GLN A 383 -55.69 -14.26 -3.62
C GLN A 383 -54.85 -14.52 -2.39
N GLU A 384 -54.81 -15.77 -1.94
CA GLU A 384 -54.03 -16.11 -0.78
C GLU A 384 -52.54 -15.83 -1.02
N LEU A 385 -51.98 -16.46 -2.05
CA LEU A 385 -50.62 -16.16 -2.49
C LEU A 385 -50.28 -14.65 -2.62
N LYS A 386 -51.11 -13.90 -3.34
CA LYS A 386 -50.91 -12.48 -3.49
C LYS A 386 -50.85 -11.73 -2.13
N ASP A 387 -51.74 -12.12 -1.20
CA ASP A 387 -51.81 -11.55 0.15
C ASP A 387 -50.60 -11.81 1.00
N LEU A 388 -50.19 -13.06 1.08
CA LEU A 388 -48.94 -13.40 1.72
C LEU A 388 -47.78 -12.56 1.18
N ASN A 389 -47.65 -12.49 -0.14
CA ASN A 389 -46.53 -11.76 -0.70
C ASN A 389 -46.63 -10.29 -0.45
N ALA A 390 -47.85 -9.73 -0.42
CA ALA A 390 -48.00 -8.31 -0.13
C ALA A 390 -47.57 -8.03 1.32
N VAL A 391 -48.01 -8.88 2.25
CA VAL A 391 -47.58 -8.80 3.63
C VAL A 391 -46.08 -9.02 3.77
N ALA A 392 -45.55 -10.09 3.19
CA ALA A 392 -44.12 -10.33 3.14
C ALA A 392 -43.38 -9.06 2.68
N PHE A 393 -43.96 -8.37 1.70
CA PHE A 393 -43.23 -7.25 1.15
C PHE A 393 -43.22 -6.05 2.10
N ARG A 394 -44.39 -5.67 2.60
CA ARG A 394 -44.54 -4.52 3.48
C ARG A 394 -43.56 -4.61 4.62
N PHE A 395 -43.43 -5.79 5.19
CA PHE A 395 -42.74 -5.96 6.43
C PHE A 395 -41.45 -6.70 6.22
N LYS A 396 -40.94 -6.68 5.00
CA LYS A 396 -39.63 -7.27 4.75
C LYS A 396 -38.63 -6.63 5.72
N ASP A 397 -37.75 -7.45 6.31
CA ASP A 397 -36.64 -6.97 7.17
C ASP A 397 -35.67 -6.21 6.31
N LYS A 398 -35.07 -5.17 6.84
CA LYS A 398 -33.98 -4.46 6.14
C LYS A 398 -32.81 -5.39 5.93
N GLU A 399 -32.30 -5.48 4.70
CA GLU A 399 -31.19 -6.41 4.37
C GLU A 399 -29.79 -5.78 4.60
N ARG A 400 -28.80 -6.64 4.87
CA ARG A 400 -27.39 -6.23 4.93
C ARG A 400 -27.09 -5.73 3.51
N PRO A 401 -26.36 -4.60 3.36
CA PRO A 401 -26.17 -3.96 2.05
C PRO A 401 -25.43 -4.76 0.95
N ARG A 402 -24.42 -5.56 1.30
CA ARG A 402 -23.73 -6.41 0.30
C ARG A 402 -24.73 -7.33 -0.42
N GLY A 403 -25.58 -8.02 0.36
CA GLY A 403 -26.52 -8.96 -0.19
C GLY A 403 -27.53 -8.27 -1.05
N TYR A 404 -27.98 -7.12 -0.57
CA TYR A 404 -29.00 -6.34 -1.22
C TYR A 404 -28.57 -5.82 -2.59
N THR A 405 -27.38 -5.24 -2.66
CA THR A 405 -26.93 -4.70 -3.92
C THR A 405 -26.69 -5.81 -4.91
N SER A 406 -26.10 -6.92 -4.43
CA SER A 406 -25.75 -8.05 -5.30
C SER A 406 -27.00 -8.58 -5.94
N LYS A 407 -28.01 -8.79 -5.09
CA LYS A 407 -29.31 -9.23 -5.53
C LYS A 407 -29.95 -8.27 -6.55
N ILE A 408 -30.08 -6.99 -6.21
CA ILE A 408 -30.77 -6.02 -7.10
C ILE A 408 -30.07 -5.81 -8.46
N ALA A 409 -28.73 -5.83 -8.42
CA ALA A 409 -27.90 -5.76 -9.62
C ALA A 409 -28.30 -6.86 -10.59
N GLY A 410 -28.33 -8.09 -10.09
CA GLY A 410 -28.88 -9.21 -10.83
C GLY A 410 -30.25 -8.89 -11.44
N ILE A 411 -31.22 -8.49 -10.64
CA ILE A 411 -32.54 -8.34 -11.21
C ILE A 411 -32.86 -7.09 -12.01
N LEU A 412 -32.05 -6.06 -11.94
CA LEU A 412 -32.20 -4.92 -12.82
C LEU A 412 -32.28 -5.39 -14.30
N HIS A 413 -31.62 -6.50 -14.60
CA HIS A 413 -31.75 -7.11 -15.92
C HIS A 413 -33.12 -7.60 -16.36
N TYR A 414 -34.09 -7.70 -15.46
CA TYR A 414 -35.38 -8.35 -15.77
C TYR A 414 -36.61 -7.49 -15.64
N TYR A 415 -36.51 -6.37 -14.96
CA TYR A 415 -37.69 -5.64 -14.55
C TYR A 415 -37.49 -4.18 -14.88
N PRO A 416 -38.59 -3.49 -15.16
CA PRO A 416 -38.48 -2.03 -15.28
C PRO A 416 -37.89 -1.40 -14.00
N LEU A 417 -37.12 -0.31 -14.11
CA LEU A 417 -36.48 0.29 -12.93
C LEU A 417 -37.48 0.43 -11.79
N GLU A 418 -38.61 1.04 -12.13
CA GLU A 418 -39.68 1.35 -11.16
C GLU A 418 -40.18 0.13 -10.34
N GLU A 419 -40.02 -1.08 -10.86
CA GLU A 419 -40.54 -2.28 -10.24
C GLU A 419 -39.48 -3.19 -9.62
N VAL A 420 -38.22 -2.75 -9.52
CA VAL A 420 -37.13 -3.69 -9.19
C VAL A 420 -37.25 -4.20 -7.79
N LEU A 421 -37.97 -3.47 -6.95
CA LEU A 421 -38.05 -3.78 -5.55
C LEU A 421 -39.20 -4.71 -5.27
N THR A 422 -40.31 -4.45 -5.96
CA THR A 422 -41.56 -5.19 -5.84
C THR A 422 -41.69 -6.36 -6.81
N ALA A 423 -41.11 -6.26 -7.99
CA ALA A 423 -41.31 -7.29 -9.00
C ALA A 423 -41.20 -8.69 -8.44
N GLU A 424 -40.21 -8.97 -7.59
CA GLU A 424 -40.13 -10.34 -7.12
C GLU A 424 -41.17 -10.76 -6.06
N TYR A 425 -41.94 -9.80 -5.55
CA TYR A 425 -42.88 -10.00 -4.46
C TYR A 425 -44.35 -9.89 -4.83
N LEU A 426 -44.71 -8.81 -5.51
CA LEU A 426 -46.12 -8.48 -5.73
C LEU A 426 -46.63 -9.26 -6.93
N LEU A 427 -47.92 -9.62 -6.85
CA LEU A 427 -48.70 -10.33 -7.89
C LEU A 427 -49.91 -9.50 -8.27
N GLU A 428 -50.30 -9.59 -9.53
CA GLU A 428 -51.24 -8.65 -10.03
C GLU A 428 -52.27 -9.33 -10.88
N GLU A 429 -51.84 -10.22 -11.75
CA GLU A 429 -52.71 -10.75 -12.74
C GLU A 429 -53.11 -12.14 -12.33
N PHE A 430 -54.38 -12.49 -12.53
CA PHE A 430 -54.81 -13.86 -12.33
C PHE A 430 -55.00 -14.57 -13.68
N ARG A 431 -54.24 -15.64 -13.94
CA ARG A 431 -54.20 -16.17 -15.29
C ARG A 431 -54.54 -17.61 -15.36
N PRO A 432 -55.85 -17.92 -15.37
CA PRO A 432 -56.24 -19.32 -15.46
C PRO A 432 -55.68 -19.94 -16.75
N ASP A 433 -55.53 -19.16 -17.81
CA ASP A 433 -54.97 -19.67 -19.06
C ASP A 433 -53.52 -20.16 -18.96
N LEU A 434 -52.68 -19.38 -18.27
CA LEU A 434 -51.28 -19.78 -18.15
C LEU A 434 -51.19 -20.94 -17.21
N ILE A 435 -51.93 -20.88 -16.11
CA ILE A 435 -52.03 -22.00 -15.21
C ILE A 435 -52.38 -23.32 -15.94
N GLU A 436 -53.47 -23.34 -16.74
CA GLU A 436 -53.87 -24.50 -17.50
C GLU A 436 -52.80 -24.91 -18.51
N MET A 437 -52.14 -23.93 -19.13
CA MET A 437 -51.08 -24.22 -20.11
C MET A 437 -49.80 -24.91 -19.58
N VAL A 438 -49.34 -24.50 -18.40
CA VAL A 438 -48.17 -25.13 -17.82
C VAL A 438 -48.59 -26.51 -17.39
N LEU A 439 -49.75 -26.57 -16.75
CA LEU A 439 -50.39 -27.84 -16.37
C LEU A 439 -50.50 -28.91 -17.49
N ASP A 440 -50.76 -28.48 -18.72
CA ASP A 440 -50.70 -29.36 -19.87
C ASP A 440 -49.31 -29.96 -20.22
N LYS A 441 -48.24 -29.46 -19.59
CA LYS A 441 -46.91 -29.97 -19.89
C LYS A 441 -46.49 -31.01 -18.88
N LEU A 442 -47.19 -31.08 -17.77
CA LEU A 442 -46.78 -32.01 -16.75
C LEU A 442 -47.51 -33.30 -17.03
N ARG A 443 -46.99 -34.05 -18.01
CA ARG A 443 -47.65 -35.24 -18.57
C ARG A 443 -46.61 -36.35 -18.71
N PRO A 444 -47.03 -37.64 -18.63
CA PRO A 444 -46.04 -38.70 -18.85
C PRO A 444 -45.29 -38.61 -20.20
N GLU A 445 -45.94 -38.09 -21.25
CA GLU A 445 -45.30 -38.01 -22.59
C GLU A 445 -44.02 -37.16 -22.63
N ASN A 446 -43.87 -36.18 -21.73
CA ASN A 446 -42.53 -35.57 -21.57
C ASN A 446 -41.89 -35.57 -20.18
N VAL A 447 -41.93 -36.72 -19.51
CA VAL A 447 -41.34 -36.85 -18.19
C VAL A 447 -39.91 -37.35 -18.28
N ARG A 448 -39.06 -36.93 -17.34
CA ARG A 448 -37.73 -37.54 -17.08
C ARG A 448 -37.65 -38.07 -15.63
N VAL A 449 -37.10 -39.28 -15.44
CA VAL A 449 -36.98 -39.89 -14.12
C VAL A 449 -35.53 -40.23 -13.79
N ALA A 450 -35.06 -39.84 -12.59
CA ALA A 450 -33.70 -40.17 -12.11
C ALA A 450 -33.76 -40.79 -10.72
N ILE A 451 -33.22 -42.00 -10.57
CA ILE A 451 -33.15 -42.66 -9.26
C ILE A 451 -31.70 -42.70 -8.78
N VAL A 452 -31.48 -42.26 -7.54
CA VAL A 452 -30.15 -42.20 -6.97
C VAL A 452 -30.16 -43.13 -5.78
N SER A 453 -29.38 -44.21 -5.90
CA SER A 453 -29.30 -45.21 -4.87
C SER A 453 -28.02 -45.99 -4.96
N LYS A 454 -27.47 -46.39 -3.82
CA LYS A 454 -26.29 -47.27 -3.78
C LYS A 454 -26.57 -48.65 -4.38
N SER A 455 -27.83 -49.10 -4.35
CA SER A 455 -28.18 -50.39 -4.93
C SER A 455 -27.88 -50.55 -6.46
N PHE A 456 -27.51 -49.46 -7.14
CA PHE A 456 -27.07 -49.47 -8.54
C PHE A 456 -25.56 -49.62 -8.67
N GLU A 457 -24.88 -49.80 -7.52
CA GLU A 457 -23.46 -50.14 -7.48
C GLU A 457 -23.15 -51.42 -8.28
N GLY A 458 -22.32 -51.29 -9.32
CA GLY A 458 -22.01 -52.39 -10.21
C GLY A 458 -22.94 -52.50 -11.42
N LYS A 459 -24.22 -52.15 -11.27
CA LYS A 459 -25.21 -52.26 -12.35
C LYS A 459 -25.20 -51.14 -13.41
N THR A 460 -24.20 -50.26 -13.42
CA THR A 460 -24.16 -49.06 -14.30
C THR A 460 -23.30 -49.36 -15.54
N ASP A 461 -23.50 -48.66 -16.67
CA ASP A 461 -22.62 -48.81 -17.87
C ASP A 461 -22.04 -47.52 -18.42
N ARG A 462 -22.34 -46.40 -17.79
CA ARG A 462 -21.84 -45.10 -18.26
C ARG A 462 -21.09 -44.35 -17.17
N THR A 463 -20.29 -43.40 -17.59
CA THR A 463 -19.52 -42.56 -16.68
C THR A 463 -19.58 -41.13 -17.18
N GLU A 464 -19.99 -40.19 -16.32
CA GLU A 464 -19.96 -38.78 -16.64
C GLU A 464 -18.51 -38.30 -16.58
N GLU A 465 -18.02 -37.81 -17.71
CA GLU A 465 -16.67 -37.27 -17.90
C GLU A 465 -16.18 -36.37 -16.76
N TRP A 466 -16.91 -35.28 -16.48
CA TRP A 466 -16.41 -34.24 -15.57
C TRP A 466 -16.21 -34.64 -14.11
N TYR A 467 -17.18 -35.31 -13.51
CA TYR A 467 -17.20 -35.58 -12.08
C TYR A 467 -16.96 -37.04 -11.86
N GLY A 468 -17.25 -37.84 -12.86
CA GLY A 468 -16.99 -39.27 -12.77
C GLY A 468 -18.20 -40.09 -12.40
N THR A 469 -19.38 -39.49 -12.38
CA THR A 469 -20.60 -40.16 -11.95
C THR A 469 -20.84 -41.49 -12.68
N GLN A 470 -20.99 -42.60 -11.95
CA GLN A 470 -21.46 -43.85 -12.55
C GLN A 470 -22.98 -43.77 -12.74
N TYR A 471 -23.48 -44.08 -13.92
CA TYR A 471 -24.93 -44.16 -14.14
C TYR A 471 -25.35 -45.04 -15.35
N LYS A 472 -26.67 -45.28 -15.45
CA LYS A 472 -27.25 -46.06 -16.52
C LYS A 472 -28.47 -45.32 -17.11
N GLN A 473 -28.52 -45.18 -18.45
CA GLN A 473 -29.72 -44.61 -19.13
C GLN A 473 -30.63 -45.69 -19.70
N GLU A 474 -31.94 -45.44 -19.69
CA GLU A 474 -32.96 -46.39 -20.16
C GLU A 474 -34.19 -45.70 -20.66
N ALA A 475 -34.83 -46.29 -21.67
CA ALA A 475 -36.15 -45.83 -22.11
C ALA A 475 -37.16 -46.38 -21.12
N ILE A 476 -38.12 -45.54 -20.75
CA ILE A 476 -39.20 -45.98 -19.88
C ILE A 476 -40.16 -46.81 -20.73
N PRO A 477 -40.45 -48.05 -20.29
CA PRO A 477 -41.35 -48.89 -21.08
C PRO A 477 -42.66 -48.20 -21.38
N ASP A 478 -43.11 -48.29 -22.63
CA ASP A 478 -44.40 -47.72 -23.08
C ASP A 478 -45.67 -48.03 -22.29
N GLU A 479 -45.79 -49.25 -21.80
CA GLU A 479 -46.94 -49.59 -20.98
C GLU A 479 -46.91 -48.85 -19.62
N VAL A 480 -45.70 -48.70 -19.09
CA VAL A 480 -45.46 -47.85 -17.93
C VAL A 480 -45.96 -46.39 -18.19
N ILE A 481 -45.53 -45.75 -19.29
CA ILE A 481 -46.06 -44.44 -19.64
C ILE A 481 -47.60 -44.42 -19.63
N LYS A 482 -48.19 -45.42 -20.29
CA LYS A 482 -49.65 -45.51 -20.43
C LYS A 482 -50.34 -45.61 -19.09
N LYS A 483 -49.80 -46.49 -18.23
CA LYS A 483 -50.36 -46.71 -16.89
C LYS A 483 -50.46 -45.33 -16.22
N TRP A 484 -49.41 -44.50 -16.41
CA TRP A 484 -49.36 -43.12 -15.86
C TRP A 484 -50.31 -42.18 -16.58
N GLN A 485 -50.39 -42.33 -17.91
CA GLN A 485 -51.31 -41.52 -18.67
C GLN A 485 -52.73 -41.71 -18.25
N ASN A 486 -53.09 -42.93 -17.85
CA ASN A 486 -54.45 -43.18 -17.39
C ASN A 486 -54.69 -43.02 -15.92
N ALA A 487 -54.03 -42.05 -15.31
CA ALA A 487 -54.16 -41.83 -13.88
C ALA A 487 -55.54 -41.33 -13.55
N ASP A 488 -56.28 -42.20 -12.85
CA ASP A 488 -57.60 -41.99 -12.19
C ASP A 488 -57.56 -40.78 -11.22
N LEU A 489 -58.69 -40.35 -10.66
CA LEU A 489 -58.59 -39.53 -9.42
C LEU A 489 -58.35 -40.48 -8.26
N ASN A 490 -57.78 -39.96 -7.18
CA ASN A 490 -57.49 -40.72 -5.97
C ASN A 490 -58.07 -39.88 -4.84
N GLY A 491 -59.04 -40.43 -4.12
CA GLY A 491 -59.77 -39.72 -3.08
C GLY A 491 -58.97 -39.23 -1.90
N LYS A 492 -57.72 -39.69 -1.75
CA LYS A 492 -56.82 -39.14 -0.73
C LYS A 492 -56.23 -37.72 -0.99
N PHE A 493 -56.38 -37.20 -2.21
CA PHE A 493 -55.82 -35.91 -2.56
C PHE A 493 -56.86 -34.77 -2.57
N LYS A 494 -56.68 -33.79 -1.68
CA LYS A 494 -57.53 -32.60 -1.71
C LYS A 494 -56.71 -31.33 -1.80
N LEU A 495 -57.22 -30.31 -2.48
CA LEU A 495 -56.71 -28.94 -2.35
C LEU A 495 -56.66 -28.51 -0.86
N PRO A 496 -55.73 -27.59 -0.49
CA PRO A 496 -55.66 -27.16 0.91
C PRO A 496 -56.73 -26.15 1.20
N THR A 497 -57.13 -26.02 2.45
CA THR A 497 -58.27 -25.15 2.76
C THR A 497 -57.72 -23.78 3.16
N LYS A 498 -58.57 -22.79 3.51
CA LYS A 498 -58.10 -21.46 3.95
C LYS A 498 -56.97 -21.64 4.94
N ASN A 499 -55.89 -20.90 4.73
CA ASN A 499 -54.78 -20.82 5.66
C ASN A 499 -55.16 -19.92 6.81
N GLU A 500 -55.51 -20.54 7.92
CA GLU A 500 -55.95 -19.85 9.10
C GLU A 500 -54.84 -19.10 9.83
N PHE A 501 -53.57 -19.33 9.44
CA PHE A 501 -52.41 -18.73 10.12
C PHE A 501 -51.93 -17.40 9.55
N ILE A 502 -52.53 -17.01 8.42
CA ILE A 502 -52.39 -15.69 7.83
C ILE A 502 -52.58 -14.66 8.93
N PRO A 503 -51.60 -13.74 9.07
CA PRO A 503 -51.71 -12.75 10.15
C PRO A 503 -52.69 -11.64 9.76
N THR A 504 -53.38 -11.04 10.73
CA THR A 504 -54.17 -9.89 10.38
C THR A 504 -53.90 -8.77 11.35
N ASN A 505 -53.40 -9.07 12.52
CA ASN A 505 -53.13 -8.00 13.47
C ASN A 505 -51.71 -7.46 13.34
N PHE A 506 -51.51 -6.32 12.68
CA PHE A 506 -50.13 -5.76 12.58
C PHE A 506 -49.78 -4.55 13.48
N GLU A 507 -50.50 -4.42 14.60
CA GLU A 507 -50.36 -3.23 15.43
C GLU A 507 -49.03 -3.33 16.11
N ILE A 508 -48.30 -2.22 16.12
CA ILE A 508 -46.99 -2.13 16.77
C ILE A 508 -47.20 -1.47 18.14
N LEU A 509 -47.41 -2.27 19.19
CA LEU A 509 -47.70 -1.81 20.58
C LEU A 509 -46.85 -0.62 21.01
N PRO A 510 -47.46 0.41 21.65
CA PRO A 510 -46.69 1.61 22.02
C PRO A 510 -45.47 1.24 22.89
N LEU A 511 -44.40 2.02 22.78
CA LEU A 511 -43.19 1.71 23.51
C LEU A 511 -43.37 1.98 25.00
N GLU A 512 -43.04 1.00 25.85
CA GLU A 512 -43.42 1.05 27.27
C GLU A 512 -42.68 2.10 28.09
N LYS A 513 -43.29 2.52 29.21
CA LYS A 513 -42.62 3.41 30.17
C LYS A 513 -41.27 2.81 30.72
N GLU A 514 -41.25 1.52 31.11
CA GLU A 514 -40.03 0.91 31.71
C GLU A 514 -39.01 0.15 30.74
N ALA A 515 -39.23 0.25 29.41
CA ALA A 515 -38.41 -0.43 28.39
C ALA A 515 -36.97 0.03 28.40
N THR A 516 -36.05 -0.89 28.15
CA THR A 516 -34.58 -0.69 28.27
C THR A 516 -33.84 -0.86 26.94
N PRO A 517 -32.58 -0.36 26.82
CA PRO A 517 -31.87 -0.63 25.55
C PRO A 517 -31.35 -2.07 25.42
N TYR A 518 -31.06 -2.75 26.53
CA TYR A 518 -30.67 -4.18 26.49
C TYR A 518 -31.74 -5.09 27.10
N PRO A 519 -31.62 -6.43 26.92
CA PRO A 519 -32.65 -7.27 27.52
C PRO A 519 -32.56 -7.19 29.02
N ALA A 520 -33.69 -7.31 29.69
CA ALA A 520 -33.75 -7.20 31.14
C ALA A 520 -34.01 -8.59 31.66
N LEU A 521 -33.38 -8.92 32.78
CA LEU A 521 -33.76 -10.15 33.45
C LEU A 521 -35.08 -9.91 34.18
N ILE A 522 -36.20 -10.28 33.57
CA ILE A 522 -37.46 -10.00 34.24
C ILE A 522 -38.02 -11.15 35.06
N LYS A 523 -37.35 -12.31 35.06
CA LYS A 523 -37.81 -13.43 35.89
C LYS A 523 -36.67 -14.36 36.24
N ASP A 524 -36.51 -14.71 37.52
CA ASP A 524 -35.31 -15.45 37.96
C ASP A 524 -35.61 -16.61 38.91
N THR A 525 -36.65 -17.38 38.64
CA THR A 525 -37.04 -18.53 39.45
C THR A 525 -36.20 -19.83 39.21
N ALA A 526 -36.49 -20.88 39.99
CA ALA A 526 -35.74 -22.14 39.86
C ALA A 526 -36.04 -22.89 38.54
N MET A 527 -37.33 -22.85 38.13
CA MET A 527 -37.76 -23.30 36.83
C MET A 527 -37.18 -22.50 35.66
N SER A 528 -37.21 -21.16 35.71
CA SER A 528 -36.84 -20.38 34.53
C SER A 528 -36.27 -18.98 34.76
N LYS A 529 -35.59 -18.50 33.72
CA LYS A 529 -34.81 -17.29 33.75
C LYS A 529 -35.12 -16.52 32.47
N LEU A 530 -36.08 -15.60 32.56
CA LEU A 530 -36.62 -14.92 31.40
C LEU A 530 -35.89 -13.61 31.08
N TRP A 531 -35.15 -13.56 29.97
CA TRP A 531 -34.58 -12.28 29.47
C TRP A 531 -35.54 -11.60 28.49
N PHE A 532 -35.73 -10.27 28.56
CA PHE A 532 -36.77 -9.65 27.73
C PHE A 532 -36.41 -8.26 27.24
N LYS A 533 -36.72 -7.99 25.98
CA LYS A 533 -36.63 -6.65 25.47
C LYS A 533 -37.69 -6.40 24.43
N GLN A 534 -38.50 -5.39 24.68
CA GLN A 534 -39.45 -4.94 23.66
C GLN A 534 -38.66 -4.14 22.62
N ASP A 535 -39.01 -4.30 21.34
CA ASP A 535 -38.25 -3.73 20.21
C ASP A 535 -38.29 -2.20 20.14
N ASP A 536 -37.16 -1.53 20.32
CA ASP A 536 -37.07 -0.08 20.21
C ASP A 536 -36.44 0.44 18.87
N LYS A 537 -36.35 -0.39 17.84
CA LYS A 537 -35.56 -0.04 16.67
C LYS A 537 -36.29 -0.25 15.35
N PHE A 538 -36.82 -1.47 15.16
CA PHE A 538 -37.28 -1.98 13.86
C PHE A 538 -38.78 -1.82 13.57
N PHE A 539 -39.61 -1.84 14.62
CA PHE A 539 -41.07 -1.58 14.56
C PHE A 539 -41.92 -2.38 13.51
N LEU A 540 -41.57 -3.64 13.28
CA LEU A 540 -42.40 -4.49 12.43
C LEU A 540 -43.13 -5.48 13.33
N PRO A 541 -44.34 -5.96 12.93
CA PRO A 541 -45.17 -6.77 13.81
C PRO A 541 -44.60 -8.17 13.99
N LYS A 542 -43.37 -8.28 14.46
CA LYS A 542 -42.69 -9.57 14.58
C LYS A 542 -42.02 -9.75 15.91
N ALA A 543 -41.72 -10.99 16.25
CA ALA A 543 -41.02 -11.29 17.50
C ALA A 543 -40.10 -12.49 17.32
N ASN A 544 -39.05 -12.59 18.13
CA ASN A 544 -38.39 -13.88 18.29
C ASN A 544 -38.49 -14.31 19.72
N LEU A 545 -38.81 -15.59 19.90
CA LEU A 545 -38.95 -16.19 21.21
C LEU A 545 -38.03 -17.36 21.22
N ASN A 546 -36.96 -17.23 21.99
CA ASN A 546 -35.92 -18.25 22.06
C ASN A 546 -35.90 -18.92 23.42
N PHE A 547 -35.73 -20.26 23.44
CA PHE A 547 -35.70 -21.06 24.70
C PHE A 547 -34.61 -22.09 24.77
N GLU A 548 -33.69 -22.02 25.75
CA GLU A 548 -32.80 -23.18 26.05
C GLU A 548 -33.47 -24.03 27.11
N PHE A 549 -33.72 -25.30 26.83
CA PHE A 549 -34.15 -26.22 27.87
C PHE A 549 -32.97 -27.03 28.37
N PHE A 550 -32.68 -27.08 29.66
CA PHE A 550 -31.58 -27.92 30.16
C PHE A 550 -32.02 -29.26 30.72
N SER A 551 -31.45 -30.34 30.20
CA SER A 551 -31.50 -31.60 30.91
C SER A 551 -30.17 -32.27 30.80
N PRO A 552 -29.64 -32.76 31.94
CA PRO A 552 -28.42 -33.59 31.94
C PRO A 552 -28.65 -34.94 31.22
N PHE A 553 -29.90 -35.30 30.99
CA PHE A 553 -30.21 -36.52 30.28
C PHE A 553 -30.19 -36.40 28.78
N ALA A 554 -29.90 -35.24 28.22
CA ALA A 554 -29.97 -35.11 26.77
C ALA A 554 -28.63 -35.52 26.17
N TYR A 555 -27.65 -35.70 27.04
CA TYR A 555 -26.31 -35.99 26.63
C TYR A 555 -25.56 -36.80 27.68
N VAL A 556 -26.27 -37.37 28.65
CA VAL A 556 -25.59 -38.19 29.64
C VAL A 556 -24.75 -39.30 28.97
N ASP A 557 -25.21 -39.89 27.86
CA ASP A 557 -24.39 -40.85 27.13
C ASP A 557 -24.75 -40.96 25.63
N PRO A 558 -23.94 -41.68 24.82
CA PRO A 558 -24.34 -41.83 23.40
C PRO A 558 -25.77 -42.27 23.23
N LEU A 559 -26.16 -43.35 23.88
CA LEU A 559 -27.56 -43.77 23.77
C LEU A 559 -28.55 -42.61 23.97
N HIS A 560 -28.36 -41.86 25.06
CA HIS A 560 -29.29 -40.79 25.38
C HIS A 560 -29.28 -39.69 24.34
N SER A 561 -28.09 -39.36 23.84
CA SER A 561 -27.96 -38.34 22.83
C SER A 561 -28.74 -38.76 21.62
N ASN A 562 -28.61 -40.03 21.25
CA ASN A 562 -29.41 -40.54 20.15
C ASN A 562 -30.88 -40.37 20.42
N MET A 563 -31.28 -40.57 21.65
CA MET A 563 -32.71 -40.59 21.88
C MET A 563 -33.32 -39.17 21.79
N ALA A 564 -32.59 -38.20 22.36
CA ALA A 564 -33.01 -36.81 22.34
C ALA A 564 -33.16 -36.40 20.86
N TYR A 565 -32.19 -36.81 20.05
CA TYR A 565 -32.22 -36.49 18.66
C TYR A 565 -33.52 -37.06 18.12
N LEU A 566 -33.65 -38.38 18.19
CA LEU A 566 -34.78 -39.06 17.60
C LEU A 566 -36.10 -38.46 18.03
N TYR A 567 -36.26 -38.32 19.34
CA TYR A 567 -37.46 -37.73 19.90
C TYR A 567 -37.82 -36.44 19.14
N LEU A 568 -36.85 -35.54 19.01
CA LEU A 568 -37.10 -34.29 18.36
C LEU A 568 -37.42 -34.43 16.84
N GLU A 569 -36.75 -35.32 16.11
CA GLU A 569 -37.10 -35.45 14.71
C GLU A 569 -38.53 -36.00 14.57
N LEU A 570 -38.90 -36.94 15.43
CA LEU A 570 -40.24 -37.51 15.40
C LEU A 570 -41.30 -36.49 15.70
N LEU A 571 -40.98 -35.59 16.63
CA LEU A 571 -41.92 -34.56 16.96
C LEU A 571 -42.07 -33.61 15.79
N LYS A 572 -40.94 -33.12 15.24
CA LYS A 572 -40.98 -32.25 14.04
C LYS A 572 -41.74 -32.92 12.89
N ASP A 573 -41.43 -34.16 12.62
CA ASP A 573 -42.18 -34.88 11.62
C ASP A 573 -43.68 -34.94 11.88
N SER A 574 -44.05 -35.07 13.15
CA SER A 574 -45.45 -35.21 13.48
C SER A 574 -46.20 -33.89 13.36
N LEU A 575 -45.54 -32.79 13.72
CA LEU A 575 -46.13 -31.44 13.53
C LEU A 575 -46.10 -30.91 12.11
N ASN A 576 -45.35 -31.54 11.23
CA ASN A 576 -45.10 -30.95 9.96
C ASN A 576 -46.33 -30.50 9.27
N GLU A 577 -47.32 -31.40 9.09
CA GLU A 577 -48.61 -31.05 8.41
C GLU A 577 -49.26 -29.80 8.97
N TYR A 578 -49.25 -29.67 10.28
CA TYR A 578 -49.91 -28.56 10.93
C TYR A 578 -49.06 -27.33 10.85
N ALA A 579 -47.76 -27.50 11.04
CA ALA A 579 -46.84 -26.36 11.03
C ALA A 579 -46.63 -25.70 9.64
N TYR A 580 -46.83 -26.46 8.53
CA TYR A 580 -46.53 -25.96 7.19
C TYR A 580 -47.34 -24.70 6.92
N ALA A 581 -48.63 -24.73 7.28
CA ALA A 581 -49.47 -23.53 7.16
C ALA A 581 -48.78 -22.31 7.77
N ALA A 582 -48.23 -22.44 8.97
CA ALA A 582 -47.68 -21.25 9.64
C ALA A 582 -46.44 -20.78 8.89
N GLU A 583 -45.71 -21.72 8.32
CA GLU A 583 -44.54 -21.38 7.56
C GLU A 583 -44.83 -20.57 6.27
N LEU A 584 -45.85 -20.95 5.52
CA LEU A 584 -46.30 -20.09 4.46
C LEU A 584 -46.77 -18.73 5.00
N ALA A 585 -47.28 -18.67 6.22
CA ALA A 585 -47.84 -17.46 6.77
C ALA A 585 -46.78 -16.67 7.53
N GLY A 586 -45.52 -16.97 7.26
CA GLY A 586 -44.40 -16.19 7.82
C GLY A 586 -44.20 -16.35 9.31
N LEU A 587 -44.39 -17.55 9.81
CA LEU A 587 -44.33 -17.85 11.21
C LEU A 587 -43.58 -19.19 11.33
N SER A 588 -42.31 -19.21 11.62
CA SER A 588 -41.68 -20.52 11.62
C SER A 588 -41.00 -20.84 12.92
N TYR A 589 -40.65 -22.11 13.07
CA TYR A 589 -40.01 -22.56 14.28
C TYR A 589 -38.87 -23.50 13.99
N ASP A 590 -38.05 -23.62 15.00
CA ASP A 590 -36.85 -24.36 14.84
C ASP A 590 -36.60 -25.10 16.15
N LEU A 591 -36.41 -26.41 16.08
CA LEU A 591 -36.35 -27.25 17.29
C LEU A 591 -35.32 -28.35 17.16
N GLN A 592 -34.28 -28.29 17.96
CA GLN A 592 -33.22 -29.29 17.87
C GLN A 592 -32.59 -29.55 19.24
N ASN A 593 -31.95 -30.71 19.37
CA ASN A 593 -31.29 -31.19 20.61
C ASN A 593 -29.87 -30.64 20.73
N THR A 594 -29.41 -30.40 21.94
CA THR A 594 -28.09 -29.83 22.14
C THR A 594 -27.36 -30.68 23.15
N ILE A 595 -26.08 -30.41 23.34
CA ILE A 595 -25.29 -31.21 24.29
C ILE A 595 -25.75 -30.85 25.71
N TYR A 596 -26.68 -29.90 25.85
CA TYR A 596 -27.19 -29.46 27.15
C TYR A 596 -28.67 -29.77 27.43
N GLY A 597 -29.35 -30.39 26.48
CA GLY A 597 -30.82 -30.45 26.46
C GLY A 597 -31.26 -29.94 25.10
N MET A 598 -32.43 -29.33 25.00
CA MET A 598 -32.99 -28.85 23.72
C MET A 598 -33.04 -27.34 23.48
N TYR A 599 -33.21 -26.95 22.22
CA TYR A 599 -33.35 -25.57 21.85
C TYR A 599 -34.63 -25.32 21.09
N LEU A 600 -35.26 -24.17 21.27
CA LEU A 600 -36.50 -23.92 20.58
C LEU A 600 -36.57 -22.49 20.22
N SER A 601 -36.71 -22.22 18.93
CA SER A 601 -36.93 -20.87 18.49
C SER A 601 -38.20 -20.80 17.66
N VAL A 602 -39.02 -19.78 17.95
CA VAL A 602 -40.27 -19.45 17.24
C VAL A 602 -40.10 -18.03 16.77
N LYS A 603 -40.18 -17.79 15.46
CA LYS A 603 -39.86 -16.47 14.83
C LYS A 603 -41.01 -15.99 13.89
N GLY A 604 -41.19 -14.69 13.67
CA GLY A 604 -42.12 -14.27 12.62
C GLY A 604 -43.14 -13.29 13.12
N TYR A 605 -44.22 -13.12 12.35
CA TYR A 605 -45.29 -12.19 12.73
C TYR A 605 -45.85 -12.68 14.03
N ASN A 606 -45.90 -11.77 15.00
CA ASN A 606 -46.34 -12.07 16.35
C ASN A 606 -47.82 -12.43 16.50
N ASP A 607 -48.69 -12.00 15.59
CA ASP A 607 -50.13 -12.28 15.67
C ASP A 607 -50.48 -13.70 16.13
N LYS A 608 -50.14 -14.74 15.37
CA LYS A 608 -50.58 -16.07 15.79
C LYS A 608 -49.47 -16.84 16.51
N GLN A 609 -48.47 -16.13 17.01
CA GLN A 609 -47.24 -16.78 17.49
C GLN A 609 -47.49 -17.66 18.71
N PRO A 610 -48.21 -17.14 19.75
CA PRO A 610 -48.59 -17.93 20.91
C PRO A 610 -49.40 -19.17 20.58
N ILE A 611 -50.22 -19.18 19.52
CA ILE A 611 -50.90 -20.41 19.10
C ILE A 611 -49.86 -21.51 18.82
N LEU A 612 -48.95 -21.25 17.91
CA LEU A 612 -48.08 -22.31 17.44
C LEU A 612 -47.22 -22.87 18.59
N LEU A 613 -46.69 -21.95 19.42
CA LEU A 613 -45.85 -22.27 20.56
C LEU A 613 -46.57 -23.24 21.46
N LYS A 614 -47.82 -22.89 21.83
CA LYS A 614 -48.63 -23.71 22.69
C LYS A 614 -48.81 -25.05 22.04
N LYS A 615 -49.00 -25.09 20.72
CA LYS A 615 -49.17 -26.38 20.02
C LYS A 615 -47.90 -27.20 20.12
N ILE A 616 -46.75 -26.55 20.11
CA ILE A 616 -45.47 -27.29 20.13
C ILE A 616 -45.24 -27.95 21.50
N ILE A 617 -45.29 -27.16 22.58
CA ILE A 617 -45.09 -27.63 23.96
C ILE A 617 -46.13 -28.71 24.27
N GLU A 618 -47.40 -28.36 24.20
CA GLU A 618 -48.42 -29.37 24.31
C GLU A 618 -48.03 -30.68 23.57
N LYS A 619 -47.46 -30.61 22.37
CA LYS A 619 -47.12 -31.82 21.67
C LYS A 619 -45.92 -32.51 22.29
N MET A 620 -44.83 -31.79 22.43
CA MET A 620 -43.67 -32.23 23.18
C MET A 620 -44.00 -33.07 24.44
N ALA A 621 -45.00 -32.64 25.19
CA ALA A 621 -45.28 -33.22 26.51
C ALA A 621 -46.29 -34.35 26.57
N THR A 622 -47.00 -34.61 25.49
CA THR A 622 -48.07 -35.60 25.44
C THR A 622 -47.83 -36.41 24.20
N PHE A 623 -46.56 -36.54 23.84
CA PHE A 623 -46.21 -37.10 22.56
C PHE A 623 -46.53 -38.59 22.43
N GLU A 624 -47.09 -38.97 21.28
CA GLU A 624 -47.32 -40.38 20.96
C GLU A 624 -46.59 -40.78 19.66
N ILE A 625 -45.66 -41.72 19.77
CA ILE A 625 -44.79 -42.11 18.67
C ILE A 625 -45.47 -43.14 17.78
N ASP A 626 -45.47 -42.95 16.46
CA ASP A 626 -45.98 -43.95 15.51
C ASP A 626 -44.85 -44.92 15.17
N GLU A 627 -45.01 -46.17 15.61
CA GLU A 627 -44.04 -47.24 15.39
C GLU A 627 -43.42 -47.21 13.96
N LYS A 628 -44.25 -47.11 12.92
CA LYS A 628 -43.79 -47.01 11.48
C LYS A 628 -42.81 -45.84 11.22
N ARG A 629 -43.14 -44.69 11.80
CA ARG A 629 -42.41 -43.43 11.63
C ARG A 629 -41.09 -43.48 12.34
N PHE A 630 -41.11 -43.99 13.58
CA PHE A 630 -39.90 -44.29 14.36
C PHE A 630 -38.88 -45.12 13.58
N GLU A 631 -39.36 -46.19 12.95
CA GLU A 631 -38.44 -47.12 12.34
C GLU A 631 -37.72 -46.47 11.15
N ILE A 632 -38.42 -45.59 10.43
CA ILE A 632 -37.88 -44.92 9.23
C ILE A 632 -36.89 -43.85 9.58
N ILE A 633 -37.31 -42.95 10.48
CA ILE A 633 -36.41 -41.88 10.92
C ILE A 633 -35.11 -42.47 11.46
N LYS A 634 -35.22 -43.54 12.25
CA LYS A 634 -34.06 -44.25 12.74
C LYS A 634 -33.08 -44.73 11.62
N GLU A 635 -33.62 -45.44 10.63
CA GLU A 635 -32.84 -45.82 9.47
C GLU A 635 -32.22 -44.57 8.82
N ALA A 636 -33.01 -43.50 8.67
CA ALA A 636 -32.52 -42.27 8.02
C ALA A 636 -31.36 -41.63 8.82
N TYR A 637 -31.41 -41.81 10.14
CA TYR A 637 -30.39 -41.30 11.03
C TYR A 637 -29.13 -42.15 10.96
N MET A 638 -29.25 -43.48 10.95
CA MET A 638 -28.09 -44.30 10.76
C MET A 638 -27.28 -43.81 9.54
N ARG A 639 -27.98 -43.51 8.46
CA ARG A 639 -27.30 -43.17 7.22
C ARG A 639 -26.57 -41.84 7.33
N SER A 640 -27.26 -40.89 7.94
CA SER A 640 -26.75 -39.59 8.25
C SER A 640 -25.40 -39.63 9.04
N LEU A 641 -25.34 -40.44 10.10
CA LEU A 641 -24.10 -40.60 10.85
C LEU A 641 -22.99 -41.20 9.98
N ASN A 642 -23.36 -42.26 9.25
CA ASN A 642 -22.44 -42.88 8.32
C ASN A 642 -21.97 -41.92 7.29
N ASN A 643 -22.86 -41.04 6.84
CA ASN A 643 -22.52 -40.12 5.76
C ASN A 643 -21.52 -39.06 6.11
N PHE A 644 -21.22 -38.95 7.40
CA PHE A 644 -20.19 -38.06 7.78
C PHE A 644 -18.87 -38.43 7.15
N ARG A 645 -18.63 -39.72 6.91
CA ARG A 645 -17.35 -40.12 6.28
C ARG A 645 -17.18 -39.51 4.86
N ALA A 646 -18.23 -38.89 4.33
CA ALA A 646 -18.16 -38.34 2.99
C ALA A 646 -18.06 -36.84 3.02
N GLU A 647 -18.22 -36.25 4.21
CA GLU A 647 -17.97 -34.82 4.41
C GLU A 647 -16.56 -34.38 4.03
N GLN A 648 -16.34 -33.09 3.93
CA GLN A 648 -15.10 -32.62 3.37
C GLN A 648 -13.95 -32.57 4.38
N PRO A 649 -12.69 -32.80 3.93
CA PRO A 649 -11.52 -32.89 4.85
C PRO A 649 -11.36 -31.73 5.88
N HIS A 650 -11.60 -30.51 5.45
CA HIS A 650 -11.58 -29.46 6.40
C HIS A 650 -12.75 -29.61 7.41
N GLN A 651 -13.94 -29.99 6.94
CA GLN A 651 -15.08 -30.15 7.88
C GLN A 651 -14.73 -31.28 8.91
N HIS A 652 -13.92 -32.25 8.47
CA HIS A 652 -13.46 -33.34 9.32
C HIS A 652 -12.48 -32.80 10.33
N ALA A 653 -11.48 -32.10 9.84
CA ALA A 653 -10.48 -31.52 10.72
C ALA A 653 -11.18 -30.76 11.82
N MET A 654 -12.10 -29.84 11.47
CA MET A 654 -12.83 -29.04 12.45
C MET A 654 -13.57 -29.95 13.43
N TYR A 655 -14.19 -31.00 12.93
CA TYR A 655 -14.90 -31.92 13.80
C TYR A 655 -13.99 -32.55 14.88
N TYR A 656 -12.92 -33.21 14.46
CA TYR A 656 -11.96 -33.75 15.41
C TYR A 656 -11.52 -32.71 16.45
N LEU A 657 -11.18 -31.51 16.01
CA LEU A 657 -10.73 -30.56 17.01
C LEU A 657 -11.83 -30.25 18.07
N ARG A 658 -13.10 -30.10 17.68
CA ARG A 658 -14.20 -30.01 18.64
C ARG A 658 -14.18 -31.20 19.62
N LEU A 659 -14.10 -32.44 19.12
CA LEU A 659 -14.02 -33.61 19.99
C LEU A 659 -12.82 -33.59 20.95
N LEU A 660 -11.69 -33.05 20.50
CA LEU A 660 -10.48 -33.14 21.31
C LEU A 660 -10.42 -32.07 22.38
N MET A 661 -11.00 -30.90 22.12
CA MET A 661 -10.88 -29.82 23.07
C MET A 661 -12.01 -29.69 24.06
N THR A 662 -13.07 -30.50 23.96
CA THR A 662 -14.24 -30.34 24.83
C THR A 662 -14.21 -31.41 25.88
N GLU A 663 -14.49 -30.99 27.11
CA GLU A 663 -14.54 -31.90 28.23
C GLU A 663 -15.28 -33.18 27.84
N VAL A 664 -16.53 -33.05 27.40
CA VAL A 664 -17.36 -34.24 27.08
C VAL A 664 -17.82 -34.15 25.63
N ALA A 665 -17.75 -35.24 24.86
CA ALA A 665 -18.20 -35.23 23.46
C ALA A 665 -18.25 -36.62 22.87
N TRP A 666 -19.41 -37.00 22.36
CA TRP A 666 -19.67 -38.35 21.90
C TRP A 666 -19.33 -38.47 20.42
N THR A 667 -18.49 -39.42 19.99
CA THR A 667 -18.07 -39.43 18.58
C THR A 667 -19.14 -40.04 17.68
N LYS A 668 -19.19 -39.62 16.40
CA LYS A 668 -20.13 -40.19 15.41
C LYS A 668 -20.11 -41.70 15.49
N ASP A 669 -18.94 -42.32 15.71
CA ASP A 669 -18.81 -43.80 15.81
C ASP A 669 -19.51 -44.29 17.03
N GLU A 670 -19.30 -43.59 18.15
CA GLU A 670 -19.94 -43.96 19.42
C GLU A 670 -21.48 -43.91 19.38
N LEU A 671 -22.02 -43.01 18.55
CA LEU A 671 -23.45 -42.85 18.39
C LEU A 671 -24.06 -43.89 17.46
N LYS A 672 -23.37 -44.11 16.37
CA LYS A 672 -23.63 -45.15 15.38
C LYS A 672 -23.75 -46.49 16.09
N GLU A 673 -22.74 -46.84 16.90
CA GLU A 673 -22.76 -48.09 17.63
C GLU A 673 -23.94 -48.17 18.60
N ALA A 674 -24.11 -47.15 19.41
CA ALA A 674 -25.12 -47.16 20.43
C ALA A 674 -26.55 -47.03 19.89
N LEU A 675 -26.69 -46.71 18.61
CA LEU A 675 -28.00 -46.53 18.02
C LEU A 675 -28.82 -47.81 17.83
N ASP A 676 -28.21 -48.97 17.93
CA ASP A 676 -29.02 -50.16 17.80
C ASP A 676 -29.78 -50.52 19.06
N ASP A 677 -29.27 -50.12 20.22
CA ASP A 677 -29.97 -50.42 21.46
C ASP A 677 -31.17 -49.50 21.66
N VAL A 678 -31.53 -48.73 20.63
CA VAL A 678 -32.62 -47.76 20.73
C VAL A 678 -33.93 -48.38 20.28
N THR A 679 -34.64 -49.02 21.19
CA THR A 679 -35.90 -49.66 20.82
C THR A 679 -37.05 -48.68 21.02
N LEU A 680 -38.22 -49.03 20.48
CA LEU A 680 -39.38 -48.18 20.72
C LEU A 680 -39.73 -48.07 22.22
N PRO A 681 -39.93 -49.21 22.92
CA PRO A 681 -40.03 -49.22 24.40
C PRO A 681 -39.08 -48.23 25.09
N ARG A 682 -37.78 -48.32 24.79
CA ARG A 682 -36.74 -47.49 25.39
C ARG A 682 -36.94 -45.98 25.17
N LEU A 683 -37.34 -45.60 23.94
CA LEU A 683 -37.65 -44.19 23.59
C LEU A 683 -38.81 -43.62 24.37
N LYS A 684 -39.99 -44.28 24.30
CA LYS A 684 -41.14 -44.06 25.23
C LYS A 684 -40.80 -43.83 26.71
N ALA A 685 -39.88 -44.59 27.27
CA ALA A 685 -39.39 -44.32 28.64
C ALA A 685 -38.48 -43.06 28.83
N PHE A 686 -37.66 -42.76 27.82
CA PHE A 686 -36.78 -41.62 27.83
C PHE A 686 -37.52 -40.29 27.92
N ILE A 687 -38.47 -40.09 27.02
CA ILE A 687 -39.20 -38.81 26.95
C ILE A 687 -39.65 -38.25 28.31
N PRO A 688 -40.41 -39.05 29.12
CA PRO A 688 -40.89 -38.42 30.36
C PRO A 688 -39.76 -38.23 31.32
N GLN A 689 -38.71 -39.05 31.18
CA GLN A 689 -37.53 -38.93 32.03
C GLN A 689 -36.87 -37.59 31.76
N LEU A 690 -36.54 -37.34 30.50
CA LEU A 690 -35.99 -36.05 30.10
C LEU A 690 -36.77 -34.82 30.55
N LEU A 691 -38.09 -34.93 30.49
CA LEU A 691 -39.01 -33.80 30.63
C LEU A 691 -39.47 -33.55 32.06
N SER A 692 -38.83 -34.22 33.03
CA SER A 692 -39.30 -34.21 34.40
C SER A 692 -38.53 -33.24 35.27
N ARG A 693 -37.27 -33.01 34.94
CA ARG A 693 -36.51 -31.94 35.62
C ARG A 693 -35.82 -31.11 34.53
N LEU A 694 -36.17 -29.80 34.51
CA LEU A 694 -35.61 -28.83 33.56
C LEU A 694 -35.27 -27.50 34.17
N HIS A 695 -34.42 -26.77 33.45
CA HIS A 695 -34.29 -25.31 33.63
C HIS A 695 -34.59 -24.70 32.27
N ILE A 696 -35.16 -23.51 32.24
CA ILE A 696 -35.37 -22.85 30.96
C ILE A 696 -34.75 -21.48 31.02
N GLU A 697 -33.98 -21.13 30.00
CA GLU A 697 -33.53 -19.76 29.85
C GLU A 697 -34.06 -19.30 28.53
N ALA A 698 -34.85 -18.25 28.56
CA ALA A 698 -35.48 -17.71 27.39
C ALA A 698 -35.02 -16.28 27.15
N LEU A 699 -35.04 -15.89 25.88
CA LEU A 699 -34.92 -14.49 25.49
C LEU A 699 -36.14 -14.20 24.67
N LEU A 700 -37.02 -13.30 25.12
CA LEU A 700 -38.20 -12.88 24.34
C LEU A 700 -38.02 -11.44 23.82
N HIS A 701 -38.10 -11.23 22.52
CA HIS A 701 -37.57 -9.99 21.91
C HIS A 701 -38.35 -9.63 20.67
N GLY A 702 -38.90 -8.43 20.62
CA GLY A 702 -39.77 -8.01 19.48
C GLY A 702 -41.00 -7.13 19.76
N ASN A 703 -42.01 -7.19 18.90
CA ASN A 703 -43.26 -6.51 19.16
C ASN A 703 -44.12 -7.18 20.23
N ILE A 704 -43.64 -7.16 21.47
CA ILE A 704 -44.34 -7.74 22.64
C ILE A 704 -44.05 -6.94 23.89
N THR A 705 -44.99 -7.00 24.85
CA THR A 705 -44.84 -6.28 26.12
C THR A 705 -44.33 -7.14 27.30
N LYS A 706 -43.84 -6.49 28.35
CA LYS A 706 -43.43 -7.19 29.59
C LYS A 706 -44.48 -8.24 30.03
N GLN A 707 -45.74 -7.83 30.03
CA GLN A 707 -46.78 -8.67 30.55
C GLN A 707 -47.10 -9.82 29.64
N ALA A 708 -47.07 -9.61 28.33
CA ALA A 708 -47.28 -10.70 27.38
C ALA A 708 -46.09 -11.67 27.44
N ALA A 709 -44.87 -11.13 27.67
CA ALA A 709 -43.68 -11.94 27.74
C ALA A 709 -43.68 -12.91 28.98
N LEU A 710 -43.97 -12.37 30.16
CA LEU A 710 -44.21 -13.19 31.34
C LEU A 710 -45.31 -14.24 31.09
N GLY A 711 -46.40 -13.83 30.43
CA GLY A 711 -47.48 -14.77 30.14
C GLY A 711 -47.05 -15.94 29.27
N ILE A 712 -46.22 -15.65 28.28
CA ILE A 712 -45.76 -16.66 27.32
C ILE A 712 -44.85 -17.63 28.04
N MET A 713 -43.95 -17.07 28.86
CA MET A 713 -42.97 -17.88 29.54
C MET A 713 -43.72 -18.78 30.47
N GLN A 714 -44.66 -18.19 31.23
CA GLN A 714 -45.45 -18.93 32.19
C GLN A 714 -46.34 -19.96 31.56
N MET A 715 -46.94 -19.61 30.43
CA MET A 715 -47.67 -20.63 29.70
C MET A 715 -46.81 -21.83 29.27
N VAL A 716 -45.58 -21.58 28.82
CA VAL A 716 -44.67 -22.69 28.53
C VAL A 716 -44.46 -23.58 29.75
N GLU A 717 -43.99 -23.02 30.86
CA GLU A 717 -43.84 -23.78 32.12
C GLU A 717 -45.08 -24.56 32.50
N ASP A 718 -46.21 -23.87 32.59
CA ASP A 718 -47.51 -24.41 32.96
C ASP A 718 -47.97 -25.60 32.16
N THR A 719 -47.63 -25.62 30.87
CA THR A 719 -47.96 -26.72 29.97
C THR A 719 -47.13 -27.95 30.31
N LEU A 720 -45.87 -27.71 30.66
CA LEU A 720 -44.95 -28.77 31.00
C LEU A 720 -45.29 -29.44 32.31
N ILE A 721 -45.65 -28.63 33.31
CA ILE A 721 -46.17 -29.15 34.56
C ILE A 721 -47.47 -29.94 34.30
N GLU A 722 -48.47 -29.31 33.70
CA GLU A 722 -49.74 -30.01 33.56
C GLU A 722 -49.57 -31.38 32.90
N HIS A 723 -48.55 -31.56 32.05
CA HIS A 723 -48.53 -32.75 31.21
C HIS A 723 -47.32 -33.65 31.39
N ALA A 724 -46.26 -33.17 32.02
CA ALA A 724 -45.07 -34.00 32.21
C ALA A 724 -44.53 -33.90 33.64
N HIS A 725 -45.18 -33.10 34.46
CA HIS A 725 -44.90 -32.96 35.90
C HIS A 725 -43.51 -32.39 36.16
N THR A 726 -43.07 -31.52 35.27
CA THR A 726 -41.71 -31.01 35.29
C THR A 726 -41.42 -30.28 36.59
N LYS A 727 -40.35 -30.66 37.26
CA LYS A 727 -39.95 -29.93 38.43
C LYS A 727 -38.63 -29.24 38.13
N PRO A 728 -38.27 -28.22 38.92
CA PRO A 728 -37.10 -27.44 38.60
C PRO A 728 -35.81 -28.22 38.83
N LEU A 729 -34.75 -27.85 38.13
CA LEU A 729 -33.44 -28.40 38.34
C LEU A 729 -32.65 -27.58 39.38
N LEU A 730 -31.63 -28.18 39.98
CA LEU A 730 -30.85 -27.52 41.03
C LEU A 730 -29.73 -26.67 40.40
N PRO A 731 -29.41 -25.49 41.02
CA PRO A 731 -28.32 -24.62 40.53
C PRO A 731 -27.04 -25.37 40.17
N SER A 732 -26.63 -26.32 41.00
CA SER A 732 -25.37 -27.03 40.78
C SER A 732 -25.42 -28.03 39.63
N GLN A 733 -26.62 -28.38 39.15
CA GLN A 733 -26.74 -29.30 38.02
C GLN A 733 -26.60 -28.57 36.71
N LEU A 734 -26.67 -27.23 36.77
CA LEU A 734 -26.54 -26.33 35.59
C LEU A 734 -25.07 -26.29 35.07
N VAL A 735 -24.59 -27.48 34.70
CA VAL A 735 -23.16 -27.71 34.42
C VAL A 735 -22.81 -27.39 32.99
N ARG A 736 -21.81 -26.53 32.83
CA ARG A 736 -21.24 -26.23 31.55
C ARG A 736 -19.89 -26.94 31.30
N TYR A 737 -19.66 -27.40 30.07
CA TYR A 737 -18.45 -28.12 29.74
C TYR A 737 -17.22 -27.21 29.56
N ARG A 738 -16.03 -27.65 29.97
CA ARG A 738 -14.85 -26.77 29.95
C ARG A 738 -13.93 -27.12 28.79
N GLU A 739 -13.02 -26.23 28.45
CA GLU A 739 -12.01 -26.57 27.44
C GLU A 739 -10.76 -27.13 28.06
N VAL A 740 -10.16 -28.12 27.41
CA VAL A 740 -8.83 -28.64 27.76
C VAL A 740 -7.76 -27.55 27.84
N GLN A 741 -7.01 -27.52 28.94
CA GLN A 741 -5.93 -26.56 29.08
C GLN A 741 -4.65 -27.17 28.58
N LEU A 742 -3.95 -26.46 27.68
CA LEU A 742 -2.77 -27.01 27.06
C LEU A 742 -1.48 -26.53 27.77
N PRO A 743 -0.44 -27.39 27.86
CA PRO A 743 0.80 -27.00 28.56
C PRO A 743 1.61 -25.95 27.80
N ASP A 744 2.11 -24.94 28.53
CA ASP A 744 3.08 -24.01 27.98
C ASP A 744 4.12 -24.78 27.20
N ARG A 745 4.32 -24.40 25.94
CA ARG A 745 5.39 -24.92 25.05
C ARG A 745 5.09 -26.24 24.37
N GLY A 746 3.97 -26.85 24.71
CA GLY A 746 3.60 -28.14 24.12
C GLY A 746 3.04 -28.01 22.72
N TRP A 747 3.07 -29.14 21.99
CA TRP A 747 2.50 -29.24 20.63
C TRP A 747 2.05 -30.66 20.31
N PHE A 748 0.75 -30.80 20.03
CA PHE A 748 0.15 -32.09 19.75
C PHE A 748 -0.39 -32.09 18.35
N VAL A 749 -0.44 -33.28 17.77
CA VAL A 749 -0.94 -33.51 16.44
C VAL A 749 -1.85 -34.70 16.54
N TYR A 750 -3.00 -34.62 15.90
CA TYR A 750 -3.89 -35.75 15.79
C TYR A 750 -4.06 -35.99 14.31
N GLN A 751 -3.91 -37.25 13.89
CA GLN A 751 -3.95 -37.56 12.49
C GLN A 751 -4.98 -38.60 12.06
N GLN A 752 -5.83 -38.26 11.10
CA GLN A 752 -6.82 -39.21 10.59
C GLN A 752 -6.92 -39.16 9.07
N ARG A 753 -7.61 -40.12 8.45
CA ARG A 753 -7.68 -40.15 6.98
C ARG A 753 -9.11 -39.90 6.47
N ASN A 754 -9.26 -39.03 5.48
CA ASN A 754 -10.52 -38.95 4.76
C ASN A 754 -10.55 -40.00 3.67
N GLU A 755 -11.47 -40.94 3.77
CA GLU A 755 -11.48 -42.01 2.80
C GLU A 755 -12.32 -41.74 1.52
N VAL A 756 -12.92 -40.58 1.39
CA VAL A 756 -13.70 -40.23 0.21
C VAL A 756 -13.02 -39.18 -0.68
N HIS A 757 -12.59 -38.08 -0.09
CA HIS A 757 -11.96 -36.99 -0.83
C HIS A 757 -10.46 -37.14 -1.04
N ASN A 758 -9.99 -36.77 -2.22
CA ASN A 758 -8.59 -36.90 -2.44
C ASN A 758 -7.86 -35.59 -2.27
N ASN A 759 -8.43 -34.72 -1.43
CA ASN A 759 -7.73 -33.55 -0.89
C ASN A 759 -7.32 -33.87 0.56
N SER A 760 -6.54 -33.01 1.20
CA SER A 760 -6.33 -33.12 2.65
C SER A 760 -6.80 -31.87 3.43
N GLY A 761 -6.96 -32.01 4.74
CA GLY A 761 -7.44 -30.88 5.55
C GLY A 761 -6.56 -30.69 6.75
N ILE A 762 -6.52 -29.46 7.27
CA ILE A 762 -5.71 -29.20 8.43
C ILE A 762 -6.35 -28.12 9.26
N GLU A 763 -6.44 -28.34 10.58
CA GLU A 763 -6.78 -27.24 11.49
C GLU A 763 -5.64 -27.08 12.47
N ILE A 764 -5.10 -25.87 12.54
CA ILE A 764 -4.09 -25.51 13.52
C ILE A 764 -4.70 -24.56 14.55
N TYR A 765 -4.59 -24.93 15.82
CA TYR A 765 -5.11 -24.08 16.88
C TYR A 765 -4.00 -23.61 17.86
N TYR A 766 -3.72 -22.30 17.87
CA TYR A 766 -2.86 -21.69 18.90
C TYR A 766 -3.72 -21.15 20.04
N GLN A 767 -3.92 -21.92 21.11
CA GLN A 767 -4.79 -21.52 22.21
C GLN A 767 -4.14 -20.34 22.99
N THR A 768 -4.92 -19.31 23.34
CA THR A 768 -4.38 -18.16 24.09
C THR A 768 -4.57 -18.01 25.60
N ASP A 769 -5.78 -17.69 26.04
CA ASP A 769 -6.22 -17.72 27.44
C ASP A 769 -7.74 -17.61 27.48
N MET A 770 -8.32 -17.36 28.64
CA MET A 770 -9.77 -17.24 28.72
C MET A 770 -10.25 -16.02 27.95
N GLN A 771 -11.55 -15.89 27.76
CA GLN A 771 -12.00 -14.64 27.19
C GLN A 771 -12.03 -13.57 28.29
N SER A 772 -11.41 -12.44 28.02
CA SER A 772 -11.54 -11.29 28.90
C SER A 772 -11.36 -10.05 28.01
N THR A 773 -12.06 -8.97 28.33
CA THR A 773 -11.97 -7.78 27.51
C THR A 773 -10.58 -7.61 26.89
N SER A 774 -9.58 -7.58 27.75
CA SER A 774 -8.20 -7.49 27.35
C SER A 774 -7.76 -8.61 26.37
N GLU A 775 -7.86 -9.87 26.80
CA GLU A 775 -7.33 -10.96 26.02
C GLU A 775 -8.11 -11.09 24.70
N ASN A 776 -9.40 -10.76 24.72
CA ASN A 776 -10.27 -10.73 23.54
C ASN A 776 -9.79 -9.83 22.43
N MET A 777 -9.49 -8.59 22.77
CA MET A 777 -9.02 -7.67 21.74
C MET A 777 -7.57 -7.83 21.27
N PHE A 778 -6.66 -8.39 22.09
CA PHE A 778 -5.34 -8.70 21.55
C PHE A 778 -5.48 -9.67 20.38
N LEU A 779 -6.26 -10.75 20.60
CA LEU A 779 -6.55 -11.77 19.58
C LEU A 779 -7.24 -11.15 18.37
N GLU A 780 -8.27 -10.33 18.60
CA GLU A 780 -9.02 -9.78 17.47
C GLU A 780 -8.20 -8.85 16.59
N LEU A 781 -7.33 -8.05 17.19
CA LEU A 781 -6.55 -7.11 16.39
C LEU A 781 -5.51 -7.87 15.60
N PHE A 782 -4.96 -8.88 16.25
CA PHE A 782 -3.98 -9.65 15.58
C PHE A 782 -4.62 -10.34 14.39
N ALA A 783 -5.84 -10.86 14.59
CA ALA A 783 -6.54 -11.56 13.52
C ALA A 783 -6.83 -10.61 12.37
N GLN A 784 -7.22 -9.40 12.70
CA GLN A 784 -7.53 -8.36 11.73
C GLN A 784 -6.33 -7.99 10.89
N ILE A 785 -5.17 -7.85 11.52
CA ILE A 785 -3.97 -7.51 10.79
C ILE A 785 -3.59 -8.64 9.85
N ILE A 786 -3.78 -9.88 10.27
CA ILE A 786 -3.29 -10.98 9.47
C ILE A 786 -4.34 -11.53 8.52
N SER A 787 -5.56 -11.00 8.60
CA SER A 787 -6.67 -11.58 7.89
C SER A 787 -6.44 -11.63 6.39
N GLU A 788 -6.19 -10.49 5.74
CA GLU A 788 -5.96 -10.56 4.32
C GLU A 788 -4.57 -11.02 3.95
N PRO A 789 -3.52 -10.61 4.68
CA PRO A 789 -2.25 -11.21 4.32
C PRO A 789 -2.23 -12.74 4.35
N ALA A 790 -3.05 -13.37 5.18
CA ALA A 790 -3.01 -14.82 5.25
C ALA A 790 -3.60 -15.36 3.99
N PHE A 791 -4.81 -14.90 3.68
CA PHE A 791 -5.43 -15.20 2.39
C PHE A 791 -4.44 -14.96 1.26
N ASN A 792 -3.89 -13.77 1.21
CA ASN A 792 -3.07 -13.38 0.10
C ASN A 792 -1.80 -14.19 -0.04
N THR A 793 -1.15 -14.52 1.07
CA THR A 793 0.06 -15.37 1.04
C THR A 793 -0.26 -16.83 0.81
N LEU A 794 -1.09 -17.42 1.67
CA LEU A 794 -1.35 -18.87 1.59
C LEU A 794 -2.12 -19.32 0.35
N ARG A 795 -3.02 -18.46 -0.16
CA ARG A 795 -3.74 -18.80 -1.38
C ARG A 795 -3.21 -18.09 -2.63
N THR A 796 -3.37 -16.78 -2.71
CA THR A 796 -3.06 -16.07 -3.94
C THR A 796 -1.64 -16.35 -4.37
N LYS A 797 -0.68 -16.11 -3.47
CA LYS A 797 0.73 -16.39 -3.78
C LYS A 797 1.07 -17.86 -3.84
N GLU A 798 0.99 -18.57 -2.71
CA GLU A 798 1.50 -19.94 -2.62
C GLU A 798 0.52 -21.00 -3.16
N GLN A 799 -0.69 -20.52 -3.44
CA GLN A 799 -1.73 -21.34 -4.02
C GLN A 799 -1.82 -22.69 -3.31
N LEU A 800 -2.12 -22.66 -2.01
CA LEU A 800 -2.18 -23.90 -1.30
C LEU A 800 -3.52 -24.60 -1.38
N GLY A 801 -4.57 -23.87 -1.77
CA GLY A 801 -5.87 -24.46 -1.85
C GLY A 801 -6.89 -23.35 -2.02
N TYR A 802 -8.09 -23.74 -2.41
CA TYR A 802 -9.21 -22.83 -2.53
C TYR A 802 -9.59 -22.39 -1.13
N ILE A 803 -9.70 -23.32 -0.20
CA ILE A 803 -10.15 -22.96 1.14
C ILE A 803 -8.91 -22.58 1.97
N VAL A 804 -8.88 -21.31 2.40
CA VAL A 804 -7.85 -20.77 3.28
C VAL A 804 -8.48 -19.77 4.24
N PHE A 805 -8.68 -20.18 5.49
CA PHE A 805 -9.37 -19.35 6.49
C PHE A 805 -8.43 -19.12 7.65
N SER A 806 -8.53 -17.96 8.28
CA SER A 806 -7.90 -17.73 9.57
C SER A 806 -8.77 -16.81 10.44
N GLY A 807 -8.54 -16.76 11.74
CA GLY A 807 -9.35 -15.91 12.58
C GLY A 807 -9.41 -16.49 13.96
N PRO A 808 -10.07 -15.77 14.90
CA PRO A 808 -10.22 -16.26 16.25
C PRO A 808 -11.04 -17.53 16.26
N ARG A 809 -10.75 -18.41 17.23
CA ARG A 809 -11.60 -19.52 17.62
C ARG A 809 -12.08 -19.28 19.05
N ARG A 810 -13.37 -19.52 19.32
CA ARG A 810 -13.95 -19.27 20.64
C ARG A 810 -14.84 -20.42 21.03
N ALA A 811 -14.49 -21.16 22.08
CA ALA A 811 -15.36 -22.24 22.59
C ALA A 811 -15.28 -22.31 24.10
N ASN A 812 -16.43 -22.59 24.72
CA ASN A 812 -16.52 -22.84 26.16
C ASN A 812 -15.74 -21.81 26.95
N GLY A 813 -15.76 -20.56 26.49
CA GLY A 813 -15.15 -19.50 27.27
C GLY A 813 -13.67 -19.31 27.04
N ILE A 814 -13.05 -20.24 26.34
CA ILE A 814 -11.65 -20.09 25.97
C ILE A 814 -11.51 -19.67 24.50
N GLN A 815 -10.30 -19.26 24.08
CA GLN A 815 -10.07 -18.72 22.73
C GLN A 815 -8.65 -18.89 22.24
N GLY A 816 -8.45 -18.54 20.97
CA GLY A 816 -7.16 -18.73 20.33
C GLY A 816 -7.27 -18.45 18.84
N LEU A 817 -6.13 -18.55 18.15
CA LEU A 817 -6.03 -18.25 16.74
C LEU A 817 -6.16 -19.55 16.07
N ARG A 818 -6.70 -19.56 14.85
CA ARG A 818 -6.72 -20.82 14.08
C ARG A 818 -6.53 -20.61 12.60
N PHE A 819 -5.93 -21.61 11.95
CA PHE A 819 -5.84 -21.65 10.49
C PHE A 819 -6.59 -22.87 10.02
N ILE A 820 -7.38 -22.73 8.95
CA ILE A 820 -7.94 -23.90 8.27
C ILE A 820 -7.59 -23.86 6.78
N ILE A 821 -7.02 -24.96 6.27
CA ILE A 821 -6.67 -25.12 4.85
C ILE A 821 -7.12 -26.51 4.35
N GLN A 822 -7.68 -26.56 3.14
CA GLN A 822 -7.90 -27.78 2.40
C GLN A 822 -7.00 -27.68 1.16
N SER A 823 -6.27 -28.75 0.89
CA SER A 823 -5.13 -28.69 0.02
C SER A 823 -4.81 -30.02 -0.61
N GLU A 824 -4.04 -29.94 -1.68
CA GLU A 824 -3.60 -31.14 -2.32
C GLU A 824 -2.26 -31.59 -1.66
N LYS A 825 -1.46 -30.63 -1.20
CA LYS A 825 -0.19 -30.90 -0.49
C LYS A 825 -0.45 -31.54 0.91
N PRO A 826 0.54 -32.28 1.47
CA PRO A 826 0.38 -32.94 2.77
C PRO A 826 0.31 -31.98 3.96
N PRO A 827 -0.29 -32.38 5.08
CA PRO A 827 -0.37 -31.54 6.27
C PRO A 827 0.96 -31.08 6.84
N HIS A 828 1.96 -31.96 6.95
CA HIS A 828 3.28 -31.53 7.51
C HIS A 828 3.74 -30.32 6.70
N TYR A 829 3.40 -30.32 5.41
CA TYR A 829 3.76 -29.24 4.52
C TYR A 829 2.99 -27.95 4.83
N LEU A 830 1.66 -28.06 4.95
CA LEU A 830 0.83 -26.93 5.32
C LEU A 830 1.33 -26.32 6.64
N GLU A 831 1.53 -27.17 7.66
CA GLU A 831 2.11 -26.72 8.91
C GLU A 831 3.26 -25.73 8.69
N SER A 832 4.26 -26.18 7.92
CA SER A 832 5.43 -25.38 7.76
C SER A 832 5.14 -24.05 7.08
N ARG A 833 4.25 -24.00 6.12
CA ARG A 833 4.04 -22.70 5.45
C ARG A 833 3.21 -21.65 6.22
N VAL A 834 2.35 -22.13 7.10
CA VAL A 834 1.71 -21.29 8.09
C VAL A 834 2.76 -20.70 9.03
N GLU A 835 3.62 -21.58 9.52
CA GLU A 835 4.70 -21.11 10.37
C GLU A 835 5.58 -20.03 9.71
N ALA A 836 5.83 -20.24 8.42
CA ALA A 836 6.60 -19.34 7.61
C ALA A 836 5.88 -18.02 7.62
N PHE A 837 4.59 -18.08 7.27
CA PHE A 837 3.73 -16.92 7.22
C PHE A 837 3.75 -16.10 8.54
N LEU A 838 3.65 -16.82 9.65
CA LEU A 838 3.58 -16.21 10.96
C LEU A 838 4.82 -15.34 11.23
N ILE A 839 6.01 -15.78 10.75
CA ILE A 839 7.23 -14.94 10.83
C ILE A 839 7.16 -13.69 9.95
N THR A 840 6.79 -13.88 8.68
CA THR A 840 6.46 -12.78 7.80
C THR A 840 5.62 -11.73 8.56
N MET A 841 4.63 -12.18 9.33
CA MET A 841 3.75 -11.27 10.08
C MET A 841 4.43 -10.47 11.17
N GLU A 842 5.18 -11.10 12.07
CA GLU A 842 5.86 -10.32 13.12
C GLU A 842 6.75 -9.29 12.42
N LYS A 843 7.46 -9.74 11.39
CA LYS A 843 8.23 -8.89 10.51
C LYS A 843 7.40 -7.68 9.90
N SER A 844 6.12 -7.87 9.60
CA SER A 844 5.27 -6.79 9.10
C SER A 844 4.76 -5.77 10.09
N ILE A 845 4.55 -6.20 11.33
CA ILE A 845 4.00 -5.33 12.37
C ILE A 845 5.12 -4.36 12.75
N GLU A 846 6.34 -4.91 12.79
CA GLU A 846 7.54 -4.12 12.95
C GLU A 846 7.64 -3.03 11.86
N ASP A 847 7.60 -3.42 10.60
CA ASP A 847 7.74 -2.45 9.52
C ASP A 847 6.59 -1.48 9.23
N MET A 848 5.44 -1.59 9.89
CA MET A 848 4.25 -0.80 9.48
C MET A 848 4.12 0.53 10.20
N THR A 849 3.70 1.56 9.45
CA THR A 849 3.48 2.93 9.95
C THR A 849 2.48 2.96 11.15
N GLU A 850 2.60 3.93 12.06
CA GLU A 850 1.70 3.92 13.23
C GLU A 850 0.32 4.14 12.70
N GLU A 851 0.24 4.88 11.61
CA GLU A 851 -1.01 5.12 10.96
C GLU A 851 -1.58 3.82 10.30
N ALA A 852 -0.78 3.04 9.57
CA ALA A 852 -1.21 1.69 9.13
C ALA A 852 -1.78 0.92 10.30
N PHE A 853 -1.04 0.92 11.40
CA PHE A 853 -1.53 0.28 12.63
C PHE A 853 -2.89 0.82 13.09
N GLN A 854 -3.09 2.11 12.96
CA GLN A 854 -4.27 2.75 13.51
C GLN A 854 -5.49 2.49 12.59
N LYS A 855 -5.23 2.23 11.31
CA LYS A 855 -6.27 1.93 10.30
C LYS A 855 -6.94 0.59 10.62
N HIS A 856 -6.10 -0.37 11.01
CA HIS A 856 -6.55 -1.70 11.38
C HIS A 856 -7.40 -1.65 12.66
N ILE A 857 -6.98 -0.84 13.62
CA ILE A 857 -7.72 -0.63 14.83
C ILE A 857 -9.07 -0.10 14.41
N GLN A 858 -9.07 0.89 13.53
CA GLN A 858 -10.31 1.51 13.09
C GLN A 858 -11.22 0.54 12.32
N ALA A 859 -10.65 -0.34 11.51
CA ALA A 859 -11.44 -1.32 10.78
C ALA A 859 -12.12 -2.29 11.77
N LEU A 860 -11.35 -2.92 12.65
CA LEU A 860 -11.95 -3.79 13.68
C LEU A 860 -13.04 -3.05 14.45
N ALA A 861 -12.75 -1.83 14.86
CA ALA A 861 -13.74 -0.92 15.42
C ALA A 861 -15.05 -0.87 14.60
N ILE A 862 -14.95 -0.54 13.33
CA ILE A 862 -16.15 -0.46 12.51
C ILE A 862 -16.90 -1.79 12.42
N ARG A 863 -16.19 -2.91 12.26
CA ARG A 863 -16.82 -4.24 12.18
C ARG A 863 -17.56 -4.52 13.47
N ARG A 864 -16.83 -4.40 14.57
CA ARG A 864 -17.38 -4.70 15.86
C ARG A 864 -18.62 -3.88 16.17
N LEU A 865 -18.62 -2.61 15.74
CA LEU A 865 -19.73 -1.70 16.11
C LEU A 865 -20.92 -1.69 15.14
N ASP A 866 -20.85 -2.41 14.01
CA ASP A 866 -21.87 -2.31 12.95
C ASP A 866 -23.23 -2.69 13.51
N LYS A 867 -24.18 -1.77 13.44
CA LYS A 867 -25.52 -1.99 14.03
C LYS A 867 -26.27 -3.05 13.24
N PRO A 868 -26.95 -4.02 13.92
CA PRO A 868 -27.90 -4.96 13.26
C PRO A 868 -28.94 -4.23 12.42
N LYS A 869 -29.34 -4.80 11.28
CA LYS A 869 -30.25 -4.05 10.42
C LYS A 869 -31.68 -4.61 10.61
N LYS A 870 -31.78 -5.81 11.19
CA LYS A 870 -33.03 -6.55 11.36
C LYS A 870 -33.12 -7.19 12.74
N LEU A 871 -34.36 -7.38 13.21
CA LEU A 871 -34.62 -8.04 14.48
C LEU A 871 -33.75 -9.30 14.66
N SER A 872 -33.91 -10.28 13.79
CA SER A 872 -33.21 -11.55 14.01
C SER A 872 -31.75 -11.37 14.39
N ALA A 873 -31.12 -10.35 13.79
CA ALA A 873 -29.70 -10.08 13.95
C ALA A 873 -29.40 -9.54 15.36
N GLU A 874 -30.27 -8.67 15.87
CA GLU A 874 -30.11 -8.13 17.24
C GLU A 874 -30.29 -9.29 18.21
N SER A 875 -31.35 -10.07 18.02
CA SER A 875 -31.61 -11.22 18.88
C SER A 875 -30.37 -12.09 19.00
N ALA A 876 -29.74 -12.34 17.86
CA ALA A 876 -28.65 -13.26 17.79
C ALA A 876 -27.48 -12.80 18.70
N LYS A 877 -27.12 -11.52 18.62
CA LYS A 877 -26.10 -10.94 19.45
C LYS A 877 -26.42 -11.14 20.92
N TYR A 878 -27.68 -10.88 21.33
CA TYR A 878 -28.11 -11.10 22.73
C TYR A 878 -28.03 -12.59 23.11
N TRP A 879 -28.51 -13.47 22.25
CA TRP A 879 -28.48 -14.88 22.49
C TRP A 879 -27.05 -15.43 22.68
N GLY A 880 -26.10 -14.95 21.87
CA GLY A 880 -24.73 -15.37 22.05
C GLY A 880 -24.27 -15.03 23.44
N GLU A 881 -24.76 -13.91 23.96
CA GLU A 881 -24.41 -13.49 25.31
C GLU A 881 -25.04 -14.41 26.35
N ILE A 882 -26.27 -14.81 26.11
CA ILE A 882 -26.95 -15.68 27.04
C ILE A 882 -26.51 -17.14 26.96
N ILE A 883 -26.28 -17.71 25.77
CA ILE A 883 -25.85 -19.09 25.78
C ILE A 883 -24.45 -19.25 26.32
N SER A 884 -23.56 -18.29 26.05
CA SER A 884 -22.21 -18.33 26.64
C SER A 884 -22.18 -17.97 28.14
N GLN A 885 -23.32 -17.61 28.70
CA GLN A 885 -23.43 -17.13 30.08
C GLN A 885 -22.49 -15.99 30.45
N GLN A 886 -22.12 -15.17 29.48
CA GLN A 886 -21.37 -13.95 29.79
C GLN A 886 -22.25 -12.70 30.03
N TYR A 887 -23.43 -12.69 29.42
CA TYR A 887 -24.43 -11.67 29.68
C TYR A 887 -23.84 -10.26 29.54
N ASN A 888 -22.94 -10.12 28.58
CA ASN A 888 -22.22 -8.90 28.38
C ASN A 888 -22.83 -8.08 27.25
N PHE A 889 -24.02 -7.53 27.52
CA PHE A 889 -24.82 -6.90 26.49
C PHE A 889 -24.27 -5.61 25.95
N ASP A 890 -23.33 -5.02 26.67
CA ASP A 890 -22.80 -3.77 26.24
C ASP A 890 -21.36 -3.98 25.76
N ARG A 891 -21.04 -5.23 25.42
CA ARG A 891 -19.66 -5.61 25.20
C ARG A 891 -19.00 -4.83 24.10
N ASP A 892 -19.76 -4.59 23.03
CA ASP A 892 -19.20 -3.90 21.88
C ASP A 892 -18.64 -2.49 22.23
N ASN A 893 -19.30 -1.72 23.09
CA ASN A 893 -18.73 -0.41 23.46
C ASN A 893 -17.54 -0.52 24.36
N THR A 894 -17.68 -1.33 25.40
CA THR A 894 -16.60 -1.67 26.32
C THR A 894 -15.31 -2.13 25.59
N GLU A 895 -15.42 -3.26 24.88
CA GLU A 895 -14.27 -3.79 24.14
C GLU A 895 -13.65 -2.83 23.11
N VAL A 896 -14.48 -2.04 22.46
CA VAL A 896 -13.96 -1.06 21.49
C VAL A 896 -13.19 0.05 22.20
N ALA A 897 -13.72 0.57 23.31
CA ALA A 897 -13.00 1.60 24.06
C ALA A 897 -11.57 1.10 24.31
N TYR A 898 -11.49 -0.07 24.91
CA TYR A 898 -10.24 -0.72 25.19
C TYR A 898 -9.29 -0.95 23.97
N LEU A 899 -9.86 -1.34 22.84
CA LEU A 899 -9.11 -1.56 21.60
C LEU A 899 -8.28 -0.34 21.24
N LYS A 900 -8.92 0.83 21.15
CA LYS A 900 -8.29 2.11 20.74
C LYS A 900 -7.05 2.53 21.58
N THR A 901 -6.93 1.93 22.77
CA THR A 901 -5.80 2.01 23.69
C THR A 901 -4.56 1.22 23.29
N LEU A 902 -4.63 0.31 22.33
CA LEU A 902 -3.47 -0.56 22.05
C LEU A 902 -2.44 0.03 21.09
N THR A 903 -1.22 -0.48 21.11
CA THR A 903 -0.13 0.10 20.30
C THR A 903 0.71 -1.01 19.74
N LYS A 904 1.43 -0.73 18.66
CA LYS A 904 2.33 -1.73 18.12
C LYS A 904 3.07 -2.59 19.18
N GLU A 905 3.57 -2.00 20.27
CA GLU A 905 4.33 -2.81 21.23
C GLU A 905 3.43 -3.81 21.97
N ASP A 906 2.24 -3.38 22.39
CA ASP A 906 1.23 -4.32 22.91
C ASP A 906 1.03 -5.57 22.05
N ILE A 907 1.10 -5.44 20.75
CA ILE A 907 0.74 -6.54 19.91
C ILE A 907 1.93 -7.44 19.67
N ILE A 908 3.11 -6.84 19.46
CA ILE A 908 4.33 -7.62 19.37
C ILE A 908 4.56 -8.44 20.67
N LYS A 909 4.27 -7.86 21.84
CA LYS A 909 4.50 -8.53 23.12
C LYS A 909 3.60 -9.72 23.21
N PHE A 910 2.36 -9.48 22.81
CA PHE A 910 1.34 -10.51 22.72
C PHE A 910 1.80 -11.68 21.83
N TYR A 911 2.36 -11.36 20.66
CA TYR A 911 2.70 -12.41 19.70
C TYR A 911 3.89 -13.19 20.17
N LYS A 912 4.77 -12.46 20.87
CA LYS A 912 6.00 -13.00 21.42
C LYS A 912 5.77 -13.94 22.61
N GLU A 913 4.86 -13.57 23.50
CA GLU A 913 4.33 -14.44 24.55
C GLU A 913 3.53 -15.71 24.16
N MET A 914 2.50 -15.57 23.31
CA MET A 914 1.59 -16.70 23.02
C MET A 914 1.76 -17.37 21.65
N LEU A 915 2.39 -16.68 20.71
CA LEU A 915 2.32 -17.13 19.31
C LEU A 915 3.63 -17.48 18.64
N ALA A 916 4.68 -16.67 18.76
CA ALA A 916 5.93 -16.95 18.05
C ALA A 916 6.36 -18.38 18.30
N VAL A 917 7.06 -18.97 17.35
CA VAL A 917 7.51 -20.36 17.50
C VAL A 917 8.25 -20.71 18.83
N ASP A 918 9.00 -19.76 19.38
CA ASP A 918 9.71 -19.96 20.65
C ASP A 918 9.02 -19.18 21.80
N ALA A 919 7.72 -19.00 21.66
CA ALA A 919 6.94 -18.38 22.69
C ALA A 919 6.90 -19.22 23.97
N PRO A 920 7.12 -18.56 25.12
CA PRO A 920 7.05 -19.16 26.43
C PRO A 920 5.71 -19.81 26.72
N ARG A 921 4.62 -19.32 26.12
CA ARG A 921 3.31 -19.91 26.35
C ARG A 921 2.62 -20.25 25.07
N ARG A 922 3.31 -20.88 24.15
CA ARG A 922 2.66 -21.29 22.93
C ARG A 922 1.94 -22.59 23.22
N HIS A 923 0.64 -22.67 22.92
CA HIS A 923 -0.12 -23.92 23.07
C HIS A 923 -0.70 -24.33 21.70
N LYS A 924 -0.10 -25.31 21.07
CA LYS A 924 -0.43 -25.64 19.71
C LYS A 924 -1.04 -27.03 19.60
N VAL A 925 -2.20 -27.12 18.97
CA VAL A 925 -2.78 -28.42 18.62
C VAL A 925 -3.09 -28.42 17.15
N SER A 926 -2.82 -29.54 16.51
CA SER A 926 -3.08 -29.63 15.09
C SER A 926 -3.84 -30.90 14.78
N VAL A 927 -4.84 -30.78 13.89
CA VAL A 927 -5.54 -31.92 13.32
C VAL A 927 -5.10 -32.05 11.87
N HIS A 928 -4.51 -33.19 11.53
CA HIS A 928 -4.12 -33.47 10.14
C HIS A 928 -5.17 -34.45 9.58
N VAL A 929 -5.88 -34.09 8.50
CA VAL A 929 -6.76 -35.06 7.85
C VAL A 929 -6.14 -35.32 6.50
N LEU A 930 -5.61 -36.53 6.29
CA LEU A 930 -4.94 -36.94 5.03
C LEU A 930 -5.92 -37.36 3.92
N ALA A 931 -5.49 -37.24 2.68
CA ALA A 931 -6.31 -37.56 1.51
C ALA A 931 -6.51 -39.05 1.28
N ARG A 932 -7.51 -39.40 0.47
CA ARG A 932 -7.77 -40.78 0.09
C ARG A 932 -6.46 -41.56 -0.10
N GLU A 933 -5.57 -40.97 -0.88
CA GLU A 933 -4.40 -41.64 -1.39
C GLU A 933 -3.13 -41.66 -0.53
N MET A 934 -2.90 -40.74 0.42
CA MET A 934 -1.63 -40.78 1.19
C MET A 934 -1.54 -41.92 2.22
N ASN A 950 12.46 -17.46 -4.06
CA ASN A 950 11.20 -18.18 -4.27
C ASN A 950 10.14 -17.92 -3.15
N LEU A 951 10.28 -18.62 -2.00
CA LEU A 951 9.31 -18.67 -0.88
C LEU A 951 10.01 -18.35 0.44
N SER A 952 9.27 -17.77 1.39
CA SER A 952 9.83 -17.37 2.69
C SER A 952 10.42 -18.53 3.51
N GLN A 953 11.17 -18.21 4.56
CA GLN A 953 11.85 -19.20 5.38
C GLN A 953 10.91 -19.83 6.43
N ALA A 954 10.76 -21.15 6.39
CA ALA A 954 10.01 -21.84 7.46
C ALA A 954 10.95 -22.23 8.60
N PRO A 955 10.60 -21.87 9.84
CA PRO A 955 11.47 -22.13 11.01
C PRO A 955 11.53 -23.61 11.36
N ALA A 956 12.53 -24.05 12.10
CA ALA A 956 12.55 -25.48 12.46
C ALA A 956 11.61 -25.72 13.63
N LEU A 957 10.76 -26.73 13.48
CA LEU A 957 9.73 -27.08 14.48
C LEU A 957 10.13 -28.23 15.43
N PRO A 958 9.46 -28.32 16.59
CA PRO A 958 9.72 -29.39 17.53
C PRO A 958 9.09 -30.72 17.10
N GLN A 959 9.59 -31.82 17.66
CA GLN A 959 8.93 -33.14 17.62
C GLN A 959 7.54 -32.99 18.25
N PRO A 960 6.47 -33.15 17.45
CA PRO A 960 5.14 -33.02 18.05
C PRO A 960 4.87 -34.26 18.87
N GLU A 961 3.92 -34.18 19.79
CA GLU A 961 3.47 -35.34 20.53
C GLU A 961 2.20 -35.91 19.85
N VAL A 962 2.34 -37.00 19.13
CA VAL A 962 1.23 -37.52 18.34
C VAL A 962 0.13 -38.12 19.21
N ILE A 963 -1.04 -37.46 19.30
CA ILE A 963 -2.20 -37.97 20.05
C ILE A 963 -2.68 -39.33 19.56
N GLN A 964 -2.57 -40.32 20.42
CA GLN A 964 -2.99 -41.66 20.06
C GLN A 964 -4.47 -41.91 20.38
N ASN A 965 -4.90 -41.57 21.59
CA ASN A 965 -6.25 -41.84 22.04
C ASN A 965 -6.87 -40.57 22.59
N MET A 966 -8.08 -40.25 22.15
CA MET A 966 -8.68 -38.97 22.48
C MET A 966 -9.00 -38.86 23.94
N THR A 967 -9.50 -39.94 24.53
CA THR A 967 -9.76 -39.97 25.97
C THR A 967 -8.49 -39.81 26.82
N GLU A 968 -7.39 -40.46 26.44
CA GLU A 968 -6.17 -40.37 27.23
C GLU A 968 -5.62 -38.97 27.28
N PHE A 969 -5.48 -38.39 26.08
CA PHE A 969 -5.17 -36.99 25.90
C PHE A 969 -5.94 -36.11 26.87
N LYS A 970 -7.25 -36.31 26.99
CA LYS A 970 -8.10 -35.48 27.85
C LYS A 970 -7.86 -35.71 29.36
N ARG A 971 -7.79 -36.99 29.76
CA ARG A 971 -7.52 -37.40 31.14
C ARG A 971 -6.20 -36.82 31.65
N GLY A 972 -5.19 -36.79 30.79
CA GLY A 972 -3.88 -36.34 31.18
C GLY A 972 -3.61 -34.85 31.16
N LEU A 973 -4.64 -33.99 31.09
CA LEU A 973 -4.44 -32.52 31.04
C LEU A 973 -5.33 -31.75 31.99
N PRO A 974 -4.92 -30.52 32.34
CA PRO A 974 -5.88 -29.74 33.13
C PRO A 974 -7.16 -29.39 32.34
N LEU A 975 -8.22 -29.03 33.04
CA LEU A 975 -9.36 -28.39 32.37
C LEU A 975 -9.36 -26.96 32.84
N PHE A 976 -9.82 -26.04 31.97
CA PHE A 976 -9.87 -24.56 32.24
C PHE A 976 -10.96 -24.21 33.22
N PRO A 977 -10.96 -22.99 33.79
CA PRO A 977 -12.15 -22.57 34.52
C PRO A 977 -13.24 -22.25 33.52
N LEU A 978 -14.43 -21.88 34.00
CA LEU A 978 -15.47 -21.21 33.19
C LEU A 978 -15.47 -19.69 33.46
N VAL A 979 -15.90 -18.91 32.47
CA VAL A 979 -15.92 -17.42 32.57
C VAL A 979 -16.93 -16.94 33.62
N LYS A 980 -16.47 -16.04 34.49
CA LYS A 980 -17.35 -15.31 35.42
C LYS A 980 -18.39 -14.46 34.61
N PRO A 981 -19.72 -14.62 34.90
CA PRO A 981 -20.78 -13.77 34.32
C PRO A 981 -20.56 -12.27 34.51
N HIS A 982 -21.05 -11.46 33.57
CA HIS A 982 -21.16 -10.03 33.80
C HIS A 982 -22.62 -9.71 34.17
N ASN B 14 14.27 2.16 35.12
CA ASN B 14 14.33 3.58 34.64
C ASN B 14 15.39 4.47 35.34
N ASN B 15 16.01 5.35 34.55
CA ASN B 15 16.76 6.51 35.09
C ASN B 15 15.76 7.70 35.27
N PRO B 16 15.97 8.55 36.31
CA PRO B 16 15.13 9.75 36.50
C PRO B 16 15.51 10.93 35.57
N ALA B 17 16.66 10.80 34.90
CA ALA B 17 17.15 11.76 33.90
C ALA B 17 16.57 11.52 32.50
N ILE B 18 15.85 10.40 32.35
CA ILE B 18 15.14 10.04 31.13
C ILE B 18 13.63 10.05 31.39
N LYS B 19 12.91 11.00 30.80
CA LYS B 19 11.47 11.05 30.96
C LYS B 19 10.80 9.82 30.36
N ARG B 20 11.23 9.41 29.17
CA ARG B 20 10.55 8.38 28.37
C ARG B 20 11.49 7.65 27.44
N ILE B 21 11.19 6.39 27.10
CA ILE B 21 11.97 5.64 26.12
C ILE B 21 11.05 5.19 25.02
N GLY B 22 11.41 5.50 23.80
CA GLY B 22 10.57 5.23 22.66
C GLY B 22 10.68 3.82 22.17
N ASN B 23 9.66 3.44 21.41
CA ASN B 23 9.34 2.04 21.15
C ASN B 23 10.12 1.61 19.91
N HIS B 24 9.75 0.49 19.26
CA HIS B 24 10.42 0.24 18.00
C HIS B 24 10.33 1.57 17.23
N ILE B 25 11.47 1.96 16.68
CA ILE B 25 11.55 3.06 15.71
C ILE B 25 11.46 2.40 14.34
N THR B 26 10.35 2.65 13.66
CA THR B 26 10.06 1.98 12.39
C THR B 26 11.17 2.31 11.40
N LYS B 27 11.82 1.28 10.88
CA LYS B 27 12.89 1.48 9.91
C LYS B 27 12.62 0.71 8.61
N SER B 28 13.51 0.88 7.63
CA SER B 28 13.39 0.13 6.39
C SER B 28 13.63 -1.34 6.66
N PRO B 29 12.85 -2.20 6.01
CA PRO B 29 13.09 -3.66 5.99
C PRO B 29 14.57 -4.00 5.82
N GLU B 30 15.26 -3.27 4.92
CA GLU B 30 16.65 -3.55 4.52
C GLU B 30 17.71 -2.84 5.41
N ASP B 31 17.28 -1.94 6.30
CA ASP B 31 18.19 -1.15 7.19
C ASP B 31 18.80 -1.98 8.32
N LYS B 32 20.12 -2.13 8.27
CA LYS B 32 20.82 -2.97 9.25
C LYS B 32 21.23 -2.28 10.58
N ARG B 33 21.29 -0.95 10.59
CA ARG B 33 21.41 -0.15 11.80
C ARG B 33 20.26 -0.38 12.82
N GLU B 34 20.56 -0.11 14.08
CA GLU B 34 19.71 -0.39 15.21
C GLU B 34 19.39 0.99 15.82
N TYR B 35 18.17 1.18 16.29
CA TYR B 35 17.70 2.52 16.69
C TYR B 35 16.97 2.56 18.06
N ARG B 36 17.18 3.63 18.84
CA ARG B 36 16.36 3.91 20.04
C ARG B 36 16.17 5.40 20.20
N GLY B 37 14.91 5.81 20.26
CA GLY B 37 14.59 7.21 20.46
C GLY B 37 14.27 7.40 21.92
N LEU B 38 14.38 8.60 22.47
CA LEU B 38 14.06 8.83 23.86
C LEU B 38 13.95 10.29 24.20
N GLU B 39 13.27 10.58 25.30
CA GLU B 39 13.09 11.95 25.75
C GLU B 39 13.65 12.18 27.16
N LEU B 40 14.72 12.96 27.24
CA LEU B 40 15.33 13.27 28.50
C LEU B 40 14.41 14.09 29.42
N ALA B 41 14.76 14.09 30.71
CA ALA B 41 13.98 14.79 31.74
C ALA B 41 13.95 16.31 31.51
N ASN B 42 15.09 16.86 31.08
CA ASN B 42 15.19 18.26 30.63
C ASN B 42 14.45 18.65 29.30
N GLY B 43 13.87 17.67 28.57
CA GLY B 43 13.03 17.98 27.39
C GLY B 43 13.63 17.68 26.03
N ILE B 44 14.93 17.44 26.00
CA ILE B 44 15.64 17.09 24.78
C ILE B 44 15.11 15.79 24.22
N LYS B 45 14.66 15.83 22.95
CA LYS B 45 14.36 14.63 22.13
C LYS B 45 15.66 14.06 21.52
N VAL B 46 15.89 12.75 21.70
CA VAL B 46 17.12 12.07 21.24
C VAL B 46 16.79 10.89 20.33
N LEU B 47 17.62 10.70 19.29
CA LEU B 47 17.64 9.50 18.44
C LEU B 47 19.01 8.89 18.54
N LEU B 48 19.04 7.60 18.79
CA LEU B 48 20.29 6.89 18.96
C LEU B 48 20.43 5.83 17.86
N ILE B 49 21.58 5.81 17.21
CA ILE B 49 21.80 4.94 16.06
C ILE B 49 23.06 4.15 16.29
N SER B 50 22.89 2.83 16.39
CA SER B 50 24.01 1.92 16.62
C SER B 50 24.35 1.20 15.32
N ASP B 51 25.57 1.40 14.85
CA ASP B 51 26.00 0.76 13.63
C ASP B 51 27.40 0.21 13.87
N PRO B 52 27.46 -1.05 14.27
CA PRO B 52 28.75 -1.56 14.72
C PRO B 52 29.85 -1.58 13.64
N THR B 53 29.54 -1.29 12.40
CA THR B 53 30.58 -1.32 11.36
C THR B 53 31.09 0.07 10.86
N THR B 54 30.37 1.14 11.21
CA THR B 54 30.68 2.45 10.67
C THR B 54 32.09 2.94 10.99
N ASP B 55 32.77 3.50 10.01
CA ASP B 55 34.16 3.95 10.21
C ASP B 55 34.21 5.31 10.89
N LYS B 56 33.13 6.08 10.69
CA LYS B 56 32.91 7.37 11.34
C LYS B 56 31.66 7.32 12.22
N SER B 57 31.81 7.79 13.46
CA SER B 57 30.69 8.08 14.35
C SER B 57 30.30 9.57 14.09
N SER B 58 29.16 10.01 14.60
CA SER B 58 28.65 11.33 14.24
C SER B 58 27.57 11.81 15.23
N ALA B 59 27.51 13.11 15.50
CA ALA B 59 26.35 13.66 16.17
C ALA B 59 25.92 14.99 15.61
N ALA B 60 24.64 15.28 15.77
CA ALA B 60 24.10 16.58 15.46
C ALA B 60 23.12 16.97 16.56
N LEU B 61 22.92 18.28 16.73
CA LEU B 61 21.91 18.86 17.59
C LEU B 61 21.24 20.03 16.86
N ASP B 62 19.91 20.06 16.95
CA ASP B 62 19.15 21.06 16.28
C ASP B 62 18.31 21.79 17.29
N VAL B 63 18.47 23.11 17.32
CA VAL B 63 17.72 24.03 18.21
C VAL B 63 16.63 24.66 17.43
N HIS B 64 15.40 24.60 17.90
CA HIS B 64 14.29 25.16 17.13
C HIS B 64 14.12 26.69 17.29
N ILE B 65 15.24 27.40 17.14
CA ILE B 65 15.26 28.85 17.06
C ILE B 65 16.19 29.26 15.93
N GLY B 66 15.85 30.38 15.25
CA GLY B 66 16.70 30.92 14.20
C GLY B 66 16.45 32.37 13.86
N SER B 67 16.91 32.78 12.68
CA SER B 67 16.82 34.15 12.21
C SER B 67 15.54 34.89 12.50
N LEU B 68 14.42 34.26 12.17
CA LEU B 68 13.11 34.78 12.49
C LEU B 68 12.94 35.32 13.95
N SER B 69 13.86 34.95 14.86
CA SER B 69 13.85 35.39 16.26
C SER B 69 14.97 36.35 16.61
N ASP B 70 15.71 36.80 15.61
CA ASP B 70 16.71 37.84 15.83
C ASP B 70 16.01 39.09 16.36
N PRO B 71 16.59 39.78 17.36
CA PRO B 71 15.98 41.06 17.75
C PRO B 71 16.09 42.01 16.58
N PRO B 72 15.02 42.83 16.34
CA PRO B 72 14.86 43.81 15.23
C PRO B 72 16.02 44.74 15.06
N ASN B 73 16.69 45.06 16.16
CA ASN B 73 17.72 46.03 16.12
C ASN B 73 19.11 45.44 15.92
N ILE B 74 19.29 44.13 16.10
CA ILE B 74 20.55 43.48 15.66
C ILE B 74 20.34 42.40 14.59
N ALA B 75 20.15 42.77 13.32
CA ALA B 75 19.89 41.78 12.29
C ALA B 75 21.11 40.84 12.25
N GLY B 76 20.83 39.54 12.28
CA GLY B 76 21.87 38.57 12.04
C GLY B 76 22.37 37.86 13.28
N LEU B 77 21.81 38.21 14.44
CA LEU B 77 22.36 37.78 15.72
C LEU B 77 22.39 36.27 15.87
N SER B 78 21.30 35.59 15.52
CA SER B 78 21.33 34.13 15.58
C SER B 78 22.36 33.42 14.65
N HIS B 79 22.58 33.96 13.45
CA HIS B 79 23.64 33.49 12.57
C HIS B 79 25.03 33.69 13.19
N PHE B 80 25.25 34.86 13.74
CA PHE B 80 26.51 35.16 14.34
C PHE B 80 26.80 34.23 15.52
N LEU B 81 25.81 34.02 16.38
CA LEU B 81 25.94 33.19 17.54
C LEU B 81 26.39 31.78 17.11
N GLN B 82 25.76 31.31 16.03
CA GLN B 82 26.13 30.09 15.33
C GLN B 82 27.63 30.04 14.93
N HIS B 83 28.20 31.16 14.48
CA HIS B 83 29.62 31.17 14.15
C HIS B 83 30.43 31.11 15.42
N MET B 84 29.93 31.74 16.45
CA MET B 84 30.75 31.96 17.62
C MET B 84 30.89 30.75 18.50
N LEU B 85 29.87 29.90 18.57
CA LEU B 85 29.97 28.75 19.48
C LEU B 85 31.17 27.84 19.19
N PHE B 86 31.71 27.93 17.97
CA PHE B 86 32.85 27.12 17.54
C PHE B 86 34.12 27.57 18.23
N LEU B 87 34.12 28.86 18.60
CA LEU B 87 35.29 29.56 19.07
C LEU B 87 35.62 29.47 20.55
N GLY B 88 35.18 28.43 21.25
CA GLY B 88 35.68 28.22 22.61
C GLY B 88 34.68 28.24 23.74
N THR B 89 34.86 27.35 24.70
CA THR B 89 33.91 27.22 25.79
C THR B 89 34.61 27.20 27.15
N LYS B 90 33.79 27.12 28.20
CA LYS B 90 34.27 26.92 29.57
C LYS B 90 35.31 25.77 29.74
N LYS B 91 34.95 24.49 29.55
CA LYS B 91 35.94 23.41 29.66
C LYS B 91 37.07 23.54 28.66
N TYR B 92 36.76 23.99 27.45
CA TYR B 92 37.73 23.95 26.34
C TYR B 92 37.90 25.35 25.79
N PRO B 93 38.77 26.14 26.46
CA PRO B 93 38.85 27.55 26.10
C PRO B 93 39.78 27.82 24.92
N LYS B 94 40.63 26.85 24.58
CA LYS B 94 41.56 27.03 23.48
C LYS B 94 40.67 27.32 22.26
N GLU B 95 40.83 28.50 21.68
CA GLU B 95 39.90 29.03 20.65
C GLU B 95 39.44 27.99 19.59
N ASN B 96 40.36 27.12 19.18
CA ASN B 96 40.12 26.20 18.10
C ASN B 96 40.37 24.77 18.58
N GLU B 97 40.17 24.53 19.88
CA GLU B 97 40.33 23.19 20.44
C GLU B 97 39.43 22.21 19.68
N TYR B 98 38.15 22.56 19.54
CA TYR B 98 37.17 21.77 18.79
C TYR B 98 37.63 21.50 17.37
N SER B 99 37.73 22.50 16.50
CA SER B 99 38.13 22.16 15.15
C SER B 99 39.54 21.50 15.03
N GLN B 100 40.47 21.76 15.96
CA GLN B 100 41.76 21.00 15.94
C GLN B 100 41.57 19.51 16.33
N PHE B 101 40.73 19.24 17.31
CA PHE B 101 40.47 17.86 17.71
C PHE B 101 39.95 17.04 16.53
N LEU B 102 38.86 17.49 15.91
CA LEU B 102 38.28 16.77 14.79
C LEU B 102 39.30 16.58 13.67
N SER B 103 40.10 17.59 13.39
CA SER B 103 41.13 17.42 12.39
C SER B 103 42.16 16.35 12.73
N GLU B 104 42.57 16.29 14.01
CA GLU B 104 43.54 15.30 14.45
C GLU B 104 42.99 13.89 14.53
N HIS B 105 41.66 13.75 14.35
CA HIS B 105 40.98 12.44 14.47
C HIS B 105 40.01 12.17 13.32
N ALA B 106 40.32 12.75 12.17
CA ALA B 106 39.66 12.40 10.92
C ALA B 106 38.18 12.85 10.83
N GLY B 107 37.81 13.90 11.55
CA GLY B 107 36.45 14.37 11.53
C GLY B 107 36.33 15.72 10.90
N SER B 108 35.10 16.16 10.74
CA SER B 108 34.84 17.47 10.16
C SER B 108 33.57 18.00 10.80
N SER B 109 33.32 19.30 10.68
CA SER B 109 32.14 19.87 11.33
C SER B 109 31.57 21.07 10.65
N ASN B 110 30.30 21.32 10.83
CA ASN B 110 29.69 22.51 10.27
C ASN B 110 28.33 22.80 10.87
N ALA B 111 27.81 23.98 10.64
CA ALA B 111 26.45 24.26 11.04
C ALA B 111 25.77 25.08 9.98
N PHE B 112 24.46 25.24 10.14
CA PHE B 112 23.75 26.25 9.39
C PHE B 112 22.63 26.85 10.27
N THR B 113 22.09 28.01 9.85
CA THR B 113 21.04 28.75 10.55
C THR B 113 19.95 29.11 9.54
N SER B 114 18.71 28.75 9.82
CA SER B 114 17.59 29.03 8.94
C SER B 114 16.56 29.85 9.70
N GLY B 115 15.30 29.83 9.23
CA GLY B 115 14.22 30.61 9.84
C GLY B 115 13.97 30.23 11.30
N GLU B 116 13.85 28.93 11.55
CA GLU B 116 13.42 28.41 12.82
C GLU B 116 14.39 27.35 13.35
N HIS B 117 15.55 27.18 12.71
CA HIS B 117 16.46 26.18 13.23
C HIS B 117 17.90 26.63 13.26
N THR B 118 18.64 26.09 14.20
CA THR B 118 20.08 26.15 14.12
C THR B 118 20.59 24.77 14.41
N ASN B 119 21.37 24.29 13.46
CA ASN B 119 21.68 22.89 13.34
C ASN B 119 23.19 22.79 13.32
N TYR B 120 23.74 21.99 14.24
CA TYR B 120 25.18 21.84 14.41
C TYR B 120 25.50 20.38 14.23
N TYR B 121 26.59 20.06 13.56
CA TYR B 121 26.91 18.66 13.31
C TYR B 121 28.39 18.39 13.07
N PHE B 122 28.80 17.17 13.42
CA PHE B 122 30.15 16.72 13.15
C PHE B 122 30.17 15.22 12.90
N ASP B 123 31.32 14.78 12.38
CA ASP B 123 31.72 13.38 12.42
C ASP B 123 33.22 13.21 12.79
N VAL B 124 33.62 11.97 13.04
CA VAL B 124 34.90 11.70 13.62
C VAL B 124 35.12 10.21 13.58
N SER B 125 36.38 9.82 13.48
CA SER B 125 36.79 8.43 13.67
C SER B 125 35.93 7.77 14.76
N HIS B 126 35.40 6.56 14.50
CA HIS B 126 34.45 5.90 15.41
C HIS B 126 34.91 5.70 16.86
N GLU B 127 36.22 5.77 17.09
CA GLU B 127 36.80 5.55 18.43
C GLU B 127 36.90 6.82 19.27
N HIS B 128 36.57 7.96 18.68
CA HIS B 128 36.77 9.22 19.34
C HIS B 128 35.46 9.95 19.51
N LEU B 129 34.35 9.22 19.37
CA LEU B 129 33.04 9.79 19.63
C LEU B 129 33.02 10.56 20.93
N GLU B 130 33.37 9.90 22.03
CA GLU B 130 33.26 10.51 23.36
C GLU B 130 34.01 11.86 23.49
N GLY B 131 35.22 11.92 22.95
CA GLY B 131 36.00 13.15 23.01
C GLY B 131 35.31 14.28 22.28
N ALA B 132 34.95 14.02 21.02
CA ALA B 132 34.30 15.03 20.15
C ALA B 132 32.99 15.46 20.74
N LEU B 133 32.23 14.47 21.22
CA LEU B 133 30.87 14.73 21.77
C LEU B 133 30.87 15.67 22.99
N ASP B 134 31.92 15.53 23.78
CA ASP B 134 32.10 16.35 24.95
C ASP B 134 32.35 17.80 24.54
N ARG B 135 33.37 18.01 23.72
CA ARG B 135 33.70 19.34 23.25
C ARG B 135 32.50 20.05 22.62
N PHE B 136 31.61 19.23 22.06
CA PHE B 136 30.40 19.65 21.37
C PHE B 136 29.33 20.00 22.41
N ALA B 137 29.10 19.16 23.41
CA ALA B 137 28.04 19.47 24.36
C ALA B 137 28.28 20.84 25.08
N GLN B 138 29.54 21.17 25.34
CA GLN B 138 29.93 22.47 25.88
C GLN B 138 29.40 23.67 25.10
N PHE B 139 29.12 23.51 23.79
CA PHE B 139 28.63 24.64 22.96
C PHE B 139 27.30 25.09 23.51
N PHE B 140 26.64 24.17 24.17
CA PHE B 140 25.28 24.38 24.58
C PHE B 140 25.21 24.53 26.06
N LEU B 141 26.35 24.49 26.73
CA LEU B 141 26.38 24.68 28.17
C LEU B 141 27.01 26.03 28.59
N SER B 142 28.15 26.41 28.00
CA SER B 142 28.84 27.68 28.37
C SER B 142 29.95 28.12 27.40
N PRO B 143 29.55 28.69 26.27
CA PRO B 143 30.46 29.25 25.27
C PRO B 143 31.23 30.43 25.82
N LEU B 144 32.42 30.72 25.34
CA LEU B 144 33.10 31.94 25.80
C LEU B 144 32.52 33.23 25.24
N PHE B 145 32.23 33.28 23.95
CA PHE B 145 32.09 34.57 23.26
C PHE B 145 33.21 35.52 23.67
N ASP B 146 34.46 35.07 23.53
CA ASP B 146 35.64 35.91 23.82
C ASP B 146 35.48 37.24 23.11
N GLU B 147 35.81 38.35 23.79
CA GLU B 147 35.54 39.67 23.18
C GLU B 147 36.34 39.87 21.89
N SER B 148 37.58 39.39 21.89
CA SER B 148 38.46 39.63 20.74
C SER B 148 38.21 38.64 19.60
N ALA B 149 37.57 37.50 19.93
CA ALA B 149 37.09 36.54 18.93
C ALA B 149 35.86 37.07 18.22
N LYS B 150 34.99 37.73 18.99
CA LYS B 150 33.83 38.42 18.45
C LYS B 150 34.25 39.46 17.36
N ASP B 151 35.20 40.31 17.72
CA ASP B 151 35.71 41.37 16.85
C ASP B 151 36.30 40.84 15.57
N ARG B 152 36.82 39.61 15.60
CA ARG B 152 37.42 39.02 14.42
C ARG B 152 36.39 38.32 13.56
N GLU B 153 35.66 37.40 14.16
CA GLU B 153 34.70 36.56 13.44
C GLU B 153 33.48 37.29 12.83
N VAL B 154 33.22 38.53 13.25
CA VAL B 154 32.22 39.37 12.59
C VAL B 154 32.67 39.66 11.17
N ASN B 155 33.96 39.55 10.89
CA ASN B 155 34.44 39.74 9.52
C ASN B 155 34.18 38.61 8.54
N ALA B 156 34.05 37.40 9.05
CA ALA B 156 33.73 36.24 8.25
C ALA B 156 32.26 36.28 7.90
N VAL B 157 31.44 36.73 8.85
CA VAL B 157 30.01 36.95 8.59
C VAL B 157 29.83 38.05 7.52
N ASP B 158 30.57 39.16 7.66
CA ASP B 158 30.55 40.24 6.66
C ASP B 158 30.94 39.71 5.28
N SER B 159 31.99 38.91 5.27
CA SER B 159 32.46 38.23 4.06
C SER B 159 31.39 37.31 3.46
N GLU B 160 30.76 36.46 4.31
CA GLU B 160 29.65 35.60 3.89
C GLU B 160 28.60 36.38 3.13
N HIS B 161 28.10 37.45 3.74
CA HIS B 161 27.14 38.26 3.07
C HIS B 161 27.69 38.88 1.78
N GLU B 162 28.98 39.19 1.76
CA GLU B 162 29.56 39.87 0.61
C GLU B 162 29.55 38.96 -0.62
N LYS B 163 30.01 37.73 -0.43
CA LYS B 163 29.91 36.69 -1.42
C LYS B 163 28.49 36.65 -1.99
N ASN B 164 27.49 36.89 -1.15
CA ASN B 164 26.12 36.63 -1.52
C ASN B 164 25.47 37.78 -2.22
N VAL B 165 25.98 38.98 -1.99
CA VAL B 165 25.36 40.22 -2.48
C VAL B 165 25.08 40.14 -3.99
N MET B 166 26.13 39.79 -4.72
CA MET B 166 26.06 39.81 -6.18
C MET B 166 25.46 38.53 -6.84
N ASN B 167 25.13 37.53 -6.00
CA ASN B 167 24.37 36.32 -6.40
C ASN B 167 22.86 36.54 -6.65
N ASP B 168 22.38 36.07 -7.79
CA ASP B 168 21.00 36.32 -8.14
C ASP B 168 19.92 35.68 -7.27
N ALA B 169 20.15 34.44 -6.82
CA ALA B 169 19.18 33.74 -5.95
C ALA B 169 18.97 34.42 -4.58
N TRP B 170 20.05 34.89 -3.94
CA TRP B 170 19.91 35.62 -2.66
C TRP B 170 19.18 36.95 -2.79
N ARG B 171 19.54 37.75 -3.78
CA ARG B 171 18.85 38.99 -4.01
C ARG B 171 17.36 38.73 -4.06
N LEU B 172 16.94 37.78 -4.89
CA LEU B 172 15.52 37.33 -4.92
C LEU B 172 14.98 36.85 -3.58
N PHE B 173 15.76 36.03 -2.91
CA PHE B 173 15.38 35.51 -1.64
C PHE B 173 15.01 36.68 -0.79
N GLN B 174 15.85 37.68 -0.74
CA GLN B 174 15.60 38.79 0.15
C GLN B 174 14.62 39.76 -0.42
N LEU B 175 14.56 39.88 -1.75
CA LEU B 175 13.55 40.74 -2.32
C LEU B 175 12.10 40.31 -2.00
N GLU B 176 11.81 39.00 -1.95
CA GLU B 176 10.51 38.50 -1.47
C GLU B 176 10.23 38.98 -0.03
N LYS B 177 11.20 38.81 0.86
CA LYS B 177 10.99 39.25 2.23
C LYS B 177 10.66 40.75 2.32
N ALA B 178 11.36 41.56 1.54
CA ALA B 178 11.14 43.01 1.58
C ALA B 178 9.85 43.50 0.90
N THR B 179 9.01 42.63 0.37
CA THR B 179 7.84 43.16 -0.30
C THR B 179 6.55 42.65 0.35
N GLY B 180 6.70 41.86 1.41
CA GLY B 180 5.59 41.39 2.22
C GLY B 180 5.43 42.39 3.33
N ASN B 181 4.63 42.06 4.35
CA ASN B 181 4.45 42.95 5.48
C ASN B 181 5.81 43.33 6.12
N PRO B 182 6.07 44.66 6.30
CA PRO B 182 7.35 44.99 6.91
C PRO B 182 7.30 44.76 8.39
N LYS B 183 6.11 44.62 8.96
CA LYS B 183 6.05 44.38 10.39
C LYS B 183 6.24 42.90 10.78
N HIS B 184 6.18 42.01 9.79
CA HIS B 184 6.31 40.57 10.00
C HIS B 184 7.77 40.16 10.10
N PRO B 185 8.11 39.33 11.10
CA PRO B 185 9.52 39.00 11.24
C PRO B 185 10.05 38.23 9.99
N PHE B 186 9.20 38.03 8.99
CA PHE B 186 9.64 37.44 7.74
C PHE B 186 10.53 38.40 6.97
N SER B 187 10.32 39.71 7.17
CA SER B 187 11.09 40.70 6.43
C SER B 187 12.52 40.80 6.93
N LYS B 188 12.80 40.17 8.08
CA LYS B 188 14.12 40.26 8.70
C LYS B 188 15.30 39.89 7.78
N PHE B 189 16.45 40.52 8.02
CA PHE B 189 17.68 40.22 7.25
C PHE B 189 18.44 39.19 8.09
N GLY B 190 18.55 37.97 7.55
CA GLY B 190 19.05 36.85 8.30
C GLY B 190 20.56 36.68 8.36
N THR B 191 21.29 37.04 7.31
CA THR B 191 22.72 36.82 7.37
C THR B 191 23.37 37.76 8.42
N GLY B 192 22.95 39.02 8.44
CA GLY B 192 23.77 40.05 9.08
C GLY B 192 25.07 40.35 8.32
N ASN B 193 25.72 41.41 8.79
CA ASN B 193 27.03 41.89 8.30
C ASN B 193 27.65 42.92 9.25
N LYS B 194 28.87 43.36 8.93
CA LYS B 194 29.65 44.21 9.82
C LYS B 194 28.79 45.41 10.27
N TYR B 195 27.97 45.93 9.38
CA TYR B 195 27.15 47.07 9.79
C TYR B 195 26.12 46.68 10.85
N THR B 196 25.34 45.61 10.65
CA THR B 196 24.22 45.29 11.56
C THR B 196 24.69 44.69 12.88
N LEU B 197 25.89 44.12 12.84
CA LEU B 197 26.46 43.29 13.90
C LEU B 197 27.63 43.96 14.66
N GLU B 198 28.14 45.11 14.19
CA GLU B 198 29.22 45.85 14.87
C GLU B 198 28.98 47.38 14.85
N THR B 199 28.88 47.96 13.65
CA THR B 199 28.66 49.40 13.50
C THR B 199 27.34 49.96 14.07
N ARG B 200 26.16 49.68 13.47
CA ARG B 200 24.86 50.20 14.02
C ARG B 200 24.81 49.95 15.52
N PRO B 201 25.15 48.73 16.00
CA PRO B 201 25.12 48.47 17.43
C PRO B 201 26.04 49.39 18.28
N ASN B 202 27.27 49.62 17.85
CA ASN B 202 28.21 50.44 18.62
C ASN B 202 27.83 51.88 18.71
N GLN B 203 27.13 52.34 17.69
CA GLN B 203 26.67 53.70 17.62
C GLN B 203 25.49 53.81 18.56
N GLU B 204 24.68 52.75 18.58
CA GLU B 204 23.41 52.70 19.32
C GLU B 204 23.60 52.41 20.78
N GLY B 205 24.85 52.18 21.21
CA GLY B 205 25.18 51.95 22.61
C GLY B 205 24.94 50.52 23.03
N ILE B 206 24.68 49.65 22.06
CA ILE B 206 24.48 48.22 22.35
C ILE B 206 25.80 47.50 22.55
N ASP B 207 25.85 46.62 23.55
CA ASP B 207 26.98 45.70 23.78
C ASP B 207 26.63 44.35 23.15
N VAL B 208 27.30 44.03 22.06
CA VAL B 208 26.92 42.82 21.32
C VAL B 208 27.24 41.53 22.09
N ARG B 209 28.38 41.49 22.77
CA ARG B 209 28.68 40.32 23.56
C ARG B 209 27.57 40.01 24.55
N GLN B 210 26.98 41.03 25.17
CA GLN B 210 25.92 40.63 26.09
C GLN B 210 24.68 40.12 25.33
N GLU B 211 24.32 40.79 24.25
CA GLU B 211 23.18 40.36 23.46
C GLU B 211 23.32 38.91 22.91
N LEU B 212 24.56 38.50 22.57
CA LEU B 212 24.82 37.09 22.21
C LEU B 212 24.54 36.18 23.40
N LEU B 213 25.01 36.58 24.59
CA LEU B 213 24.74 35.82 25.80
C LEU B 213 23.27 35.86 26.19
N LYS B 214 22.56 36.98 26.03
CA LYS B 214 21.18 36.93 26.51
C LYS B 214 20.35 36.11 25.57
N PHE B 215 20.66 36.21 24.30
CA PHE B 215 19.98 35.39 23.31
C PHE B 215 20.28 33.92 23.55
N HIS B 216 21.54 33.55 23.72
CA HIS B 216 21.87 32.14 23.98
C HIS B 216 21.18 31.64 25.25
N SER B 217 21.29 32.42 26.30
CA SER B 217 20.62 32.10 27.53
C SER B 217 19.10 32.02 27.38
N ALA B 218 18.50 32.92 26.60
CA ALA B 218 17.05 32.95 26.47
C ALA B 218 16.40 31.84 25.57
N TYR B 219 17.17 31.29 24.64
CA TYR B 219 16.57 30.54 23.53
C TYR B 219 17.20 29.18 23.34
N TYR B 220 18.44 29.05 23.77
CA TYR B 220 19.06 27.78 23.70
C TYR B 220 18.65 26.96 24.92
N SER B 221 17.37 26.69 25.03
CA SER B 221 16.85 25.92 26.13
C SER B 221 16.67 24.48 25.70
N SER B 222 16.83 23.54 26.62
CA SER B 222 16.71 22.13 26.29
C SER B 222 15.32 21.70 25.78
N ASN B 223 14.26 22.40 26.19
CA ASN B 223 12.94 21.99 25.72
C ASN B 223 12.82 22.21 24.24
N LEU B 224 13.64 23.09 23.68
CA LEU B 224 13.64 23.35 22.23
C LEU B 224 14.74 22.64 21.50
N MET B 225 15.30 21.58 22.08
CA MET B 225 16.40 20.91 21.41
C MET B 225 16.09 19.47 21.02
N ALA B 226 16.80 19.01 19.99
CA ALA B 226 16.81 17.61 19.56
C ALA B 226 18.23 17.23 19.17
N VAL B 227 18.57 15.98 19.43
CA VAL B 227 19.95 15.48 19.33
C VAL B 227 19.96 14.07 18.77
N VAL B 228 20.86 13.83 17.81
CA VAL B 228 21.04 12.52 17.20
C VAL B 228 22.51 12.11 17.29
N VAL B 229 22.71 10.89 17.77
CA VAL B 229 24.05 10.31 17.94
C VAL B 229 24.12 8.94 17.29
N LEU B 230 25.20 8.71 16.54
CA LEU B 230 25.39 7.47 15.82
C LEU B 230 26.82 6.95 16.00
N GLY B 231 26.98 5.72 16.51
CA GLY B 231 28.33 5.13 16.59
C GLY B 231 28.34 3.62 16.53
N ARG B 232 29.50 3.03 16.81
CA ARG B 232 29.62 1.56 16.99
C ARG B 232 28.97 1.06 18.30
N GLU B 233 29.14 1.81 19.37
CA GLU B 233 28.59 1.53 20.69
C GLU B 233 27.16 0.97 20.70
N SER B 234 26.86 0.04 21.62
CA SER B 234 25.48 -0.51 21.72
C SER B 234 24.53 0.62 22.10
N LEU B 235 23.23 0.45 21.85
CA LEU B 235 22.21 1.39 22.32
C LEU B 235 22.31 1.68 23.84
N ASP B 236 22.42 0.66 24.68
CA ASP B 236 22.52 0.87 26.14
C ASP B 236 23.67 1.81 26.48
N ASP B 237 24.78 1.68 25.75
CA ASP B 237 25.94 2.53 26.00
C ASP B 237 25.77 3.95 25.50
N LEU B 238 25.34 4.09 24.24
CA LEU B 238 25.06 5.38 23.65
C LEU B 238 24.07 6.14 24.49
N THR B 239 23.16 5.42 25.16
CA THR B 239 22.23 6.05 26.08
C THR B 239 22.98 6.70 27.23
N ASN B 240 23.80 5.91 27.91
CA ASN B 240 24.57 6.42 29.03
C ASN B 240 25.35 7.65 28.63
N LEU B 241 25.98 7.56 27.45
CA LEU B 241 26.84 8.60 26.91
C LEU B 241 26.10 9.93 26.72
N VAL B 242 24.90 9.87 26.12
CA VAL B 242 24.04 11.05 25.99
C VAL B 242 23.76 11.72 27.33
N VAL B 243 23.07 10.96 28.20
CA VAL B 243 22.71 11.35 29.59
C VAL B 243 23.90 11.95 30.35
N LYS B 244 25.05 11.30 30.26
CA LYS B 244 26.25 11.85 30.86
C LYS B 244 26.44 13.30 30.43
N LEU B 245 26.17 13.57 29.15
CA LEU B 245 26.64 14.80 28.54
C LEU B 245 25.59 15.90 28.34
N PHE B 246 24.31 15.55 28.43
CA PHE B 246 23.28 16.48 28.03
C PHE B 246 22.20 16.75 29.08
N SER B 247 22.24 16.08 30.23
CA SER B 247 21.21 16.26 31.28
C SER B 247 21.42 17.58 32.01
N GLU B 248 22.68 17.99 32.03
CA GLU B 248 23.06 19.31 32.50
C GLU B 248 22.45 20.47 31.69
N VAL B 249 21.97 20.26 30.45
CA VAL B 249 21.43 21.39 29.67
C VAL B 249 20.15 21.92 30.29
N GLU B 250 20.13 23.22 30.54
CA GLU B 250 19.06 23.86 31.32
C GLU B 250 17.71 23.92 30.61
N ASN B 251 16.62 23.56 31.27
CA ASN B 251 15.32 23.81 30.67
C ASN B 251 14.70 25.17 31.02
N LYS B 252 14.59 26.05 30.05
CA LYS B 252 14.09 27.38 30.29
C LYS B 252 12.62 27.46 29.97
N ASN B 253 12.04 26.33 29.62
CA ASN B 253 10.64 26.22 29.24
C ASN B 253 10.19 27.27 28.30
N VAL B 254 10.99 27.48 27.28
CA VAL B 254 10.72 28.51 26.26
C VAL B 254 9.55 28.07 25.36
N PRO B 255 8.57 28.98 25.16
CA PRO B 255 7.54 28.74 24.15
C PRO B 255 8.05 28.87 22.69
N LEU B 256 7.59 27.94 21.85
CA LEU B 256 8.03 27.75 20.48
C LEU B 256 7.37 28.79 19.61
N PRO B 257 8.16 29.64 18.90
CA PRO B 257 7.57 30.73 18.10
C PRO B 257 6.53 30.26 17.08
N GLU B 258 5.37 30.92 17.02
CA GLU B 258 4.37 30.63 15.98
C GLU B 258 4.30 31.92 15.12
N PHE B 259 3.96 31.84 13.82
CA PHE B 259 3.75 33.05 13.00
C PHE B 259 2.45 32.89 12.25
N PRO B 260 1.29 32.95 12.96
CA PRO B 260 0.03 32.52 12.32
C PRO B 260 -0.47 33.45 11.23
N GLU B 261 -0.09 34.72 11.26
CA GLU B 261 -0.44 35.68 10.21
C GLU B 261 0.54 35.57 9.04
N HIS B 262 0.03 35.31 7.86
CA HIS B 262 0.87 35.21 6.68
C HIS B 262 1.52 36.56 6.39
N PRO B 263 2.81 36.59 6.05
CA PRO B 263 3.48 37.84 5.79
C PRO B 263 2.96 38.52 4.52
N PHE B 264 2.30 37.75 3.67
CA PHE B 264 1.57 38.36 2.59
C PHE B 264 0.14 38.57 3.01
N GLN B 265 -0.21 39.82 3.26
CA GLN B 265 -1.62 40.16 3.49
C GLN B 265 -2.28 40.67 2.19
N GLU B 266 -3.53 41.10 2.31
CA GLU B 266 -4.27 41.61 1.15
C GLU B 266 -3.45 42.47 0.17
N GLU B 267 -2.92 43.60 0.65
CA GLU B 267 -2.31 44.60 -0.22
C GLU B 267 -1.01 44.08 -0.84
N HIS B 268 -0.58 42.92 -0.37
CA HIS B 268 0.60 42.25 -0.94
C HIS B 268 0.25 41.32 -2.09
N LEU B 269 -1.03 41.22 -2.45
CA LEU B 269 -1.46 40.34 -3.51
C LEU B 269 -1.90 41.10 -4.73
N LYS B 270 -1.97 40.40 -5.87
CA LYS B 270 -2.18 40.99 -7.19
C LYS B 270 -1.10 42.02 -7.52
N GLN B 271 0.12 41.76 -7.08
CA GLN B 271 1.22 42.65 -7.32
C GLN B 271 2.09 42.01 -8.36
N LEU B 272 2.81 42.84 -9.09
CA LEU B 272 3.67 42.39 -10.14
C LEU B 272 5.00 43.10 -9.94
N TYR B 273 6.09 42.33 -9.92
CA TYR B 273 7.43 42.92 -9.72
C TYR B 273 8.35 42.70 -10.90
N LYS B 274 8.94 43.78 -11.42
CA LYS B 274 9.90 43.70 -12.49
C LYS B 274 11.26 44.00 -11.84
N ILE B 275 12.22 43.09 -12.06
CA ILE B 275 13.43 43.03 -11.27
C ILE B 275 14.61 42.89 -12.20
N VAL B 276 15.68 43.65 -11.96
CA VAL B 276 16.90 43.56 -12.75
C VAL B 276 17.88 42.51 -12.16
N PRO B 277 18.22 41.45 -12.93
CA PRO B 277 19.19 40.44 -12.44
C PRO B 277 20.62 40.92 -12.58
N ILE B 278 21.59 40.22 -11.98
CA ILE B 278 23.01 40.46 -12.27
C ILE B 278 23.39 39.75 -13.57
N LYS B 279 23.29 38.42 -13.58
CA LYS B 279 23.39 37.59 -14.79
C LYS B 279 22.32 37.95 -15.88
N ASP B 280 22.58 37.59 -17.14
CA ASP B 280 21.58 37.74 -18.19
C ASP B 280 20.63 36.53 -18.11
N ILE B 281 19.58 36.68 -17.30
CA ILE B 281 18.60 35.60 -17.13
C ILE B 281 17.19 36.16 -17.28
N ARG B 282 16.26 35.28 -17.61
CA ARG B 282 14.89 35.67 -17.86
C ARG B 282 13.97 34.71 -17.07
N ASN B 283 13.39 35.12 -15.94
CA ASN B 283 12.58 34.21 -15.16
C ASN B 283 11.28 34.82 -14.72
N LEU B 284 10.31 33.95 -14.50
CA LEU B 284 9.00 34.35 -14.01
C LEU B 284 8.71 33.55 -12.74
N TYR B 285 8.39 34.25 -11.65
CA TYR B 285 8.12 33.61 -10.38
C TYR B 285 6.72 33.92 -10.07
N VAL B 286 5.90 32.87 -10.02
CA VAL B 286 4.48 33.01 -9.66
C VAL B 286 4.32 32.35 -8.31
N THR B 287 3.58 33.01 -7.43
CA THR B 287 3.62 32.61 -6.05
C THR B 287 2.26 32.89 -5.35
N PHE B 288 1.72 31.90 -4.62
CA PHE B 288 0.47 32.04 -3.89
C PHE B 288 0.71 31.78 -2.43
N PRO B 289 0.19 32.64 -1.55
CA PRO B 289 0.33 32.38 -0.13
C PRO B 289 -0.58 31.23 0.28
N ILE B 290 -0.14 30.36 1.17
CA ILE B 290 -1.04 29.33 1.71
C ILE B 290 -0.89 29.15 3.21
N PRO B 291 -1.89 28.54 3.87
CA PRO B 291 -1.73 28.17 5.29
C PRO B 291 -0.68 27.09 5.50
N ASP B 292 -0.18 26.99 6.71
CA ASP B 292 0.79 25.97 6.99
C ASP B 292 0.19 24.58 6.76
N LEU B 293 0.85 23.80 5.90
CA LEU B 293 0.39 22.47 5.59
C LEU B 293 1.13 21.37 6.34
N GLN B 294 2.14 21.72 7.12
CA GLN B 294 2.94 20.69 7.80
C GLN B 294 2.07 19.69 8.56
N LYS B 295 0.97 20.17 9.12
CA LYS B 295 0.15 19.32 9.97
C LYS B 295 -0.55 18.23 9.19
N TYR B 296 -0.64 18.36 7.88
CA TYR B 296 -1.28 17.33 7.08
C TYR B 296 -0.31 16.34 6.43
N TYR B 297 0.96 16.38 6.84
CA TYR B 297 2.02 15.51 6.30
C TYR B 297 1.50 14.11 5.92
N LYS B 298 0.55 13.60 6.71
CA LYS B 298 -0.04 12.26 6.52
C LYS B 298 -0.56 12.07 5.11
N SER B 299 -1.27 13.07 4.59
CA SER B 299 -1.89 12.98 3.26
C SER B 299 -1.25 13.92 2.21
N ASN B 300 -0.38 14.80 2.69
CA ASN B 300 0.42 15.74 1.93
C ASN B 300 -0.23 16.34 0.69
N PRO B 301 -1.32 17.09 0.85
CA PRO B 301 -2.02 17.58 -0.31
C PRO B 301 -1.12 18.37 -1.30
N GLY B 302 -0.20 19.15 -0.76
CA GLY B 302 0.69 19.99 -1.57
C GLY B 302 1.75 19.22 -2.32
N HIS B 303 2.17 18.06 -1.79
CA HIS B 303 3.01 17.18 -2.55
C HIS B 303 2.21 16.74 -3.75
N TYR B 304 0.93 16.41 -3.54
CA TYR B 304 0.06 15.92 -4.61
C TYR B 304 -0.12 16.96 -5.71
N LEU B 305 -0.31 18.22 -5.35
CA LEU B 305 -0.57 19.22 -6.38
C LEU B 305 0.73 19.68 -7.00
N GLY B 306 1.81 19.61 -6.26
CA GLY B 306 3.08 19.95 -6.86
C GLY B 306 3.43 18.87 -7.87
N HIS B 307 3.12 17.63 -7.53
CA HIS B 307 3.38 16.52 -8.45
C HIS B 307 2.76 16.74 -9.84
N LEU B 308 1.52 17.19 -9.89
CA LEU B 308 0.85 17.41 -11.12
C LEU B 308 1.26 18.71 -11.82
N ILE B 309 1.22 19.82 -11.10
CA ILE B 309 1.61 21.11 -11.68
C ILE B 309 3.07 21.04 -12.19
N GLY B 310 3.91 20.32 -11.47
CA GLY B 310 5.30 20.27 -11.78
C GLY B 310 5.60 19.19 -12.75
N HIS B 311 4.60 18.44 -13.15
CA HIS B 311 4.85 17.35 -14.09
C HIS B 311 5.51 17.81 -15.43
N GLU B 312 6.34 16.93 -16.01
CA GLU B 312 7.02 17.24 -17.26
C GLU B 312 6.71 16.32 -18.46
N GLY B 313 5.83 15.34 -18.28
CA GLY B 313 5.46 14.40 -19.36
C GLY B 313 4.35 14.88 -20.30
N PRO B 314 3.87 13.97 -21.15
CA PRO B 314 2.87 14.36 -22.14
C PRO B 314 1.62 15.02 -21.54
N GLY B 315 1.24 16.20 -22.04
CA GLY B 315 -0.03 16.79 -21.63
C GLY B 315 0.15 17.55 -20.34
N SER B 316 1.40 17.61 -19.86
CA SER B 316 1.79 18.53 -18.78
C SER B 316 1.81 19.98 -19.19
N LEU B 317 1.60 20.84 -18.22
CA LEU B 317 1.73 22.27 -18.38
C LEU B 317 3.10 22.71 -18.96
N LEU B 318 4.21 22.15 -18.47
CA LEU B 318 5.48 22.44 -19.07
C LEU B 318 5.37 22.17 -20.56
N SER B 319 4.87 20.99 -20.94
CA SER B 319 4.92 20.55 -22.36
C SER B 319 4.29 21.51 -23.30
N GLU B 320 3.07 21.97 -22.98
CA GLU B 320 2.43 22.98 -23.79
C GLU B 320 3.24 24.29 -23.85
N LEU B 321 3.73 24.75 -22.69
CA LEU B 321 4.52 25.98 -22.64
C LEU B 321 5.85 25.88 -23.38
N LYS B 322 6.40 24.68 -23.48
CA LYS B 322 7.65 24.46 -24.17
C LYS B 322 7.39 24.49 -25.70
N SER B 323 6.22 24.00 -26.11
CA SER B 323 5.83 23.97 -27.53
C SER B 323 5.39 25.29 -28.08
N LYS B 324 4.84 26.17 -27.25
CA LYS B 324 4.57 27.49 -27.75
C LYS B 324 5.91 28.24 -27.86
N GLY B 325 6.99 27.61 -27.37
CA GLY B 325 8.36 28.18 -27.44
C GLY B 325 8.62 29.26 -26.39
N TRP B 326 7.88 29.20 -25.26
CA TRP B 326 7.91 30.20 -24.20
C TRP B 326 8.81 29.97 -22.98
N VAL B 327 8.91 28.72 -22.50
CA VAL B 327 9.80 28.37 -21.40
C VAL B 327 10.54 27.09 -21.75
N ASN B 328 11.66 26.83 -21.06
CA ASN B 328 12.37 25.54 -21.11
C ASN B 328 12.23 24.65 -19.87
N THR B 329 12.30 25.25 -18.69
CA THR B 329 12.21 24.55 -17.41
C THR B 329 11.04 25.10 -16.61
N LEU B 330 10.52 24.27 -15.70
CA LEU B 330 9.44 24.67 -14.75
C LEU B 330 9.61 23.98 -13.40
N VAL B 331 9.36 24.66 -12.28
CA VAL B 331 9.20 23.94 -11.04
C VAL B 331 7.97 24.47 -10.35
N GLY B 332 7.24 23.58 -9.72
CA GLY B 332 6.05 24.01 -8.99
C GLY B 332 5.88 23.17 -7.76
N GLY B 333 5.00 23.57 -6.86
CA GLY B 333 4.82 22.81 -5.62
C GLY B 333 4.89 23.70 -4.41
N GLN B 334 4.95 23.09 -3.22
CA GLN B 334 4.87 23.90 -1.98
C GLN B 334 6.25 24.23 -1.54
N LYS B 335 6.44 25.48 -1.11
CA LYS B 335 7.67 26.01 -0.58
C LYS B 335 7.41 26.36 0.89
N GLU B 336 8.26 25.86 1.79
CA GLU B 336 8.06 26.07 3.23
C GLU B 336 8.31 27.49 3.62
N GLY B 337 7.67 27.95 4.71
CA GLY B 337 7.90 29.30 5.26
C GLY B 337 8.29 29.25 6.72
N ALA B 338 7.30 29.25 7.61
CA ALA B 338 7.53 28.81 9.01
C ALA B 338 6.25 28.20 9.62
N ARG B 339 6.29 27.82 10.90
CA ARG B 339 5.07 27.48 11.62
C ARG B 339 4.01 28.53 11.32
N GLY B 340 2.90 28.13 10.72
CA GLY B 340 1.83 29.09 10.51
C GLY B 340 1.63 29.62 9.12
N PHE B 341 2.65 29.54 8.26
CA PHE B 341 2.52 29.94 6.83
C PHE B 341 3.49 29.25 5.88
N MET B 342 3.06 29.11 4.62
CA MET B 342 3.79 28.41 3.57
C MET B 342 3.45 29.06 2.25
N PHE B 343 4.11 28.61 1.17
CA PHE B 343 3.84 29.16 -0.14
C PHE B 343 3.57 28.09 -1.12
N PHE B 344 2.94 28.47 -2.21
CA PHE B 344 2.87 27.59 -3.33
C PHE B 344 3.42 28.34 -4.51
N ILE B 345 4.36 27.71 -5.22
CA ILE B 345 5.02 28.39 -6.31
C ILE B 345 4.91 27.68 -7.66
N ILE B 346 4.90 28.45 -8.74
CA ILE B 346 5.13 27.94 -10.10
C ILE B 346 6.17 28.87 -10.74
N ASN B 347 7.35 28.35 -11.05
CA ASN B 347 8.41 29.19 -11.61
C ASN B 347 8.91 28.63 -12.93
N VAL B 348 8.97 29.44 -13.97
CA VAL B 348 9.53 28.98 -15.24
C VAL B 348 10.76 29.81 -15.59
N ASP B 349 11.62 29.32 -16.49
CA ASP B 349 12.56 30.21 -17.15
C ASP B 349 11.89 30.76 -18.42
N LEU B 350 12.37 31.84 -19.02
CA LEU B 350 11.70 32.43 -20.18
C LEU B 350 12.60 32.46 -21.41
N THR B 351 12.05 32.21 -22.59
CA THR B 351 12.74 32.41 -23.87
C THR B 351 12.44 33.83 -24.26
N GLU B 352 13.15 34.38 -25.26
CA GLU B 352 12.94 35.81 -25.66
C GLU B 352 11.47 36.11 -25.95
N GLU B 353 10.86 35.15 -26.66
CA GLU B 353 9.49 35.21 -27.11
C GLU B 353 8.60 35.13 -25.85
N GLY B 354 8.86 34.10 -25.03
CA GLY B 354 8.23 33.90 -23.72
C GLY B 354 8.19 35.14 -22.87
N LEU B 355 9.30 35.86 -22.76
CA LEU B 355 9.30 37.11 -22.03
C LEU B 355 8.28 38.11 -22.55
N LEU B 356 8.07 38.11 -23.87
CA LEU B 356 7.01 38.93 -24.48
C LEU B 356 5.62 38.35 -24.27
N HIS B 357 5.50 37.13 -23.77
CA HIS B 357 4.20 36.52 -23.73
C HIS B 357 3.79 36.16 -22.35
N VAL B 358 4.26 36.92 -21.36
CA VAL B 358 4.02 36.59 -19.92
C VAL B 358 2.56 36.51 -19.50
N GLU B 359 1.74 37.49 -19.88
CA GLU B 359 0.31 37.41 -19.58
C GLU B 359 -0.26 36.06 -20.05
N ASP B 360 0.15 35.63 -21.24
CA ASP B 360 -0.29 34.34 -21.81
C ASP B 360 0.17 33.14 -20.99
N ILE B 361 1.47 33.14 -20.64
CA ILE B 361 2.03 32.05 -19.85
C ILE B 361 1.18 31.81 -18.62
N ILE B 362 0.87 32.89 -17.91
CA ILE B 362 0.11 32.81 -16.70
C ILE B 362 -1.30 32.25 -16.92
N LEU B 363 -2.00 32.76 -17.94
CA LEU B 363 -3.30 32.24 -18.32
C LEU B 363 -3.26 30.72 -18.48
N HIS B 364 -2.29 30.23 -19.24
CA HIS B 364 -2.05 28.78 -19.34
C HIS B 364 -1.85 28.09 -17.99
N MET B 365 -1.21 28.76 -17.03
CA MET B 365 -1.08 28.19 -15.73
C MET B 365 -2.45 28.05 -15.13
N PHE B 366 -3.28 29.06 -15.27
CA PHE B 366 -4.57 28.94 -14.66
C PHE B 366 -5.47 27.91 -15.35
N GLN B 367 -5.36 27.83 -16.66
CA GLN B 367 -6.10 26.78 -17.36
C GLN B 367 -5.75 25.39 -16.85
N TYR B 368 -4.46 25.14 -16.63
CA TYR B 368 -4.09 23.82 -16.16
C TYR B 368 -4.70 23.65 -14.82
N ILE B 369 -4.62 24.68 -13.99
CA ILE B 369 -5.15 24.58 -12.65
C ILE B 369 -6.63 24.27 -12.73
N GLN B 370 -7.31 24.96 -13.65
CA GLN B 370 -8.75 24.77 -13.86
C GLN B 370 -9.03 23.33 -14.27
N LYS B 371 -8.19 22.76 -15.12
CA LYS B 371 -8.34 21.38 -15.50
C LYS B 371 -8.41 20.50 -14.25
N LEU B 372 -7.49 20.73 -13.32
CA LEU B 372 -7.42 19.95 -12.10
C LEU B 372 -8.72 20.07 -11.31
N ARG B 373 -9.25 21.29 -11.23
CA ARG B 373 -10.50 21.56 -10.51
C ARG B 373 -11.63 20.77 -11.13
N ALA B 374 -11.84 21.00 -12.42
CA ALA B 374 -12.85 20.28 -13.23
C ALA B 374 -12.86 18.73 -13.14
N GLU B 375 -11.69 18.11 -12.96
CA GLU B 375 -11.57 16.67 -12.87
C GLU B 375 -11.59 16.14 -11.44
N GLY B 376 -11.45 17.02 -10.44
CA GLY B 376 -11.30 16.61 -9.02
C GLY B 376 -10.01 15.86 -8.70
N PRO B 377 -9.85 15.44 -7.44
CA PRO B 377 -8.75 14.65 -6.96
C PRO B 377 -8.69 13.26 -7.56
N GLN B 378 -7.52 12.85 -8.01
CA GLN B 378 -7.37 11.55 -8.63
C GLN B 378 -6.69 10.62 -7.66
N GLU B 379 -7.43 9.62 -7.18
CA GLU B 379 -6.88 8.69 -6.18
C GLU B 379 -5.76 7.80 -6.71
N TRP B 380 -5.92 7.33 -7.94
CA TRP B 380 -4.90 6.45 -8.53
C TRP B 380 -3.52 7.15 -8.51
N VAL B 381 -3.53 8.46 -8.75
CA VAL B 381 -2.33 9.28 -8.70
C VAL B 381 -1.68 9.23 -7.30
N PHE B 382 -2.49 9.53 -6.28
CA PHE B 382 -2.05 9.46 -4.91
C PHE B 382 -1.49 8.06 -4.58
N GLN B 383 -2.23 7.01 -4.96
CA GLN B 383 -1.79 5.60 -4.75
C GLN B 383 -0.46 5.29 -5.44
N GLU B 384 -0.29 5.84 -6.64
CA GLU B 384 0.91 5.62 -7.37
C GLU B 384 2.06 6.22 -6.58
N LEU B 385 1.85 7.44 -6.07
CA LEU B 385 2.85 8.15 -5.30
C LEU B 385 3.11 7.44 -4.01
N LYS B 386 2.04 6.98 -3.38
CA LYS B 386 2.18 6.26 -2.11
C LYS B 386 3.14 5.06 -2.24
N ASP B 387 2.95 4.32 -3.34
CA ASP B 387 3.62 3.07 -3.61
C ASP B 387 5.02 3.24 -4.08
N LEU B 388 5.23 4.33 -4.81
CA LEU B 388 6.55 4.72 -5.26
C LEU B 388 7.39 5.01 -4.04
N ASN B 389 6.88 5.86 -3.14
CA ASN B 389 7.49 6.06 -1.84
C ASN B 389 7.73 4.78 -1.07
N ALA B 390 6.73 3.90 -1.01
CA ALA B 390 6.91 2.63 -0.32
C ALA B 390 8.22 1.98 -0.77
N VAL B 391 8.39 1.78 -2.09
CA VAL B 391 9.58 1.17 -2.66
C VAL B 391 10.82 2.00 -2.39
N ALA B 392 10.75 3.31 -2.65
CA ALA B 392 11.89 4.16 -2.51
C ALA B 392 12.47 3.97 -1.14
N PHE B 393 11.60 4.03 -0.14
CA PHE B 393 11.95 3.83 1.29
C PHE B 393 12.44 2.42 1.63
N ARG B 394 11.87 1.40 0.98
CA ARG B 394 12.32 0.03 1.24
C ARG B 394 13.79 -0.08 0.86
N PHE B 395 14.17 0.43 -0.31
CA PHE B 395 15.48 0.18 -0.92
C PHE B 395 16.36 1.41 -0.87
N LYS B 396 16.07 2.29 0.08
CA LYS B 396 16.77 3.55 0.29
C LYS B 396 18.24 3.25 0.40
N ASP B 397 19.08 4.14 -0.12
CA ASP B 397 20.53 3.97 -0.04
C ASP B 397 20.99 4.29 1.39
N LYS B 398 22.00 3.61 1.90
CA LYS B 398 22.53 3.93 3.22
C LYS B 398 23.24 5.28 3.27
N GLU B 399 22.77 6.17 4.14
CA GLU B 399 23.22 7.57 4.18
C GLU B 399 24.60 7.68 4.81
N ARG B 400 25.33 8.74 4.46
CA ARG B 400 26.57 9.05 5.16
C ARG B 400 26.18 9.54 6.55
N PRO B 401 26.93 9.14 7.61
CA PRO B 401 26.54 9.50 8.98
C PRO B 401 26.32 11.01 9.24
N ARG B 402 27.31 11.84 8.90
CA ARG B 402 27.23 13.28 9.20
C ARG B 402 25.90 13.94 8.72
N GLY B 403 25.65 13.94 7.43
CA GLY B 403 24.36 14.33 6.88
C GLY B 403 23.12 13.67 7.49
N TYR B 404 23.21 12.37 7.81
CA TYR B 404 22.05 11.64 8.38
C TYR B 404 21.66 12.20 9.74
N THR B 405 22.63 12.27 10.64
CA THR B 405 22.38 12.76 12.00
C THR B 405 21.82 14.18 11.97
N SER B 406 22.47 15.06 11.20
CA SER B 406 21.95 16.41 10.95
C SER B 406 20.53 16.47 10.48
N LYS B 407 20.27 15.86 9.32
CA LYS B 407 18.91 15.74 8.78
C LYS B 407 17.90 15.31 9.87
N ILE B 408 18.21 14.19 10.56
CA ILE B 408 17.29 13.57 11.53
C ILE B 408 17.04 14.52 12.67
N ALA B 409 18.12 15.02 13.26
CA ALA B 409 18.01 15.96 14.34
C ALA B 409 17.04 17.09 13.98
N GLY B 410 16.92 17.40 12.69
CA GLY B 410 16.01 18.43 12.23
C GLY B 410 14.56 18.00 12.22
N ILE B 411 14.29 16.74 11.90
CA ILE B 411 12.87 16.32 11.90
C ILE B 411 12.32 15.78 13.22
N LEU B 412 13.20 15.60 14.20
CA LEU B 412 12.76 15.18 15.51
C LEU B 412 11.77 16.17 16.13
N HIS B 413 11.76 17.40 15.62
CA HIS B 413 10.88 18.49 16.08
C HIS B 413 9.46 18.44 15.51
N TYR B 414 9.22 17.55 14.56
CA TYR B 414 7.99 17.60 13.78
C TYR B 414 7.17 16.35 13.90
N TYR B 415 7.78 15.26 14.37
CA TYR B 415 7.22 13.89 14.37
C TYR B 415 7.54 13.13 15.67
N PRO B 416 6.59 12.28 16.16
CA PRO B 416 6.85 11.36 17.31
C PRO B 416 8.10 10.52 17.07
N LEU B 417 8.78 10.08 18.12
CA LEU B 417 10.12 9.50 17.96
C LEU B 417 10.06 8.22 17.14
N GLU B 418 8.95 7.50 17.29
CA GLU B 418 8.73 6.23 16.63
C GLU B 418 8.60 6.42 15.09
N GLU B 419 8.07 7.58 14.68
CA GLU B 419 7.79 7.85 13.27
C GLU B 419 8.84 8.69 12.50
N VAL B 420 10.02 8.99 13.06
CA VAL B 420 10.92 9.97 12.39
C VAL B 420 11.53 9.46 11.10
N LEU B 421 11.74 8.17 11.05
CA LEU B 421 12.46 7.57 9.97
C LEU B 421 11.59 7.46 8.78
N THR B 422 10.30 7.35 8.99
CA THR B 422 9.39 7.13 7.88
C THR B 422 8.63 8.37 7.49
N ALA B 423 8.67 9.35 8.36
CA ALA B 423 7.75 10.44 8.22
C ALA B 423 8.04 11.16 6.92
N GLU B 424 9.30 11.36 6.54
CA GLU B 424 9.41 12.11 5.30
C GLU B 424 9.26 11.33 3.98
N TYR B 425 9.08 10.01 4.10
CA TYR B 425 8.81 9.15 2.94
C TYR B 425 7.38 8.74 2.80
N LEU B 426 6.75 8.41 3.90
CA LEU B 426 5.52 7.67 3.80
C LEU B 426 4.28 8.56 3.88
N LEU B 427 3.57 8.55 2.75
CA LEU B 427 2.21 9.03 2.56
C LEU B 427 1.29 7.94 3.06
N GLU B 428 0.09 8.32 3.46
CA GLU B 428 -0.75 7.45 4.27
C GLU B 428 -2.21 7.34 3.83
N GLU B 429 -2.98 8.41 3.97
CA GLU B 429 -4.31 8.37 3.39
C GLU B 429 -4.70 9.55 2.52
N PHE B 430 -5.50 9.24 1.51
CA PHE B 430 -5.86 10.15 0.46
C PHE B 430 -6.92 11.09 0.91
N ARG B 431 -6.63 12.39 0.92
CA ARG B 431 -7.61 13.32 1.44
C ARG B 431 -8.10 14.31 0.40
N PRO B 432 -9.09 13.90 -0.43
CA PRO B 432 -9.63 14.73 -1.51
C PRO B 432 -10.03 16.13 -1.05
N ASP B 433 -10.54 16.21 0.16
CA ASP B 433 -11.11 17.43 0.75
C ASP B 433 -10.03 18.50 0.98
N LEU B 434 -8.85 18.06 1.41
CA LEU B 434 -7.67 18.93 1.57
C LEU B 434 -7.04 19.29 0.23
N ILE B 435 -6.91 18.32 -0.69
CA ILE B 435 -6.46 18.64 -2.04
C ILE B 435 -7.28 19.84 -2.50
N GLU B 436 -8.58 19.73 -2.36
CA GLU B 436 -9.47 20.72 -2.88
C GLU B 436 -9.39 22.02 -2.09
N MET B 437 -9.02 21.92 -0.83
CA MET B 437 -8.91 23.10 -0.01
C MET B 437 -7.74 24.02 -0.48
N VAL B 438 -6.60 23.40 -0.80
CA VAL B 438 -5.40 24.06 -1.26
C VAL B 438 -5.57 24.57 -2.68
N LEU B 439 -6.12 23.74 -3.56
CA LEU B 439 -6.33 24.10 -4.96
C LEU B 439 -7.15 25.36 -5.07
N ASP B 440 -8.05 25.44 -4.12
CA ASP B 440 -8.89 26.58 -3.94
C ASP B 440 -8.14 27.89 -3.59
N LYS B 441 -6.93 27.80 -3.06
CA LYS B 441 -6.10 28.96 -2.79
C LYS B 441 -5.36 29.42 -4.06
N LEU B 442 -5.14 28.50 -4.99
CA LEU B 442 -4.46 28.82 -6.25
C LEU B 442 -5.38 29.57 -7.22
N ARG B 443 -5.58 30.86 -6.96
CA ARG B 443 -6.53 31.65 -7.72
C ARG B 443 -5.97 33.04 -8.00
N PRO B 444 -6.39 33.67 -9.14
CA PRO B 444 -5.85 34.95 -9.62
C PRO B 444 -5.95 36.07 -8.58
N GLU B 445 -7.05 36.13 -7.84
CA GLU B 445 -7.21 37.18 -6.86
C GLU B 445 -6.20 37.07 -5.71
N ASN B 446 -5.46 35.96 -5.59
CA ASN B 446 -4.39 35.98 -4.60
C ASN B 446 -2.96 35.59 -5.07
N VAL B 447 -2.61 36.17 -6.21
CA VAL B 447 -1.34 35.86 -6.82
C VAL B 447 -0.37 37.01 -6.76
N ARG B 448 0.90 36.64 -6.72
CA ARG B 448 2.02 37.55 -6.78
C ARG B 448 2.86 37.14 -7.96
N VAL B 449 3.29 38.13 -8.73
CA VAL B 449 4.05 37.83 -9.92
C VAL B 449 5.34 38.61 -9.99
N ALA B 450 6.40 37.90 -10.32
CA ALA B 450 7.67 38.55 -10.48
C ALA B 450 8.34 38.12 -11.77
N ILE B 451 8.93 39.11 -12.45
CA ILE B 451 9.60 38.87 -13.69
C ILE B 451 11.01 39.42 -13.58
N VAL B 452 11.99 38.64 -14.01
CA VAL B 452 13.37 39.04 -13.88
C VAL B 452 14.00 39.07 -15.31
N SER B 453 14.57 40.21 -15.70
CA SER B 453 15.04 40.40 -17.07
C SER B 453 16.00 41.54 -17.17
N LYS B 454 17.02 41.44 -18.03
CA LYS B 454 17.87 42.62 -18.24
C LYS B 454 17.14 43.83 -18.87
N SER B 455 15.96 43.61 -19.45
CA SER B 455 15.28 44.67 -20.19
C SER B 455 14.60 45.66 -19.27
N PHE B 456 14.75 45.49 -17.98
CA PHE B 456 14.17 46.45 -17.07
C PHE B 456 15.23 47.38 -16.56
N GLU B 457 16.48 47.16 -17.02
CA GLU B 457 17.60 48.04 -16.74
C GLU B 457 17.17 49.46 -17.08
N GLY B 458 17.35 50.38 -16.13
CA GLY B 458 16.95 51.80 -16.31
C GLY B 458 15.48 52.19 -16.18
N LYS B 459 14.55 51.23 -16.07
CA LYS B 459 13.13 51.59 -15.91
C LYS B 459 12.59 51.29 -14.52
N THR B 460 13.46 51.05 -13.57
CA THR B 460 13.04 50.74 -12.20
C THR B 460 13.22 51.97 -11.30
N ASP B 461 12.44 52.02 -10.22
CA ASP B 461 12.44 53.16 -9.30
C ASP B 461 12.63 52.80 -7.82
N ARG B 462 12.98 51.56 -7.53
CA ARG B 462 13.08 51.08 -6.15
C ARG B 462 14.37 50.34 -5.95
N THR B 463 14.90 50.35 -4.73
CA THR B 463 16.11 49.60 -4.46
C THR B 463 15.85 48.86 -3.17
N GLU B 464 16.17 47.56 -3.09
CA GLU B 464 16.03 46.81 -1.85
C GLU B 464 17.24 47.20 -1.04
N GLU B 465 17.09 47.35 0.27
CA GLU B 465 18.16 48.02 1.02
C GLU B 465 19.43 47.16 1.26
N TRP B 466 19.27 45.85 1.49
CA TRP B 466 20.40 44.98 1.84
C TRP B 466 21.27 44.47 0.69
N TYR B 467 20.71 44.35 -0.52
CA TYR B 467 21.46 43.79 -1.65
C TYR B 467 21.55 44.86 -2.73
N GLY B 468 20.71 45.88 -2.56
CA GLY B 468 20.56 46.93 -3.55
C GLY B 468 19.87 46.57 -4.87
N THR B 469 19.13 45.47 -4.88
CA THR B 469 18.35 45.01 -6.01
C THR B 469 17.46 46.10 -6.57
N GLN B 470 17.59 46.41 -7.86
CA GLN B 470 16.74 47.39 -8.57
C GLN B 470 15.39 46.78 -8.99
N TYR B 471 14.28 47.38 -8.60
CA TYR B 471 13.01 46.81 -8.98
C TYR B 471 11.84 47.84 -9.10
N LYS B 472 10.64 47.32 -9.34
CA LYS B 472 9.49 48.13 -9.59
C LYS B 472 8.26 47.31 -9.25
N GLN B 473 7.31 47.92 -8.54
CA GLN B 473 6.11 47.22 -8.03
C GLN B 473 4.90 47.84 -8.70
N GLU B 474 3.89 47.04 -8.98
CA GLU B 474 2.73 47.52 -9.73
C GLU B 474 1.53 46.68 -9.40
N ALA B 475 0.35 47.30 -9.44
CA ALA B 475 -0.88 46.57 -9.22
C ALA B 475 -1.13 45.79 -10.49
N ILE B 476 -1.62 44.57 -10.41
CA ILE B 476 -1.93 43.90 -11.64
C ILE B 476 -3.31 44.48 -11.98
N PRO B 477 -3.52 44.98 -13.24
CA PRO B 477 -4.83 45.58 -13.55
C PRO B 477 -6.00 44.58 -13.48
N ASP B 478 -7.16 45.04 -12.99
CA ASP B 478 -8.30 44.17 -12.82
C ASP B 478 -8.65 43.45 -14.07
N GLU B 479 -8.75 44.21 -15.13
CA GLU B 479 -9.07 43.63 -16.42
C GLU B 479 -8.23 42.33 -16.70
N VAL B 480 -6.99 42.29 -16.19
CA VAL B 480 -6.11 41.15 -16.38
C VAL B 480 -6.43 40.04 -15.39
N ILE B 481 -6.66 40.41 -14.12
CA ILE B 481 -7.02 39.43 -13.10
C ILE B 481 -8.29 38.67 -13.54
N LYS B 482 -9.21 39.40 -14.17
CA LYS B 482 -10.50 38.85 -14.50
C LYS B 482 -10.37 37.93 -15.68
N LYS B 483 -9.57 38.35 -16.66
CA LYS B 483 -9.25 37.52 -17.82
C LYS B 483 -8.75 36.10 -17.37
N TRP B 484 -7.82 36.06 -16.40
CA TRP B 484 -7.35 34.81 -15.74
C TRP B 484 -8.40 34.02 -14.93
N GLN B 485 -9.25 34.72 -14.17
CA GLN B 485 -10.38 34.10 -13.48
C GLN B 485 -11.32 33.36 -14.41
N ASN B 486 -11.43 33.80 -15.67
CA ASN B 486 -12.24 33.06 -16.67
C ASN B 486 -11.51 32.03 -17.51
N ALA B 487 -10.31 31.64 -17.11
CA ALA B 487 -9.58 30.62 -17.84
C ALA B 487 -10.51 29.47 -18.21
N ASP B 488 -10.51 29.03 -19.46
CA ASP B 488 -11.28 27.84 -19.79
C ASP B 488 -10.38 26.60 -19.91
N LEU B 489 -10.97 25.48 -20.31
CA LEU B 489 -10.22 24.23 -20.47
C LEU B 489 -9.58 24.24 -21.84
N ASN B 490 -8.42 23.61 -21.92
CA ASN B 490 -7.58 23.71 -23.08
C ASN B 490 -7.16 22.26 -23.36
N GLY B 491 -7.68 21.71 -24.45
CA GLY B 491 -7.40 20.33 -24.88
C GLY B 491 -5.95 19.83 -24.84
N LYS B 492 -4.98 20.74 -24.73
CA LYS B 492 -3.57 20.38 -24.69
C LYS B 492 -3.14 19.86 -23.31
N PHE B 493 -4.06 19.99 -22.33
CA PHE B 493 -3.78 19.65 -20.95
C PHE B 493 -4.45 18.40 -20.44
N LYS B 494 -3.66 17.35 -20.23
CA LYS B 494 -4.15 16.04 -19.77
C LYS B 494 -3.53 15.70 -18.42
N LEU B 495 -4.18 14.83 -17.66
CA LEU B 495 -3.50 14.31 -16.50
C LEU B 495 -2.35 13.42 -16.98
N PRO B 496 -1.43 13.02 -16.08
CA PRO B 496 -0.39 12.11 -16.58
C PRO B 496 -0.95 10.73 -16.75
N THR B 497 -0.39 9.95 -17.64
CA THR B 497 -0.87 8.58 -17.84
C THR B 497 -0.15 7.73 -16.80
N LYS B 498 -0.58 6.49 -16.56
CA LYS B 498 0.03 5.61 -15.52
C LYS B 498 1.50 5.39 -15.79
N ASN B 499 2.33 5.34 -14.76
CA ASN B 499 3.75 5.40 -14.98
C ASN B 499 4.29 4.07 -15.47
N GLU B 500 4.66 4.00 -16.75
CA GLU B 500 5.18 2.75 -17.31
C GLU B 500 6.47 2.27 -16.61
N PHE B 501 7.22 3.14 -15.94
CA PHE B 501 8.55 2.75 -15.40
C PHE B 501 8.63 2.20 -13.99
N ILE B 502 7.51 2.14 -13.28
CA ILE B 502 7.50 1.54 -11.96
C ILE B 502 8.21 0.18 -12.04
N PRO B 503 9.20 -0.06 -11.19
CA PRO B 503 9.85 -1.34 -11.29
C PRO B 503 9.13 -2.41 -10.43
N THR B 504 9.12 -3.64 -10.90
CA THR B 504 8.38 -4.71 -10.23
C THR B 504 9.33 -5.84 -9.85
N ASN B 505 10.46 -5.94 -10.54
CA ASN B 505 11.44 -7.01 -10.25
C ASN B 505 12.58 -6.61 -9.30
N PHE B 506 12.58 -7.08 -8.05
CA PHE B 506 13.58 -6.64 -7.11
C PHE B 506 14.44 -7.76 -6.70
N GLU B 507 14.46 -8.80 -7.51
CA GLU B 507 15.20 -9.99 -7.15
C GLU B 507 16.68 -9.66 -7.15
N ILE B 508 17.36 -9.89 -6.04
CA ILE B 508 18.79 -9.81 -6.06
C ILE B 508 19.38 -11.11 -6.55
N LEU B 509 20.10 -11.06 -7.67
CA LEU B 509 20.66 -12.25 -8.29
C LEU B 509 21.74 -12.86 -7.44
N PRO B 510 21.78 -14.20 -7.35
CA PRO B 510 22.78 -14.79 -6.46
C PRO B 510 24.20 -14.46 -6.95
N LEU B 511 25.11 -14.24 -6.02
CA LEU B 511 26.47 -13.90 -6.34
C LEU B 511 27.15 -15.06 -7.08
N GLU B 512 27.79 -14.76 -8.22
CA GLU B 512 28.36 -15.75 -9.15
C GLU B 512 29.61 -16.49 -8.66
N LYS B 513 29.78 -17.75 -9.09
CA LYS B 513 30.94 -18.57 -8.67
C LYS B 513 32.26 -17.82 -8.94
N GLU B 514 32.39 -17.22 -10.13
CA GLU B 514 33.60 -16.49 -10.48
C GLU B 514 33.43 -14.94 -10.30
N ALA B 515 33.15 -14.51 -9.08
CA ALA B 515 32.89 -13.09 -8.84
C ALA B 515 34.09 -12.44 -8.20
N THR B 516 34.42 -11.24 -8.67
CA THR B 516 35.62 -10.54 -8.22
C THR B 516 35.29 -9.41 -7.24
N PRO B 517 36.19 -9.15 -6.28
CA PRO B 517 36.04 -8.06 -5.30
C PRO B 517 36.23 -6.63 -5.89
N TYR B 518 37.03 -6.53 -6.96
CA TYR B 518 37.25 -5.32 -7.75
C TYR B 518 36.81 -5.65 -9.16
N PRO B 519 36.61 -4.61 -10.00
CA PRO B 519 36.04 -4.88 -11.34
C PRO B 519 37.02 -5.56 -12.27
N ALA B 520 36.58 -6.64 -12.88
CA ALA B 520 37.37 -7.32 -13.88
C ALA B 520 37.15 -6.70 -15.25
N LEU B 521 38.20 -6.75 -16.08
CA LEU B 521 38.07 -6.34 -17.48
C LEU B 521 37.54 -7.52 -18.34
N ILE B 522 36.28 -7.52 -18.72
CA ILE B 522 35.66 -8.72 -19.27
C ILE B 522 35.47 -8.72 -20.80
N LYS B 523 35.74 -7.58 -21.45
CA LYS B 523 35.75 -7.43 -22.90
C LYS B 523 36.82 -6.41 -23.27
N ASP B 524 37.66 -6.71 -24.26
CA ASP B 524 38.77 -5.81 -24.67
C ASP B 524 38.94 -5.83 -26.18
N THR B 525 37.95 -5.32 -26.90
CA THR B 525 38.08 -5.20 -28.33
C THR B 525 38.52 -3.77 -28.68
N ALA B 526 38.70 -3.49 -29.96
CA ALA B 526 39.15 -2.19 -30.40
C ALA B 526 37.98 -1.24 -30.26
N MET B 527 36.78 -1.80 -30.26
CA MET B 527 35.63 -0.96 -30.17
C MET B 527 35.21 -0.73 -28.72
N SER B 528 35.55 -1.61 -27.78
CA SER B 528 35.11 -1.41 -26.40
C SER B 528 35.87 -2.17 -25.31
N LYS B 529 36.17 -1.44 -24.23
CA LYS B 529 36.74 -1.99 -22.98
C LYS B 529 35.66 -2.05 -21.88
N LEU B 530 35.28 -3.25 -21.46
CA LEU B 530 34.23 -3.41 -20.47
C LEU B 530 34.76 -3.86 -19.13
N TRP B 531 34.70 -2.95 -18.14
CA TRP B 531 34.91 -3.29 -16.73
C TRP B 531 33.59 -3.67 -16.08
N PHE B 532 33.63 -4.71 -15.24
CA PHE B 532 32.40 -5.18 -14.64
C PHE B 532 32.61 -5.66 -13.21
N LYS B 533 31.66 -5.40 -12.33
CA LYS B 533 31.69 -5.97 -11.00
C LYS B 533 30.29 -6.17 -10.49
N GLN B 534 30.01 -7.38 -9.99
CA GLN B 534 28.70 -7.68 -9.39
C GLN B 534 28.68 -7.22 -7.92
N ASP B 535 27.66 -6.46 -7.54
CA ASP B 535 27.63 -5.88 -6.21
C ASP B 535 27.76 -6.95 -5.14
N ASP B 536 28.80 -6.88 -4.33
CA ASP B 536 28.97 -7.80 -3.20
C ASP B 536 28.89 -7.15 -1.81
N LYS B 537 28.31 -5.95 -1.70
CA LYS B 537 28.28 -5.24 -0.41
C LYS B 537 26.88 -4.78 0.01
N PHE B 538 26.01 -4.46 -0.97
CA PHE B 538 24.79 -3.71 -0.65
C PHE B 538 23.53 -4.48 -0.86
N PHE B 539 23.48 -5.31 -1.92
CA PHE B 539 22.33 -6.23 -2.17
C PHE B 539 21.04 -5.47 -2.27
N LEU B 540 21.08 -4.35 -2.98
CA LEU B 540 19.86 -3.66 -3.38
C LEU B 540 19.59 -3.80 -4.89
N PRO B 541 18.33 -3.85 -5.31
CA PRO B 541 17.99 -4.10 -6.70
C PRO B 541 18.31 -2.91 -7.65
N LYS B 542 19.58 -2.58 -7.75
CA LYS B 542 20.01 -1.33 -8.36
C LYS B 542 21.32 -1.52 -9.06
N ALA B 543 21.53 -0.83 -10.17
CA ALA B 543 22.82 -0.90 -10.85
C ALA B 543 23.19 0.46 -11.40
N ASN B 544 24.50 0.62 -11.62
CA ASN B 544 25.08 1.81 -12.12
C ASN B 544 25.76 1.42 -13.38
N LEU B 545 25.49 2.17 -14.44
CA LEU B 545 26.02 1.88 -15.78
C LEU B 545 26.79 3.08 -16.42
N ASN B 546 28.11 3.03 -16.45
CA ASN B 546 28.83 4.22 -16.86
C ASN B 546 29.62 3.97 -18.06
N PHE B 547 29.70 4.97 -18.94
CA PHE B 547 30.26 4.82 -20.26
C PHE B 547 30.95 6.06 -20.76
N GLU B 548 32.29 6.05 -20.90
CA GLU B 548 32.99 7.06 -21.73
C GLU B 548 32.96 6.65 -23.21
N PHE B 549 32.56 7.59 -24.07
CA PHE B 549 32.63 7.49 -25.54
C PHE B 549 33.73 8.43 -26.04
N PHE B 550 34.81 7.90 -26.61
CA PHE B 550 35.84 8.79 -27.14
C PHE B 550 35.60 9.18 -28.58
N SER B 551 35.78 10.45 -28.86
CA SER B 551 36.00 10.90 -30.21
C SER B 551 36.78 12.15 -30.20
N PRO B 552 37.82 12.17 -31.03
CA PRO B 552 38.56 13.39 -31.42
C PRO B 552 37.65 14.60 -31.77
N PHE B 553 36.51 14.37 -32.42
CA PHE B 553 35.67 15.50 -32.87
C PHE B 553 34.78 16.13 -31.83
N ALA B 554 34.95 15.70 -30.60
CA ALA B 554 34.18 16.25 -29.52
C ALA B 554 34.80 17.58 -29.14
N TYR B 555 36.11 17.67 -29.27
CA TYR B 555 36.77 18.83 -28.74
C TYR B 555 37.91 19.34 -29.62
N VAL B 556 37.81 19.08 -30.93
CA VAL B 556 38.93 19.35 -31.81
C VAL B 556 39.19 20.84 -31.92
N ASP B 557 38.11 21.62 -31.84
CA ASP B 557 38.19 23.08 -31.91
C ASP B 557 36.95 23.68 -31.22
N PRO B 558 36.91 25.00 -31.02
CA PRO B 558 35.76 25.55 -30.33
C PRO B 558 34.41 25.24 -30.96
N LEU B 559 34.30 25.38 -32.26
CA LEU B 559 33.06 25.09 -32.94
C LEU B 559 32.57 23.66 -32.65
N HIS B 560 33.50 22.72 -32.66
CA HIS B 560 33.14 21.35 -32.47
C HIS B 560 32.79 21.09 -31.02
N SER B 561 33.54 21.71 -30.13
CA SER B 561 33.18 21.66 -28.74
C SER B 561 31.76 22.14 -28.54
N ASN B 562 31.43 23.26 -29.15
CA ASN B 562 30.11 23.83 -29.09
C ASN B 562 29.02 22.95 -29.59
N MET B 563 29.30 22.24 -30.65
CA MET B 563 28.30 21.41 -31.31
C MET B 563 28.04 20.17 -30.47
N ALA B 564 29.14 19.64 -29.92
CA ALA B 564 29.09 18.50 -29.04
C ALA B 564 28.14 18.85 -27.88
N TYR B 565 28.33 20.01 -27.26
CA TYR B 565 27.49 20.39 -26.14
C TYR B 565 26.02 20.46 -26.57
N LEU B 566 25.81 21.13 -27.68
CA LEU B 566 24.51 21.51 -28.14
C LEU B 566 23.71 20.27 -28.47
N TYR B 567 24.41 19.29 -29.02
CA TYR B 567 23.78 18.07 -29.50
C TYR B 567 23.17 17.32 -28.30
N LEU B 568 24.02 17.05 -27.32
CA LEU B 568 23.58 16.42 -26.10
C LEU B 568 22.45 17.14 -25.40
N GLU B 569 22.54 18.46 -25.33
CA GLU B 569 21.45 19.27 -24.81
C GLU B 569 20.17 19.00 -25.53
N LEU B 570 20.27 18.97 -26.86
CA LEU B 570 19.09 18.92 -27.71
C LEU B 570 18.45 17.57 -27.58
N LEU B 571 19.32 16.57 -27.44
CA LEU B 571 18.94 15.21 -27.26
C LEU B 571 18.20 15.07 -25.92
N LYS B 572 18.82 15.57 -24.84
CA LYS B 572 18.18 15.53 -23.53
C LYS B 572 16.87 16.25 -23.58
N ASP B 573 16.83 17.32 -24.36
CA ASP B 573 15.65 18.10 -24.35
C ASP B 573 14.52 17.29 -24.90
N SER B 574 14.71 16.62 -26.02
CA SER B 574 13.57 15.93 -26.65
C SER B 574 13.25 14.60 -25.98
N LEU B 575 14.25 13.96 -25.39
CA LEU B 575 14.08 12.79 -24.52
C LEU B 575 13.38 13.06 -23.22
N ASN B 576 13.43 14.31 -22.74
CA ASN B 576 12.96 14.64 -21.42
C ASN B 576 11.49 14.19 -21.12
N GLU B 577 10.57 14.42 -22.06
CA GLU B 577 9.17 14.06 -21.84
C GLU B 577 9.03 12.58 -21.54
N TYR B 578 9.80 11.77 -22.25
CA TYR B 578 9.90 10.34 -21.94
C TYR B 578 10.61 10.01 -20.61
N ALA B 579 11.74 10.62 -20.27
CA ALA B 579 12.57 10.13 -19.14
C ALA B 579 12.12 10.65 -17.81
N TYR B 580 11.21 11.61 -17.86
CA TYR B 580 10.79 12.24 -16.65
C TYR B 580 10.11 11.17 -15.81
N ALA B 581 9.23 10.39 -16.45
CA ALA B 581 8.54 9.30 -15.76
C ALA B 581 9.53 8.35 -15.14
N ALA B 582 10.59 8.05 -15.88
CA ALA B 582 11.55 7.08 -15.40
C ALA B 582 12.22 7.62 -14.17
N GLU B 583 12.56 8.88 -14.19
CA GLU B 583 13.15 9.46 -13.02
C GLU B 583 12.25 9.44 -11.79
N LEU B 584 10.96 9.61 -12.01
CA LEU B 584 9.98 9.51 -10.93
C LEU B 584 10.01 8.11 -10.33
N ALA B 585 10.54 7.15 -11.08
CA ALA B 585 10.50 5.79 -10.68
C ALA B 585 11.88 5.29 -10.33
N GLY B 586 12.86 6.18 -10.20
CA GLY B 586 14.10 5.75 -9.61
C GLY B 586 15.04 5.23 -10.64
N LEU B 587 14.76 5.54 -11.88
CA LEU B 587 15.70 5.22 -12.95
C LEU B 587 16.18 6.52 -13.48
N SER B 588 17.48 6.76 -13.53
CA SER B 588 17.86 8.03 -14.11
C SER B 588 19.10 8.03 -15.01
N TYR B 589 19.19 9.03 -15.87
CA TYR B 589 20.37 9.11 -16.68
C TYR B 589 21.01 10.46 -16.62
N ASP B 590 22.25 10.43 -17.06
CA ASP B 590 23.14 11.55 -17.04
C ASP B 590 24.00 11.51 -18.32
N LEU B 591 24.02 12.63 -19.03
CA LEU B 591 24.60 12.63 -20.36
C LEU B 591 25.16 13.98 -20.67
N GLN B 592 26.48 14.07 -20.74
CA GLN B 592 27.16 15.32 -21.12
C GLN B 592 28.43 15.14 -21.90
N ASN B 593 28.79 16.17 -22.68
CA ASN B 593 30.09 16.22 -23.45
C ASN B 593 31.26 16.39 -22.55
N THR B 594 32.36 15.73 -22.88
CA THR B 594 33.60 15.88 -22.15
C THR B 594 34.68 16.34 -23.13
N ILE B 595 35.87 16.65 -22.63
CA ILE B 595 36.97 17.07 -23.52
C ILE B 595 37.50 15.92 -24.43
N TYR B 596 36.92 14.73 -24.29
CA TYR B 596 37.35 13.59 -25.11
C TYR B 596 36.24 12.93 -25.87
N GLY B 597 35.01 13.27 -25.52
CA GLY B 597 33.87 12.68 -26.16
C GLY B 597 32.56 12.99 -25.47
N MET B 598 31.95 11.93 -24.92
CA MET B 598 30.63 12.00 -24.27
C MET B 598 30.59 11.07 -23.10
N TYR B 599 29.90 11.49 -22.05
CA TYR B 599 29.75 10.64 -20.90
C TYR B 599 28.28 10.28 -20.78
N LEU B 600 27.99 9.03 -20.44
CA LEU B 600 26.63 8.60 -20.22
C LEU B 600 26.65 7.67 -19.08
N SER B 601 25.71 7.92 -18.18
CA SER B 601 25.53 7.04 -17.08
C SER B 601 24.06 6.86 -16.78
N VAL B 602 23.69 5.60 -16.57
CA VAL B 602 22.36 5.26 -16.13
C VAL B 602 22.43 4.62 -14.75
N LYS B 603 21.74 5.25 -13.81
CA LYS B 603 21.79 4.84 -12.42
C LYS B 603 20.37 4.47 -11.98
N GLY B 604 20.23 3.50 -11.10
CA GLY B 604 18.90 3.29 -10.52
C GLY B 604 18.49 1.86 -10.32
N TYR B 605 17.20 1.64 -10.06
CA TYR B 605 16.69 0.27 -10.01
C TYR B 605 16.99 -0.46 -11.29
N ASN B 606 17.41 -1.71 -11.16
CA ASN B 606 17.98 -2.34 -12.32
C ASN B 606 16.95 -2.81 -13.33
N ASP B 607 15.77 -3.19 -12.84
CA ASP B 607 14.66 -3.77 -13.64
C ASP B 607 14.38 -3.16 -15.04
N LYS B 608 14.18 -1.86 -15.17
CA LYS B 608 13.86 -1.29 -16.51
C LYS B 608 15.03 -0.57 -17.18
N GLN B 609 16.23 -0.77 -16.65
CA GLN B 609 17.41 -0.06 -17.13
C GLN B 609 17.66 -0.37 -18.60
N PRO B 610 17.63 -1.67 -18.96
CA PRO B 610 17.88 -1.87 -20.36
C PRO B 610 16.91 -1.13 -21.29
N ILE B 611 15.62 -1.03 -20.95
CA ILE B 611 14.65 -0.39 -21.84
C ILE B 611 15.14 1.02 -22.10
N LEU B 612 15.54 1.69 -21.03
CA LEU B 612 15.86 3.13 -21.11
C LEU B 612 17.22 3.39 -21.80
N LEU B 613 18.24 2.64 -21.43
CA LEU B 613 19.50 2.64 -22.16
C LEU B 613 19.22 2.47 -23.65
N LYS B 614 18.54 1.39 -24.06
CA LYS B 614 18.37 1.13 -25.49
C LYS B 614 17.75 2.38 -26.10
N LYS B 615 16.73 2.92 -25.44
CA LYS B 615 15.98 4.03 -25.98
C LYS B 615 16.89 5.23 -26.22
N ILE B 616 17.84 5.43 -25.32
CA ILE B 616 18.83 6.52 -25.44
C ILE B 616 19.79 6.32 -26.63
N ILE B 617 20.59 5.24 -26.61
CA ILE B 617 21.57 4.98 -27.66
C ILE B 617 20.84 5.02 -28.97
N GLU B 618 19.62 4.51 -28.98
CA GLU B 618 18.82 4.58 -30.18
C GLU B 618 18.58 6.00 -30.63
N LYS B 619 17.95 6.81 -29.77
CA LYS B 619 17.61 8.20 -30.12
C LYS B 619 18.85 9.04 -30.40
N MET B 620 19.93 8.72 -29.70
CA MET B 620 21.23 9.34 -29.91
C MET B 620 21.75 9.16 -31.35
N ALA B 621 21.49 7.98 -31.91
CA ALA B 621 22.03 7.61 -33.23
C ALA B 621 21.13 7.86 -34.41
N THR B 622 19.96 8.46 -34.22
CA THR B 622 18.93 8.58 -35.28
C THR B 622 18.31 9.93 -35.06
N PHE B 623 19.04 10.76 -34.35
CA PHE B 623 18.46 11.99 -33.82
C PHE B 623 18.00 12.96 -34.93
N GLU B 624 16.73 13.37 -34.89
CA GLU B 624 16.32 14.44 -35.79
C GLU B 624 16.09 15.72 -35.00
N ILE B 625 16.77 16.80 -35.38
CA ILE B 625 16.74 18.07 -34.63
C ILE B 625 15.50 18.92 -34.94
N ASP B 626 14.88 19.53 -33.95
CA ASP B 626 13.81 20.48 -34.23
C ASP B 626 14.37 21.89 -34.38
N GLU B 627 14.09 22.56 -35.51
CA GLU B 627 14.69 23.90 -35.71
C GLU B 627 14.48 24.91 -34.54
N LYS B 628 13.24 25.03 -34.01
CA LYS B 628 12.90 25.99 -32.94
C LYS B 628 13.68 25.66 -31.67
N ARG B 629 13.62 24.40 -31.22
CA ARG B 629 14.41 23.89 -30.08
C ARG B 629 15.91 24.21 -30.21
N PHE B 630 16.44 24.03 -31.41
CA PHE B 630 17.83 24.38 -31.73
C PHE B 630 18.09 25.86 -31.50
N GLU B 631 17.18 26.69 -31.96
CA GLU B 631 17.42 28.10 -31.86
C GLU B 631 17.34 28.59 -30.40
N ILE B 632 16.42 28.03 -29.62
CA ILE B 632 16.19 28.42 -28.24
C ILE B 632 17.38 28.07 -27.33
N ILE B 633 17.87 26.87 -27.55
CA ILE B 633 18.93 26.33 -26.75
C ILE B 633 20.27 26.97 -27.07
N LYS B 634 20.56 27.19 -28.34
CA LYS B 634 21.73 27.99 -28.73
C LYS B 634 21.72 29.34 -28.04
N GLU B 635 20.54 29.96 -27.93
CA GLU B 635 20.50 31.26 -27.25
C GLU B 635 20.73 31.20 -25.71
N ALA B 636 20.18 30.18 -25.03
CA ALA B 636 20.42 30.00 -23.60
C ALA B 636 21.91 29.66 -23.33
N TYR B 637 22.54 29.06 -24.31
CA TYR B 637 23.95 28.76 -24.23
C TYR B 637 24.82 30.00 -24.44
N MET B 638 24.45 30.82 -25.44
CA MET B 638 25.05 32.15 -25.58
C MET B 638 25.05 32.81 -24.19
N ARG B 639 23.86 32.91 -23.57
CA ARG B 639 23.72 33.55 -22.28
C ARG B 639 24.56 32.92 -21.23
N SER B 640 24.50 31.61 -21.06
CA SER B 640 25.27 31.06 -19.97
C SER B 640 26.80 31.16 -20.18
N LEU B 641 27.30 31.14 -21.42
CA LEU B 641 28.75 31.43 -21.60
C LEU B 641 29.10 32.84 -21.15
N ASN B 642 28.36 33.86 -21.59
CA ASN B 642 28.52 35.25 -21.11
C ASN B 642 28.36 35.39 -19.61
N ASN B 643 27.41 34.67 -19.01
CA ASN B 643 27.12 34.78 -17.59
C ASN B 643 28.25 34.34 -16.70
N PHE B 644 29.32 33.79 -17.25
CA PHE B 644 30.44 33.47 -16.40
C PHE B 644 31.08 34.75 -15.75
N ARG B 645 30.97 35.90 -16.44
CA ARG B 645 31.58 37.15 -15.97
C ARG B 645 31.15 37.48 -14.54
N ALA B 646 30.01 36.89 -14.14
CA ALA B 646 29.37 37.09 -12.84
C ALA B 646 29.53 35.96 -11.80
N GLU B 647 30.32 34.94 -12.11
CA GLU B 647 30.70 33.99 -11.07
C GLU B 647 31.67 34.63 -10.08
N GLN B 648 31.93 33.94 -8.99
CA GLN B 648 32.76 34.48 -7.94
C GLN B 648 34.24 34.55 -8.28
N PRO B 649 34.98 35.51 -7.69
CA PRO B 649 36.41 35.62 -7.99
C PRO B 649 37.18 34.32 -7.79
N HIS B 650 36.93 33.64 -6.69
CA HIS B 650 37.62 32.37 -6.47
C HIS B 650 37.22 31.33 -7.53
N GLN B 651 35.99 31.44 -8.05
CA GLN B 651 35.56 30.46 -9.06
C GLN B 651 36.25 30.82 -10.41
N HIS B 652 36.40 32.10 -10.71
CA HIS B 652 37.28 32.56 -11.81
C HIS B 652 38.72 32.09 -11.64
N ALA B 653 39.30 32.25 -10.46
CA ALA B 653 40.70 31.87 -10.25
C ALA B 653 40.97 30.46 -10.64
N MET B 654 40.14 29.56 -10.15
CA MET B 654 40.30 28.15 -10.41
C MET B 654 40.24 27.84 -11.88
N TYR B 655 39.43 28.60 -12.60
CA TYR B 655 39.19 28.40 -14.00
C TYR B 655 40.41 28.77 -14.86
N TYR B 656 40.96 29.96 -14.63
CA TYR B 656 42.15 30.38 -15.34
C TYR B 656 43.29 29.38 -15.09
N LEU B 657 43.41 28.86 -13.88
CA LEU B 657 44.44 27.91 -13.59
C LEU B 657 44.28 26.66 -14.43
N ARG B 658 43.04 26.18 -14.56
CA ARG B 658 42.72 25.04 -15.40
C ARG B 658 43.26 25.33 -16.81
N LEU B 659 42.90 26.49 -17.38
CA LEU B 659 43.35 26.91 -18.71
C LEU B 659 44.85 27.02 -18.86
N LEU B 660 45.51 27.61 -17.87
CA LEU B 660 46.94 27.69 -17.87
C LEU B 660 47.65 26.34 -17.86
N MET B 661 47.12 25.35 -17.16
CA MET B 661 47.89 24.16 -16.92
C MET B 661 47.61 22.99 -17.80
N THR B 662 46.52 23.02 -18.59
CA THR B 662 46.16 21.85 -19.48
C THR B 662 46.61 22.13 -20.91
N GLU B 663 47.13 21.09 -21.58
CA GLU B 663 47.71 21.24 -22.90
C GLU B 663 46.75 21.89 -23.90
N VAL B 664 45.48 21.49 -23.82
CA VAL B 664 44.44 22.03 -24.72
C VAL B 664 43.19 22.37 -23.92
N ALA B 665 42.75 23.62 -24.04
CA ALA B 665 41.56 24.07 -23.34
C ALA B 665 40.98 25.33 -24.00
N TRP B 666 39.71 25.24 -24.38
CA TRP B 666 39.05 26.31 -25.07
C TRP B 666 38.41 27.20 -24.06
N THR B 667 38.61 28.49 -24.20
CA THR B 667 38.06 29.43 -23.25
C THR B 667 36.60 29.79 -23.57
N LYS B 668 35.89 30.32 -22.59
CA LYS B 668 34.51 30.67 -22.74
C LYS B 668 34.44 31.74 -23.81
N ASP B 669 35.50 32.53 -23.99
CA ASP B 669 35.47 33.60 -25.03
C ASP B 669 35.61 33.02 -26.43
N GLU B 670 36.50 32.03 -26.55
CA GLU B 670 36.74 31.28 -27.77
C GLU B 670 35.44 30.58 -28.19
N LEU B 671 34.82 29.84 -27.25
CA LEU B 671 33.53 29.19 -27.44
C LEU B 671 32.43 30.17 -27.84
N LYS B 672 32.28 31.24 -27.08
CA LYS B 672 31.28 32.31 -27.36
C LYS B 672 31.31 32.88 -28.79
N GLU B 673 32.53 33.08 -29.31
CA GLU B 673 32.78 33.60 -30.66
C GLU B 673 32.33 32.61 -31.70
N ALA B 674 32.89 31.39 -31.59
CA ALA B 674 32.55 30.23 -32.43
C ALA B 674 31.10 29.76 -32.42
N LEU B 675 30.31 30.24 -31.49
CA LEU B 675 28.93 29.83 -31.39
C LEU B 675 28.07 30.41 -32.50
N ASP B 676 28.35 31.64 -32.93
CA ASP B 676 27.58 32.28 -34.03
C ASP B 676 27.62 31.44 -35.30
N ASP B 677 28.73 30.74 -35.51
CA ASP B 677 28.94 29.94 -36.70
C ASP B 677 28.23 28.59 -36.76
N VAL B 678 27.83 28.03 -35.62
CA VAL B 678 26.99 26.80 -35.56
C VAL B 678 25.64 27.10 -36.18
N THR B 679 25.31 26.40 -37.25
CA THR B 679 24.04 26.59 -37.95
C THR B 679 23.33 25.25 -37.98
N LEU B 680 22.01 25.24 -38.16
CA LEU B 680 21.32 23.97 -38.20
C LEU B 680 22.02 22.91 -39.09
N PRO B 681 22.30 23.27 -40.37
CA PRO B 681 22.95 22.27 -41.23
C PRO B 681 24.31 21.81 -40.73
N ARG B 682 25.14 22.74 -40.26
CA ARG B 682 26.44 22.32 -39.76
C ARG B 682 26.31 21.26 -38.63
N LEU B 683 25.23 21.36 -37.83
CA LEU B 683 24.94 20.44 -36.72
C LEU B 683 24.56 19.03 -37.16
N LYS B 684 23.61 18.93 -38.11
CA LYS B 684 23.20 17.65 -38.73
C LYS B 684 24.41 16.95 -39.34
N ALA B 685 25.25 17.68 -40.05
CA ALA B 685 26.52 17.14 -40.50
C ALA B 685 27.46 16.70 -39.37
N PHE B 686 27.52 17.45 -38.27
CA PHE B 686 28.35 17.08 -37.13
C PHE B 686 28.05 15.71 -36.48
N ILE B 687 26.75 15.36 -36.32
CA ILE B 687 26.40 14.19 -35.54
C ILE B 687 26.92 12.85 -36.09
N PRO B 688 26.65 12.53 -37.36
CA PRO B 688 27.25 11.31 -37.89
C PRO B 688 28.78 11.39 -38.04
N GLN B 689 29.31 12.59 -38.24
CA GLN B 689 30.78 12.78 -38.27
C GLN B 689 31.25 12.37 -36.89
N LEU B 690 30.55 12.84 -35.85
CA LEU B 690 30.89 12.50 -34.46
C LEU B 690 30.81 11.03 -34.15
N LEU B 691 29.72 10.41 -34.56
CA LEU B 691 29.36 9.07 -34.12
C LEU B 691 30.10 7.97 -34.82
N SER B 692 30.62 8.27 -36.02
CA SER B 692 31.08 7.26 -37.00
C SER B 692 32.30 6.50 -36.55
N ARG B 693 33.06 7.13 -35.66
CA ARG B 693 34.22 6.46 -35.13
C ARG B 693 34.39 6.71 -33.64
N LEU B 694 34.33 5.62 -32.87
CA LEU B 694 34.37 5.64 -31.41
C LEU B 694 35.17 4.49 -30.79
N HIS B 695 35.80 4.77 -29.64
CA HIS B 695 36.07 3.74 -28.64
C HIS B 695 35.09 3.99 -27.51
N ILE B 696 34.69 2.91 -26.86
CA ILE B 696 33.80 2.94 -25.74
C ILE B 696 34.46 2.31 -24.52
N GLU B 697 34.52 3.03 -23.39
CA GLU B 697 35.00 2.41 -22.12
C GLU B 697 33.87 2.44 -21.11
N ALA B 698 33.56 1.31 -20.49
CA ALA B 698 32.41 1.20 -19.60
C ALA B 698 32.77 0.51 -18.31
N LEU B 699 32.04 0.87 -17.28
CA LEU B 699 32.08 0.22 -16.00
C LEU B 699 30.64 -0.08 -15.64
N LEU B 700 30.29 -1.35 -15.50
CA LEU B 700 28.92 -1.70 -15.12
C LEU B 700 28.99 -2.44 -13.83
N HIS B 701 28.27 -1.90 -12.85
CA HIS B 701 28.46 -2.24 -11.45
C HIS B 701 27.11 -2.25 -10.79
N GLY B 702 26.76 -3.35 -10.10
CA GLY B 702 25.47 -3.49 -9.40
C GLY B 702 24.90 -4.90 -9.43
N ASN B 703 23.57 -4.98 -9.34
CA ASN B 703 22.84 -6.24 -9.36
C ASN B 703 22.68 -6.81 -10.75
N ILE B 704 23.80 -7.17 -11.40
CA ILE B 704 23.80 -7.74 -12.77
C ILE B 704 24.82 -8.84 -12.88
N THR B 705 24.71 -9.66 -13.90
CA THR B 705 25.58 -10.82 -14.02
C THR B 705 26.57 -10.61 -15.16
N LYS B 706 27.76 -11.24 -15.08
CA LYS B 706 28.78 -11.12 -16.12
C LYS B 706 28.16 -11.23 -17.52
N GLN B 707 27.27 -12.20 -17.68
CA GLN B 707 26.63 -12.41 -18.94
C GLN B 707 25.68 -11.24 -19.26
N ALA B 708 24.92 -10.77 -18.28
CA ALA B 708 23.98 -9.69 -18.50
C ALA B 708 24.75 -8.47 -18.98
N ALA B 709 25.97 -8.31 -18.48
CA ALA B 709 26.78 -7.11 -18.75
C ALA B 709 27.26 -7.13 -20.18
N LEU B 710 27.90 -8.26 -20.52
CA LEU B 710 28.35 -8.52 -21.87
C LEU B 710 27.21 -8.25 -22.84
N GLY B 711 25.99 -8.59 -22.40
CA GLY B 711 24.75 -8.41 -23.16
C GLY B 711 24.32 -6.97 -23.35
N ILE B 712 24.35 -6.20 -22.25
CA ILE B 712 24.21 -4.73 -22.29
C ILE B 712 25.22 -4.11 -23.29
N MET B 713 26.50 -4.37 -23.07
CA MET B 713 27.52 -3.76 -23.88
C MET B 713 27.27 -4.07 -25.33
N GLN B 714 26.93 -5.33 -25.59
CA GLN B 714 26.63 -5.79 -26.94
C GLN B 714 25.46 -5.01 -27.57
N MET B 715 24.37 -4.81 -26.83
CA MET B 715 23.25 -4.04 -27.34
C MET B 715 23.61 -2.58 -27.65
N VAL B 716 24.54 -2.02 -26.87
CA VAL B 716 25.07 -0.67 -27.13
C VAL B 716 25.81 -0.56 -28.45
N GLU B 717 26.86 -1.36 -28.61
CA GLU B 717 27.57 -1.46 -29.89
C GLU B 717 26.59 -1.74 -31.02
N ASP B 718 25.73 -2.73 -30.83
CA ASP B 718 24.86 -3.11 -31.91
C ASP B 718 24.06 -1.96 -32.42
N THR B 719 23.35 -1.27 -31.53
CA THR B 719 22.59 -0.08 -31.93
C THR B 719 23.44 0.99 -32.65
N LEU B 720 24.66 1.19 -32.15
CA LEU B 720 25.57 2.15 -32.76
C LEU B 720 26.04 1.71 -34.16
N ILE B 721 26.71 0.56 -34.23
CA ILE B 721 26.98 -0.13 -35.50
C ILE B 721 25.78 0.03 -36.47
N GLU B 722 24.59 -0.43 -36.07
CA GLU B 722 23.41 -0.43 -36.96
C GLU B 722 22.84 0.91 -37.43
N HIS B 723 22.76 1.90 -36.54
CA HIS B 723 22.18 3.18 -36.93
C HIS B 723 23.21 4.23 -37.36
N ALA B 724 24.42 4.14 -36.82
CA ALA B 724 25.40 5.20 -36.98
C ALA B 724 26.60 4.73 -37.79
N HIS B 725 26.61 3.45 -38.11
CA HIS B 725 27.69 2.85 -38.91
C HIS B 725 29.01 2.97 -38.17
N THR B 726 28.94 2.89 -36.87
CA THR B 726 30.10 3.07 -36.04
C THR B 726 31.18 1.98 -36.16
N LYS B 727 32.39 2.39 -36.52
CA LYS B 727 33.54 1.47 -36.54
C LYS B 727 34.62 2.00 -35.60
N PRO B 728 35.59 1.14 -35.17
CA PRO B 728 36.49 1.50 -34.05
C PRO B 728 37.60 2.52 -34.38
N LEU B 729 38.12 3.22 -33.36
CA LEU B 729 39.28 4.12 -33.45
C LEU B 729 40.59 3.36 -33.44
N LEU B 730 41.67 4.01 -33.91
CA LEU B 730 43.01 3.42 -33.75
C LEU B 730 43.52 3.66 -32.35
N PRO B 731 44.37 2.75 -31.82
CA PRO B 731 44.87 2.94 -30.46
C PRO B 731 45.59 4.29 -30.31
N SER B 732 46.35 4.70 -31.34
CA SER B 732 47.11 5.98 -31.32
C SER B 732 46.25 7.23 -31.51
N GLN B 733 44.95 7.04 -31.60
CA GLN B 733 44.05 8.14 -31.78
C GLN B 733 43.46 8.50 -30.45
N LEU B 734 43.70 7.65 -29.44
CA LEU B 734 43.10 7.80 -28.10
C LEU B 734 44.00 8.51 -27.10
N VAL B 735 44.35 9.76 -27.33
CA VAL B 735 45.32 10.44 -26.44
C VAL B 735 44.70 11.29 -25.31
N ARG B 736 45.20 11.11 -24.09
CA ARG B 736 44.81 11.98 -22.97
C ARG B 736 45.69 13.25 -22.98
N TYR B 737 45.22 14.34 -22.36
CA TYR B 737 45.96 15.62 -22.35
C TYR B 737 47.02 15.70 -21.28
N ARG B 738 48.03 16.53 -21.51
CA ARG B 738 49.19 16.60 -20.59
C ARG B 738 49.16 17.88 -19.75
N GLU B 739 49.84 17.87 -18.62
CA GLU B 739 49.94 19.10 -17.86
C GLU B 739 51.24 19.87 -18.16
N VAL B 740 51.14 21.21 -18.22
CA VAL B 740 52.34 22.07 -18.37
C VAL B 740 53.39 21.68 -17.34
N GLN B 741 54.65 21.55 -17.74
CA GLN B 741 55.73 21.20 -16.80
C GLN B 741 56.46 22.49 -16.46
N LEU B 742 56.46 22.83 -15.16
CA LEU B 742 56.86 24.15 -14.70
C LEU B 742 58.32 24.09 -14.27
N PRO B 743 59.11 25.17 -14.48
CA PRO B 743 60.54 25.05 -14.22
C PRO B 743 60.93 25.19 -12.74
N ASP B 744 61.99 24.47 -12.34
CA ASP B 744 62.63 24.63 -11.01
C ASP B 744 62.91 26.09 -10.69
N ARG B 745 62.33 26.57 -9.59
CA ARG B 745 62.50 27.94 -9.09
C ARG B 745 61.70 28.95 -9.92
N GLY B 746 60.79 28.50 -10.77
CA GLY B 746 60.04 29.47 -11.58
C GLY B 746 58.91 30.01 -10.75
N TRP B 747 58.53 31.26 -10.97
CA TRP B 747 57.25 31.71 -10.44
C TRP B 747 56.51 32.54 -11.49
N PHE B 748 55.24 32.19 -11.74
CA PHE B 748 54.42 32.93 -12.70
C PHE B 748 53.10 33.40 -12.10
N VAL B 749 52.62 34.52 -12.63
CA VAL B 749 51.42 35.15 -12.16
C VAL B 749 50.62 35.59 -13.37
N TYR B 750 49.38 35.13 -13.44
CA TYR B 750 48.40 35.60 -14.42
C TYR B 750 47.43 36.42 -13.62
N GLN B 751 46.98 37.56 -14.15
CA GLN B 751 45.94 38.34 -13.47
C GLN B 751 44.74 38.84 -14.30
N GLN B 752 43.55 38.87 -13.71
CA GLN B 752 42.39 39.41 -14.37
C GLN B 752 41.59 40.22 -13.37
N ARG B 753 40.63 40.97 -13.88
CA ARG B 753 39.67 41.68 -13.06
C ARG B 753 38.38 40.87 -13.15
N ASN B 754 37.61 40.83 -12.08
CA ASN B 754 36.27 40.29 -12.06
C ASN B 754 35.36 41.51 -12.14
N GLU B 755 34.54 41.68 -13.16
CA GLU B 755 33.91 43.00 -13.24
C GLU B 755 32.57 43.12 -12.52
N VAL B 756 32.23 42.13 -11.70
CA VAL B 756 30.95 42.13 -11.01
C VAL B 756 31.12 42.13 -9.48
N HIS B 757 31.93 41.22 -8.97
CA HIS B 757 32.18 41.20 -7.54
C HIS B 757 33.26 42.21 -7.06
N ASN B 758 32.99 42.87 -5.95
CA ASN B 758 33.95 43.77 -5.41
C ASN B 758 34.73 43.07 -4.31
N ASN B 759 35.24 41.91 -4.64
CA ASN B 759 36.14 41.16 -3.81
C ASN B 759 37.15 40.52 -4.74
N SER B 760 38.21 39.96 -4.21
CA SER B 760 39.23 39.41 -5.07
C SER B 760 39.39 37.94 -4.74
N GLY B 761 39.97 37.18 -5.68
CA GLY B 761 40.22 35.77 -5.48
C GLY B 761 41.64 35.47 -5.86
N ILE B 762 42.12 34.32 -5.41
CA ILE B 762 43.47 33.88 -5.70
C ILE B 762 43.56 32.35 -5.67
N GLU B 763 44.27 31.77 -6.61
CA GLU B 763 44.71 30.39 -6.42
C GLU B 763 46.22 30.39 -6.49
N ILE B 764 46.84 29.57 -5.65
CA ILE B 764 48.27 29.45 -5.67
C ILE B 764 48.56 28.02 -5.85
N TYR B 765 49.34 27.69 -6.87
CA TYR B 765 49.61 26.28 -7.15
C TYR B 765 51.09 26.03 -7.04
N TYR B 766 51.43 25.07 -6.20
CA TYR B 766 52.80 24.59 -6.04
C TYR B 766 52.84 23.21 -6.66
N GLN B 767 53.29 23.12 -7.91
CA GLN B 767 53.30 21.84 -8.59
C GLN B 767 54.35 20.97 -7.90
N THR B 768 54.08 19.69 -7.70
CA THR B 768 55.15 18.81 -7.21
C THR B 768 55.71 17.86 -8.24
N ASP B 769 55.02 16.75 -8.48
CA ASP B 769 55.39 15.82 -9.54
C ASP B 769 54.22 14.98 -10.06
N MET B 770 54.57 13.99 -10.89
CA MET B 770 53.65 13.02 -11.37
C MET B 770 53.24 12.21 -10.18
N GLN B 771 51.97 11.83 -10.19
CA GLN B 771 51.43 10.99 -9.15
C GLN B 771 52.17 9.70 -9.20
N SER B 772 52.50 9.21 -8.02
CA SER B 772 53.08 7.89 -7.81
C SER B 772 52.75 7.59 -6.33
N THR B 773 52.79 6.33 -5.91
CA THR B 773 52.44 6.00 -4.54
C THR B 773 53.15 6.89 -3.51
N SER B 774 54.45 7.04 -3.69
CA SER B 774 55.27 7.90 -2.85
C SER B 774 54.88 9.39 -2.91
N GLU B 775 55.04 9.99 -4.09
CA GLU B 775 54.71 11.38 -4.30
C GLU B 775 53.26 11.74 -3.84
N ASN B 776 52.30 10.85 -4.14
CA ASN B 776 50.94 11.01 -3.62
C ASN B 776 50.85 11.14 -2.13
N MET B 777 51.57 10.28 -1.40
CA MET B 777 51.43 10.26 0.06
C MET B 777 52.17 11.37 0.80
N PHE B 778 53.38 11.72 0.35
CA PHE B 778 54.00 12.95 0.84
C PHE B 778 52.99 14.12 0.84
N LEU B 779 52.49 14.44 -0.35
CA LEU B 779 51.54 15.52 -0.53
C LEU B 779 50.27 15.37 0.32
N GLU B 780 49.58 14.24 0.22
CA GLU B 780 48.41 14.00 1.01
C GLU B 780 48.63 14.15 2.53
N LEU B 781 49.83 13.84 3.02
CA LEU B 781 50.19 13.92 4.46
C LEU B 781 50.52 15.33 4.91
N PHE B 782 51.23 16.05 4.08
CA PHE B 782 51.52 17.42 4.39
C PHE B 782 50.23 18.23 4.37
N ALA B 783 49.39 17.95 3.37
CA ALA B 783 48.14 18.67 3.20
C ALA B 783 47.29 18.52 4.44
N GLN B 784 47.33 17.29 4.96
CA GLN B 784 46.62 16.87 6.18
C GLN B 784 47.17 17.66 7.33
N ILE B 785 48.50 17.64 7.47
CA ILE B 785 49.13 18.28 8.59
C ILE B 785 48.80 19.74 8.63
N ILE B 786 48.76 20.38 7.47
CA ILE B 786 48.60 21.85 7.40
C ILE B 786 47.13 22.30 7.34
N SER B 787 46.25 21.36 7.06
CA SER B 787 44.83 21.63 6.78
C SER B 787 44.14 22.58 7.77
N GLU B 788 44.00 22.16 9.04
CA GLU B 788 43.31 23.03 10.01
C GLU B 788 44.14 24.26 10.45
N PRO B 789 45.48 24.12 10.65
CA PRO B 789 46.27 25.35 10.84
C PRO B 789 46.02 26.40 9.74
N ALA B 790 45.97 25.98 8.48
CA ALA B 790 45.74 26.90 7.38
C ALA B 790 44.45 27.66 7.57
N PHE B 791 43.41 26.94 7.98
CA PHE B 791 42.10 27.56 8.12
C PHE B 791 42.19 28.47 9.35
N ASN B 792 42.80 27.96 10.41
CA ASN B 792 42.81 28.72 11.63
C ASN B 792 43.58 29.98 11.43
N THR B 793 44.77 29.87 10.84
CA THR B 793 45.62 31.03 10.69
C THR B 793 45.04 32.06 9.74
N LEU B 794 44.69 31.67 8.52
CA LEU B 794 44.30 32.64 7.47
C LEU B 794 42.88 33.12 7.62
N ARG B 795 41.99 32.23 8.10
CA ARG B 795 40.60 32.64 8.38
C ARG B 795 40.36 33.11 9.83
N THR B 796 40.36 32.18 10.79
CA THR B 796 39.98 32.49 12.17
C THR B 796 40.82 33.62 12.75
N LYS B 797 42.15 33.50 12.70
CA LYS B 797 43.06 34.56 13.20
C LYS B 797 43.05 35.80 12.32
N GLU B 798 43.56 35.65 11.10
CA GLU B 798 43.82 36.79 10.21
C GLU B 798 42.58 37.35 9.53
N GLN B 799 41.53 36.55 9.37
CA GLN B 799 40.28 36.99 8.73
C GLN B 799 40.41 37.52 7.29
N LEU B 800 41.13 36.81 6.43
CA LEU B 800 41.30 37.25 5.05
C LEU B 800 39.99 37.17 4.24
N GLY B 801 39.18 36.14 4.49
CA GLY B 801 37.80 36.15 4.02
C GLY B 801 37.05 34.91 4.47
N TYR B 802 35.78 34.79 4.02
CA TYR B 802 34.94 33.63 4.33
C TYR B 802 35.59 32.37 3.78
N ILE B 803 36.01 32.47 2.53
CA ILE B 803 36.54 31.36 1.80
C ILE B 803 38.06 31.33 1.86
N VAL B 804 38.55 30.23 2.42
CA VAL B 804 39.99 29.93 2.55
C VAL B 804 40.11 28.43 2.46
N PHE B 805 41.00 27.95 1.61
CA PHE B 805 41.03 26.53 1.29
C PHE B 805 42.44 26.10 1.06
N SER B 806 42.77 24.89 1.46
CA SER B 806 44.04 24.30 1.07
C SER B 806 43.76 22.82 0.79
N GLY B 807 44.75 22.10 0.33
CA GLY B 807 44.53 20.72 -0.04
C GLY B 807 45.30 20.39 -1.29
N PRO B 808 45.37 19.09 -1.65
CA PRO B 808 46.02 18.66 -2.89
C PRO B 808 45.27 19.11 -4.19
N ARG B 809 45.99 19.30 -5.30
CA ARG B 809 45.36 19.48 -6.60
C ARG B 809 45.85 18.36 -7.49
N ARG B 810 44.93 17.54 -8.01
CA ARG B 810 45.31 16.46 -8.93
C ARG B 810 44.66 16.62 -10.28
N ALA B 811 45.45 16.63 -11.34
CA ALA B 811 44.92 16.79 -12.70
C ALA B 811 45.87 16.21 -13.74
N ASN B 812 45.31 15.50 -14.73
CA ASN B 812 46.07 14.89 -15.83
C ASN B 812 47.27 14.11 -15.34
N GLY B 813 47.22 13.53 -14.15
CA GLY B 813 48.33 12.69 -13.71
C GLY B 813 49.38 13.44 -12.93
N ILE B 814 49.30 14.76 -12.90
CA ILE B 814 50.19 15.55 -12.08
C ILE B 814 49.51 15.94 -10.77
N GLN B 815 50.31 16.38 -9.80
CA GLN B 815 49.72 16.92 -8.57
C GLN B 815 50.50 18.07 -7.96
N GLY B 816 49.87 18.71 -6.99
CA GLY B 816 50.56 19.70 -6.14
C GLY B 816 49.71 20.29 -5.01
N LEU B 817 50.27 21.26 -4.30
CA LEU B 817 49.55 21.90 -3.21
C LEU B 817 48.87 23.16 -3.69
N ARG B 818 47.67 23.41 -3.17
CA ARG B 818 46.97 24.62 -3.58
C ARG B 818 46.31 25.41 -2.46
N PHE B 819 46.30 26.72 -2.62
CA PHE B 819 45.58 27.56 -1.70
C PHE B 819 44.61 28.37 -2.50
N ILE B 820 43.33 28.31 -2.12
CA ILE B 820 42.34 29.24 -2.65
C ILE B 820 41.85 30.23 -1.59
N ILE B 821 41.80 31.50 -1.93
CA ILE B 821 41.24 32.47 -1.01
C ILE B 821 40.39 33.50 -1.71
N GLN B 822 39.29 33.88 -1.07
CA GLN B 822 38.51 34.98 -1.58
C GLN B 822 38.39 36.03 -0.48
N SER B 823 38.77 37.27 -0.80
CA SER B 823 39.03 38.31 0.20
C SER B 823 38.71 39.71 -0.24
N GLU B 824 38.75 40.65 0.70
CA GLU B 824 38.59 42.06 0.39
C GLU B 824 39.94 42.68 0.16
N LYS B 825 40.99 42.08 0.76
CA LYS B 825 42.36 42.56 0.55
C LYS B 825 42.83 42.27 -0.89
N PRO B 826 43.83 43.03 -1.39
CA PRO B 826 44.31 42.75 -2.73
C PRO B 826 45.21 41.52 -2.72
N PRO B 827 45.17 40.70 -3.79
CA PRO B 827 45.93 39.47 -3.91
C PRO B 827 47.38 39.64 -3.56
N HIS B 828 48.07 40.62 -4.17
CA HIS B 828 49.48 40.96 -3.79
C HIS B 828 49.79 40.77 -2.27
N TYR B 829 48.76 41.01 -1.43
CA TYR B 829 48.85 40.84 0.02
C TYR B 829 48.62 39.38 0.42
N LEU B 830 47.40 38.90 0.11
CA LEU B 830 47.00 37.53 0.33
C LEU B 830 48.21 36.60 0.10
N GLU B 831 48.95 36.88 -0.97
CA GLU B 831 50.14 36.11 -1.39
C GLU B 831 51.22 35.98 -0.32
N SER B 832 51.53 37.09 0.35
CA SER B 832 52.60 37.08 1.36
C SER B 832 52.15 36.39 2.64
N ARG B 833 50.85 36.50 2.95
CA ARG B 833 50.29 35.84 4.13
C ARG B 833 50.36 34.32 4.09
N VAL B 834 50.04 33.77 2.92
CA VAL B 834 50.16 32.35 2.66
C VAL B 834 51.62 31.97 2.75
N GLU B 835 52.49 32.82 2.26
CA GLU B 835 53.91 32.56 2.32
C GLU B 835 54.44 32.58 3.74
N ALA B 836 53.88 33.48 4.53
CA ALA B 836 54.26 33.64 5.92
C ALA B 836 53.83 32.45 6.72
N PHE B 837 52.59 32.05 6.47
CA PHE B 837 51.99 30.95 7.14
C PHE B 837 52.79 29.67 6.93
N LEU B 838 53.39 29.55 5.75
CA LEU B 838 54.07 28.34 5.33
C LEU B 838 55.27 28.13 6.22
N ILE B 839 55.89 29.23 6.64
CA ILE B 839 57.07 29.19 7.48
C ILE B 839 56.74 28.75 8.92
N THR B 840 55.68 29.39 9.46
CA THR B 840 55.04 28.99 10.71
C THR B 840 54.80 27.48 10.77
N MET B 841 54.44 26.89 9.64
CA MET B 841 54.29 25.45 9.61
C MET B 841 55.63 24.78 9.68
N GLU B 842 56.65 25.30 8.98
CA GLU B 842 57.99 24.71 9.08
C GLU B 842 58.37 24.63 10.56
N LYS B 843 58.35 25.76 11.27
CA LYS B 843 58.57 25.77 12.73
C LYS B 843 57.72 24.68 13.38
N SER B 844 56.39 24.75 13.21
CA SER B 844 55.45 23.75 13.75
C SER B 844 55.76 22.26 13.56
N ILE B 845 56.34 21.90 12.43
CA ILE B 845 56.67 20.50 12.21
C ILE B 845 57.95 20.14 12.97
N GLU B 846 58.94 21.03 12.91
CA GLU B 846 60.15 20.83 13.68
C GLU B 846 59.84 20.63 15.18
N ASP B 847 58.86 21.36 15.69
CA ASP B 847 58.55 21.33 17.11
C ASP B 847 57.45 20.38 17.49
N MET B 848 56.93 19.58 16.56
CA MET B 848 55.80 18.75 16.95
C MET B 848 56.19 17.33 17.36
N THR B 849 55.50 16.82 18.39
CA THR B 849 55.88 15.56 19.03
C THR B 849 55.69 14.36 18.12
N GLU B 850 56.21 13.22 18.54
CA GLU B 850 55.99 12.00 17.78
C GLU B 850 54.53 11.53 17.76
N GLU B 851 53.85 11.62 18.89
CA GLU B 851 52.46 11.18 18.93
C GLU B 851 51.57 12.17 18.19
N ALA B 852 52.00 13.43 18.12
CA ALA B 852 51.22 14.44 17.40
C ALA B 852 51.20 14.06 15.92
N PHE B 853 52.39 13.83 15.39
CA PHE B 853 52.59 13.33 14.04
C PHE B 853 51.83 12.02 13.75
N GLN B 854 51.89 11.11 14.70
CA GLN B 854 51.24 9.83 14.48
C GLN B 854 49.73 9.95 14.38
N LYS B 855 49.13 10.89 15.10
CA LYS B 855 47.67 11.18 15.03
C LYS B 855 47.23 11.62 13.63
N HIS B 856 48.09 12.40 12.96
CA HIS B 856 47.90 12.88 11.58
C HIS B 856 47.93 11.71 10.61
N ILE B 857 49.04 10.96 10.60
CA ILE B 857 49.08 9.72 9.83
C ILE B 857 47.78 8.93 10.06
N GLN B 858 47.36 8.83 11.32
CA GLN B 858 46.20 8.06 11.67
C GLN B 858 44.92 8.70 11.10
N ALA B 859 44.85 10.03 11.06
CA ALA B 859 43.64 10.63 10.52
C ALA B 859 43.59 10.43 9.01
N LEU B 860 44.71 10.63 8.32
CA LEU B 860 44.75 10.35 6.90
C LEU B 860 44.25 8.92 6.63
N ALA B 861 44.93 7.94 7.25
CA ALA B 861 44.53 6.55 7.24
C ALA B 861 43.00 6.39 7.36
N ILE B 862 42.39 6.78 8.49
CA ILE B 862 40.96 6.53 8.67
C ILE B 862 40.08 7.17 7.56
N ARG B 863 40.57 8.26 6.94
CA ARG B 863 39.91 8.96 5.81
C ARG B 863 39.99 8.16 4.50
N ARG B 864 41.20 7.76 4.10
CA ARG B 864 41.35 7.11 2.82
C ARG B 864 40.69 5.73 2.81
N LEU B 865 40.71 5.06 3.96
CA LEU B 865 40.25 3.68 4.12
C LEU B 865 38.81 3.55 4.54
N ASP B 866 38.09 4.66 4.48
CA ASP B 866 36.71 4.73 4.90
C ASP B 866 35.87 4.04 3.86
N LYS B 867 35.20 2.98 4.28
CA LYS B 867 34.38 2.14 3.38
C LYS B 867 33.16 2.91 2.80
N PRO B 868 32.90 2.77 1.48
CA PRO B 868 31.70 3.29 0.76
C PRO B 868 30.33 2.87 1.34
N LYS B 869 29.37 3.76 1.51
CA LYS B 869 28.10 3.33 2.13
C LYS B 869 27.00 3.02 1.12
N LYS B 870 27.10 3.52 -0.11
CA LYS B 870 26.14 3.16 -1.18
C LYS B 870 26.80 2.74 -2.44
N LEU B 871 26.06 1.99 -3.24
CA LEU B 871 26.60 1.46 -4.50
C LEU B 871 27.41 2.52 -5.28
N SER B 872 26.87 3.71 -5.41
CA SER B 872 27.43 4.68 -6.33
C SER B 872 28.67 5.39 -5.78
N ALA B 873 28.86 5.31 -4.46
CA ALA B 873 30.11 5.76 -3.85
C ALA B 873 31.22 4.77 -4.26
N GLU B 874 30.92 3.48 -4.21
CA GLU B 874 31.81 2.46 -4.78
C GLU B 874 32.06 2.72 -6.27
N SER B 875 31.00 2.81 -7.08
CA SER B 875 31.14 3.13 -8.50
C SER B 875 32.06 4.32 -8.77
N ALA B 876 31.78 5.44 -8.10
CA ALA B 876 32.55 6.66 -8.29
C ALA B 876 34.04 6.41 -8.02
N LYS B 877 34.35 5.72 -6.93
CA LYS B 877 35.72 5.28 -6.62
C LYS B 877 36.37 4.43 -7.73
N TYR B 878 35.66 3.44 -8.27
CA TYR B 878 36.19 2.68 -9.40
C TYR B 878 36.31 3.52 -10.67
N TRP B 879 35.25 4.24 -11.01
CA TRP B 879 35.25 5.14 -12.16
C TRP B 879 36.43 6.16 -12.17
N GLY B 880 36.85 6.60 -10.99
CA GLY B 880 38.02 7.45 -10.87
C GLY B 880 39.25 6.79 -11.48
N GLU B 881 39.46 5.51 -11.16
CA GLU B 881 40.62 4.79 -11.59
C GLU B 881 40.59 4.59 -13.08
N ILE B 882 39.37 4.41 -13.59
CA ILE B 882 39.16 4.18 -15.03
C ILE B 882 39.33 5.44 -15.89
N ILE B 883 38.62 6.52 -15.61
CA ILE B 883 38.74 7.64 -16.52
C ILE B 883 40.12 8.20 -16.34
N SER B 884 40.72 8.04 -15.17
CA SER B 884 42.07 8.55 -14.97
C SER B 884 43.11 7.67 -15.66
N GLN B 885 42.70 6.46 -16.01
CA GLN B 885 43.54 5.52 -16.72
C GLN B 885 44.69 5.05 -15.88
N GLN B 886 44.44 4.87 -14.61
CA GLN B 886 45.46 4.33 -13.74
C GLN B 886 45.06 2.97 -13.21
N TYR B 887 43.75 2.74 -13.15
CA TYR B 887 43.24 1.42 -12.86
C TYR B 887 43.71 0.78 -11.53
N ASN B 888 44.15 1.60 -10.58
CA ASN B 888 44.61 1.05 -9.31
C ASN B 888 43.47 0.83 -8.28
N PHE B 889 42.64 -0.18 -8.52
CA PHE B 889 41.48 -0.43 -7.69
C PHE B 889 41.72 -0.74 -6.24
N ASP B 890 42.91 -1.29 -5.94
CA ASP B 890 43.35 -1.64 -4.58
C ASP B 890 44.26 -0.54 -4.02
N ARG B 891 44.05 0.69 -4.47
CA ARG B 891 44.94 1.81 -4.19
C ARG B 891 45.03 2.18 -2.72
N ASP B 892 43.87 2.23 -2.06
CA ASP B 892 43.77 2.68 -0.68
C ASP B 892 44.54 1.81 0.29
N ASN B 893 44.55 0.49 0.05
CA ASN B 893 45.34 -0.40 0.90
C ASN B 893 46.85 -0.21 0.70
N THR B 894 47.29 -0.27 -0.56
CA THR B 894 48.66 0.04 -0.94
C THR B 894 49.13 1.37 -0.38
N GLU B 895 48.33 2.42 -0.54
CA GLU B 895 48.80 3.77 -0.19
C GLU B 895 48.85 4.04 1.32
N VAL B 896 47.85 3.51 2.02
CA VAL B 896 47.83 3.67 3.48
C VAL B 896 49.03 2.90 4.11
N ALA B 897 49.28 1.66 3.67
CA ALA B 897 50.46 0.92 4.12
C ALA B 897 51.76 1.68 3.82
N TYR B 898 51.87 2.32 2.67
CA TYR B 898 53.06 3.11 2.47
C TYR B 898 53.10 4.33 3.39
N LEU B 899 51.96 4.98 3.59
CA LEU B 899 51.85 6.11 4.50
C LEU B 899 52.53 5.82 5.85
N LYS B 900 52.18 4.70 6.51
CA LYS B 900 52.68 4.46 7.88
C LYS B 900 54.21 4.49 7.97
N THR B 901 54.89 4.10 6.88
CA THR B 901 56.35 4.11 6.76
C THR B 901 56.96 5.50 6.97
N LEU B 902 56.19 6.55 6.68
CA LEU B 902 56.69 7.93 6.61
C LEU B 902 56.99 8.65 7.95
N THR B 903 58.17 9.25 8.04
CA THR B 903 58.65 9.90 9.27
C THR B 903 58.59 11.42 9.14
N LYS B 904 58.47 12.09 10.30
CA LYS B 904 58.56 13.54 10.37
C LYS B 904 59.78 13.99 9.53
N GLU B 905 60.88 13.25 9.69
CA GLU B 905 62.13 13.51 9.01
C GLU B 905 61.98 13.53 7.46
N ASP B 906 61.15 12.62 6.92
CA ASP B 906 60.80 12.62 5.49
C ASP B 906 60.01 13.83 5.04
N ILE B 907 58.93 14.12 5.77
CA ILE B 907 58.05 15.25 5.43
C ILE B 907 58.83 16.52 5.32
N ILE B 908 59.72 16.74 6.28
CA ILE B 908 60.57 17.90 6.22
C ILE B 908 61.39 17.89 4.92
N LYS B 909 62.10 16.79 4.64
CA LYS B 909 62.95 16.73 3.43
C LYS B 909 62.14 17.12 2.20
N PHE B 910 60.94 16.55 2.11
CA PHE B 910 59.96 16.86 1.08
C PHE B 910 59.54 18.34 1.01
N TYR B 911 59.21 18.93 2.15
CA TYR B 911 58.88 20.35 2.20
C TYR B 911 60.06 21.24 1.78
N LYS B 912 61.26 20.89 2.24
CA LYS B 912 62.47 21.67 1.94
C LYS B 912 62.88 21.57 0.49
N GLU B 913 62.66 20.41 -0.11
CA GLU B 913 62.90 20.16 -1.53
C GLU B 913 61.87 20.84 -2.51
N MET B 914 60.58 20.80 -2.18
CA MET B 914 59.53 21.18 -3.13
C MET B 914 58.77 22.46 -2.85
N LEU B 915 58.57 22.78 -1.58
CA LEU B 915 57.61 23.82 -1.19
C LEU B 915 58.20 25.12 -0.65
N ALA B 916 59.20 25.03 0.23
CA ALA B 916 59.81 26.19 0.89
C ALA B 916 60.20 27.29 -0.10
N VAL B 917 60.09 28.54 0.31
CA VAL B 917 60.42 29.67 -0.57
C VAL B 917 61.78 29.55 -1.29
N ASP B 918 62.67 28.72 -0.76
CA ASP B 918 64.04 28.60 -1.30
C ASP B 918 64.35 27.14 -1.69
N ALA B 919 63.29 26.40 -1.99
CA ALA B 919 63.42 25.01 -2.44
C ALA B 919 64.08 25.01 -3.80
N PRO B 920 64.95 24.02 -4.04
CA PRO B 920 65.53 23.88 -5.39
C PRO B 920 64.47 23.55 -6.45
N ARG B 921 63.42 22.83 -6.08
CA ARG B 921 62.45 22.37 -7.07
C ARG B 921 61.09 23.06 -6.92
N ARG B 922 61.06 24.28 -6.38
CA ARG B 922 59.81 24.92 -6.14
C ARG B 922 59.29 25.35 -7.51
N HIS B 923 58.07 24.92 -7.84
CA HIS B 923 57.45 25.39 -9.06
C HIS B 923 56.15 25.99 -8.66
N LYS B 924 56.01 27.29 -8.87
CA LYS B 924 54.81 27.93 -8.42
C LYS B 924 54.12 28.76 -9.47
N VAL B 925 52.79 28.66 -9.53
CA VAL B 925 51.95 29.55 -10.38
C VAL B 925 50.84 30.12 -9.53
N SER B 926 50.43 31.34 -9.83
CA SER B 926 49.41 32.02 -9.09
C SER B 926 48.47 32.73 -10.01
N VAL B 927 47.17 32.62 -9.72
CA VAL B 927 46.16 33.39 -10.43
C VAL B 927 45.62 34.51 -9.54
N HIS B 928 45.57 35.73 -10.06
CA HIS B 928 45.11 36.87 -9.26
C HIS B 928 43.82 37.44 -9.83
N VAL B 929 42.72 37.35 -9.08
CA VAL B 929 41.55 38.00 -9.58
C VAL B 929 41.15 39.21 -8.76
N LEU B 930 41.32 40.37 -9.38
CA LEU B 930 41.13 41.67 -8.76
C LEU B 930 39.66 42.00 -8.64
N ALA B 931 39.29 42.68 -7.56
CA ALA B 931 37.92 43.15 -7.37
C ALA B 931 37.45 44.08 -8.48
N ARG B 932 36.16 44.28 -8.56
CA ARG B 932 35.64 45.27 -9.47
C ARG B 932 36.45 46.60 -9.40
N GLU B 933 36.80 47.07 -8.19
CA GLU B 933 37.38 48.42 -7.93
C GLU B 933 38.91 48.66 -7.96
N MET B 934 39.73 47.61 -7.82
CA MET B 934 41.20 47.74 -7.63
C MET B 934 42.09 48.32 -8.78
N ASN B 950 52.77 42.16 15.93
CA ASN B 950 51.35 42.02 15.58
C ASN B 950 50.97 40.65 14.96
N LEU B 951 51.56 40.37 13.77
CA LEU B 951 51.35 39.11 12.97
C LEU B 951 52.69 38.58 12.46
N SER B 952 52.77 37.27 12.29
CA SER B 952 54.01 36.64 11.82
C SER B 952 54.56 37.32 10.56
N GLN B 953 55.88 37.27 10.38
CA GLN B 953 56.55 38.01 9.33
C GLN B 953 56.65 37.21 8.02
N ALA B 954 56.24 37.88 6.94
CA ALA B 954 56.34 37.32 5.59
C ALA B 954 57.79 37.34 5.05
N PRO B 955 58.15 36.33 4.20
CA PRO B 955 59.49 36.22 3.58
C PRO B 955 59.63 37.13 2.35
N ALA B 956 60.86 37.31 1.86
CA ALA B 956 61.03 38.05 0.62
C ALA B 956 60.89 37.12 -0.60
N LEU B 957 60.07 37.56 -1.55
CA LEU B 957 59.76 36.76 -2.74
C LEU B 957 60.42 37.31 -4.00
N PRO B 958 60.76 36.40 -4.95
CA PRO B 958 61.22 36.79 -6.28
C PRO B 958 60.25 37.73 -7.06
N GLN B 959 60.78 38.46 -8.03
CA GLN B 959 59.96 39.17 -9.01
C GLN B 959 59.37 38.05 -9.85
N PRO B 960 58.05 38.06 -10.10
CA PRO B 960 57.56 36.91 -10.85
C PRO B 960 57.47 37.21 -12.33
N GLU B 961 57.50 36.16 -13.15
CA GLU B 961 57.24 36.31 -14.57
C GLU B 961 55.72 36.40 -14.74
N VAL B 962 55.28 37.52 -15.33
CA VAL B 962 53.89 37.85 -15.54
C VAL B 962 53.38 37.25 -16.87
N ILE B 963 52.59 36.16 -16.82
CA ILE B 963 51.88 35.63 -17.98
C ILE B 963 51.06 36.72 -18.68
N GLN B 964 51.37 36.93 -19.94
CA GLN B 964 50.71 37.95 -20.72
C GLN B 964 49.71 37.31 -21.66
N ASN B 965 49.95 36.06 -22.04
CA ASN B 965 49.13 35.37 -23.02
C ASN B 965 49.10 33.88 -22.69
N MET B 966 47.93 33.26 -22.68
CA MET B 966 47.87 31.88 -22.21
C MET B 966 48.55 30.85 -23.12
N THR B 967 48.54 31.17 -24.40
CA THR B 967 49.11 30.33 -25.41
C THR B 967 50.61 30.48 -25.43
N GLU B 968 51.07 31.72 -25.49
CA GLU B 968 52.51 31.97 -25.39
C GLU B 968 53.11 31.25 -24.19
N PHE B 969 52.34 31.18 -23.11
CA PHE B 969 52.83 30.59 -21.89
C PHE B 969 53.05 29.10 -22.07
N LYS B 970 51.97 28.40 -22.39
CA LYS B 970 51.99 26.97 -22.66
C LYS B 970 53.04 26.55 -23.70
N ARG B 971 53.10 27.26 -24.84
CA ARG B 971 54.08 26.99 -25.92
C ARG B 971 55.54 27.06 -25.43
N GLY B 972 55.86 27.99 -24.53
CA GLY B 972 57.26 28.14 -24.06
C GLY B 972 57.67 27.28 -22.88
N LEU B 973 56.86 26.25 -22.60
CA LEU B 973 57.12 25.33 -21.52
C LEU B 973 57.00 23.89 -21.98
N PRO B 974 57.72 22.97 -21.30
CA PRO B 974 57.60 21.52 -21.52
C PRO B 974 56.23 21.01 -21.12
N LEU B 975 55.81 19.85 -21.65
CA LEU B 975 54.66 19.14 -21.11
C LEU B 975 55.11 17.85 -20.46
N PHE B 976 54.36 17.40 -19.46
CA PHE B 976 54.70 16.21 -18.67
C PHE B 976 54.46 14.99 -19.51
N PRO B 977 54.96 13.82 -19.08
CA PRO B 977 54.47 12.54 -19.63
C PRO B 977 53.05 12.34 -19.18
N LEU B 978 52.33 11.37 -19.77
CA LEU B 978 51.11 10.80 -19.17
C LEU B 978 51.48 9.70 -18.17
N VAL B 979 50.57 9.38 -17.25
CA VAL B 979 50.88 8.32 -16.23
C VAL B 979 51.01 6.91 -16.90
N LYS B 980 51.26 5.85 -16.11
CA LYS B 980 51.20 4.46 -16.62
C LYS B 980 50.14 3.62 -15.84
N PRO B 981 49.34 2.80 -16.54
CA PRO B 981 48.33 1.90 -15.93
C PRO B 981 48.91 0.88 -14.91
N HIS B 982 48.17 0.43 -13.89
CA HIS B 982 48.68 -0.51 -12.83
C HIS B 982 48.79 -2.00 -13.24
#